data_2Z66
#
_entry.id   2Z66
#
_cell.length_a   49.787
_cell.length_b   67.971
_cell.length_c   122.779
_cell.angle_alpha   89.86
_cell.angle_beta   89.96
_cell.angle_gamma   90.01
#
_symmetry.space_group_name_H-M   'P 1'
#
loop_
_entity.id
_entity.type
_entity.pdbx_description
1 polymer 'Variable lymphocyte receptor B, Toll-like receptor 4'
2 branched beta-D-mannopyranose-(1-4)-2-acetamido-2-deoxy-beta-D-glucopyranose-(1-4)-2-acetamido-2-deoxy-beta-D-glucopyranose
3 branched 2-acetamido-2-deoxy-beta-D-glucopyranose-(1-4)-2-acetamido-2-deoxy-beta-D-glucopyranose
4 branched beta-D-mannopyranose-(1-4)-2-acetamido-2-deoxy-beta-D-glucopyranose-(1-4)-[beta-L-fucopyranose-(1-6)]2-acetamido-2-deoxy-beta-D-glucopyranose
5 non-polymer 'SULFATE ION'
6 water water
#
_entity_poly.entity_id   1
_entity_poly.type   'polypeptide(L)'
_entity_poly.pdbx_seq_one_letter_code
;CPSRCSCSGTEIRCNSKGLTSVPTGIPSSATRLELESNKLQSLPHGVFDKLTQLTKLSLSSNGLSFKGCCSQSDFGTTSL
KYLDLSFNGVITMSSNFLGLEQLEHLDFQHSNLKQMSEFSVFLSLRNLIYLDISHTHTRVAFNGIFNGLSSLEVLKMAGN
SFQENFLPDIFTELRNLTFLDLSQCQLEQLSPTAFNSLSSLQVLNMSHNNFFSLDTFPYKCLNSLQVLDYSLNHIMTSKK
QELQHFPSSLAFLNLTQNDFACTCEHQSFLQWIKDQRQLLVEVERMECATPSDKQGMPVLSLNITC
;
_entity_poly.pdbx_strand_id   A,B,C,D
#
loop_
_chem_comp.id
_chem_comp.type
_chem_comp.name
_chem_comp.formula
BMA D-saccharide, beta linking beta-D-mannopyranose 'C6 H12 O6'
FUL L-saccharide, beta linking beta-L-fucopyranose 'C6 H12 O5'
NAG D-saccharide, beta linking 2-acetamido-2-deoxy-beta-D-glucopyranose 'C8 H15 N O6'
SO4 non-polymer 'SULFATE ION' 'O4 S -2'
#
# COMPACT_ATOMS: atom_id res chain seq x y z
N CYS A 1 30.12 64.23 42.54
CA CYS A 1 30.26 63.09 41.59
C CYS A 1 30.90 61.89 42.28
N PRO A 2 30.26 60.71 42.18
CA PRO A 2 30.79 59.48 42.79
C PRO A 2 32.22 59.21 42.34
N SER A 3 32.98 58.56 43.21
CA SER A 3 34.38 58.25 42.95
C SER A 3 34.53 57.41 41.68
N ARG A 4 35.52 57.79 40.86
CA ARG A 4 35.88 57.05 39.65
C ARG A 4 34.86 57.19 38.52
N CYS A 5 33.99 58.19 38.65
CA CYS A 5 32.96 58.45 37.64
C CYS A 5 33.14 59.83 37.01
N SER A 6 32.52 60.01 35.84
CA SER A 6 32.41 61.31 35.20
C SER A 6 30.95 61.74 35.22
N CYS A 7 30.71 62.99 35.60
CA CYS A 7 29.35 63.52 35.75
C CYS A 7 29.12 64.72 34.86
N SER A 8 28.03 64.69 34.10
CA SER A 8 27.59 65.80 33.26
C SER A 8 26.08 65.91 33.36
N GLY A 9 25.60 66.99 33.98
CA GLY A 9 24.18 67.16 34.24
C GLY A 9 23.69 66.05 35.15
N THR A 10 22.71 65.29 34.69
CA THR A 10 22.20 64.16 35.48
C THR A 10 22.74 62.81 34.97
N GLU A 11 23.78 62.86 34.13
CA GLU A 11 24.39 61.66 33.57
C GLU A 11 25.65 61.30 34.33
N ILE A 12 25.79 60.02 34.66
CA ILE A 12 26.96 59.50 35.36
C ILE A 12 27.54 58.30 34.59
N ARG A 13 28.82 58.41 34.22
CA ARG A 13 29.52 57.30 33.56
C ARG A 13 30.72 56.85 34.38
N CYS A 14 30.77 55.56 34.70
CA CYS A 14 31.87 54.97 35.43
C CYS A 14 32.36 53.73 34.69
N ASN A 15 32.81 53.93 33.45
CA ASN A 15 33.16 52.83 32.54
C ASN A 15 34.64 52.49 32.50
N SER A 16 34.94 51.19 32.34
CA SER A 16 36.31 50.68 32.18
C SER A 16 37.24 51.14 33.31
N LYS A 17 36.76 51.00 34.54
CA LYS A 17 37.51 51.45 35.72
C LYS A 17 37.89 50.27 36.60
N GLY A 18 37.63 49.06 36.09
CA GLY A 18 37.90 47.82 36.82
C GLY A 18 37.15 47.70 38.15
N LEU A 19 35.99 48.34 38.24
CA LEU A 19 35.21 48.36 39.47
C LEU A 19 34.71 46.98 39.85
N THR A 20 34.80 46.68 41.14
CA THR A 20 34.26 45.43 41.69
C THR A 20 32.98 45.68 42.49
N SER A 21 32.71 46.94 42.82
CA SER A 21 31.46 47.31 43.48
C SER A 21 30.89 48.58 42.87
N VAL A 22 29.58 48.74 42.98
CA VAL A 22 28.88 49.95 42.54
C VAL A 22 29.37 51.12 43.40
N PRO A 23 29.78 52.22 42.75
CA PRO A 23 30.19 53.44 43.46
C PRO A 23 29.14 53.89 44.48
N THR A 24 29.60 54.34 45.64
CA THR A 24 28.71 54.82 46.69
C THR A 24 28.32 56.26 46.40
N GLY A 25 27.16 56.67 46.93
CA GLY A 25 26.72 58.06 46.84
C GLY A 25 26.19 58.52 45.50
N ILE A 26 25.68 57.58 44.70
CA ILE A 26 25.01 57.94 43.45
C ILE A 26 23.72 58.69 43.80
N PRO A 27 23.60 59.94 43.35
CA PRO A 27 22.47 60.80 43.72
C PRO A 27 21.14 60.35 43.11
N SER A 28 20.04 60.60 43.81
CA SER A 28 18.71 60.19 43.34
C SER A 28 18.27 60.97 42.11
N SER A 29 18.97 62.07 41.83
CA SER A 29 18.69 62.92 40.67
C SER A 29 19.21 62.35 39.35
N ALA A 30 20.08 61.34 39.43
CA ALA A 30 20.68 60.73 38.23
C ALA A 30 19.61 60.20 37.29
N THR A 31 19.75 60.51 36.01
CA THR A 31 18.80 60.04 35.01
C THR A 31 19.43 59.00 34.08
N ARG A 32 20.75 59.06 33.94
CA ARG A 32 21.51 58.10 33.14
C ARG A 32 22.72 57.59 33.93
N LEU A 33 22.91 56.28 33.91
CA LEU A 33 24.00 55.64 34.65
C LEU A 33 24.63 54.52 33.84
N GLU A 34 25.94 54.62 33.64
CA GLU A 34 26.68 53.60 32.93
C GLU A 34 27.81 53.07 33.81
N LEU A 35 27.83 51.75 33.99
CA LEU A 35 28.88 51.09 34.73
C LEU A 35 29.49 49.97 33.88
N GLU A 36 29.83 50.31 32.64
CA GLU A 36 30.23 49.32 31.62
C GLU A 36 31.68 48.88 31.72
N SER A 37 31.96 47.67 31.23
CA SER A 37 33.32 47.14 31.14
C SER A 37 34.06 47.21 32.49
N ASN A 38 33.39 46.74 33.53
CA ASN A 38 33.98 46.65 34.85
C ASN A 38 34.08 45.18 35.29
N LYS A 39 34.21 44.94 36.60
CA LYS A 39 34.32 43.59 37.12
C LYS A 39 33.31 43.35 38.23
N LEU A 40 32.10 43.88 38.02
CA LEU A 40 31.00 43.70 38.95
C LEU A 40 30.50 42.26 38.85
N GLN A 41 30.58 41.54 39.97
CA GLN A 41 30.19 40.13 39.99
C GLN A 41 28.87 39.95 40.72
N SER A 42 28.44 41.01 41.41
CA SER A 42 27.18 41.02 42.11
C SER A 42 26.73 42.45 42.40
N LEU A 43 25.43 42.61 42.60
CA LEU A 43 24.87 43.88 43.02
C LEU A 43 24.10 43.62 44.32
N PRO A 44 24.41 44.39 45.37
CA PRO A 44 23.68 44.20 46.63
C PRO A 44 22.19 44.46 46.45
N HIS A 45 21.35 43.68 47.13
CA HIS A 45 19.90 43.81 46.98
C HIS A 45 19.46 45.26 47.22
N GLY A 46 18.72 45.81 46.27
CA GLY A 46 18.21 47.17 46.36
C GLY A 46 19.23 48.28 46.29
N VAL A 47 20.33 48.02 45.57
CA VAL A 47 21.39 49.02 45.36
C VAL A 47 20.88 50.22 44.54
N PHE A 48 19.87 50.00 43.71
CA PHE A 48 19.34 51.04 42.84
C PHE A 48 18.01 51.64 43.32
N ASP A 49 17.58 51.25 44.52
CA ASP A 49 16.26 51.63 45.04
C ASP A 49 16.00 53.13 45.11
N LYS A 50 17.06 53.94 45.21
CA LYS A 50 16.92 55.38 45.34
C LYS A 50 16.98 56.10 44.01
N LEU A 51 17.32 55.36 42.95
CA LEU A 51 17.50 55.95 41.62
C LEU A 51 16.19 55.96 40.83
N THR A 52 15.23 56.74 41.31
CA THR A 52 13.86 56.73 40.78
C THR A 52 13.68 57.56 39.51
N GLN A 53 14.71 58.34 39.16
CA GLN A 53 14.67 59.22 37.98
C GLN A 53 15.39 58.64 36.78
N LEU A 54 15.87 57.41 36.93
CA LEU A 54 16.69 56.76 35.92
C LEU A 54 15.89 56.46 34.65
N THR A 55 16.40 56.92 33.51
CA THR A 55 15.78 56.62 32.21
C THR A 55 16.71 55.74 31.38
N LYS A 56 17.99 55.72 31.76
CA LYS A 56 19.01 54.97 31.04
C LYS A 56 19.94 54.26 32.02
N LEU A 57 20.11 52.96 31.81
CA LEU A 57 21.02 52.16 32.62
C LEU A 57 21.78 51.15 31.76
N SER A 58 23.11 51.19 31.84
CA SER A 58 23.94 50.20 31.17
C SER A 58 24.89 49.52 32.13
N LEU A 59 24.79 48.20 32.20
CA LEU A 59 25.69 47.38 33.01
C LEU A 59 26.46 46.41 32.11
N SER A 60 26.61 46.80 30.86
CA SER A 60 27.27 46.00 29.82
C SER A 60 28.70 45.60 30.20
N SER A 61 29.07 44.32 29.97
CA SER A 61 30.42 43.81 30.19
C SER A 61 30.92 43.77 31.65
N ASN A 62 30.25 42.93 32.49
CA ASN A 62 30.56 42.66 33.88
C ASN A 62 30.37 41.14 34.08
N GLY A 63 30.35 40.66 35.32
CA GLY A 63 30.15 39.23 35.51
C GLY A 63 28.85 38.98 36.29
N LEU A 64 27.84 39.79 35.97
CA LEU A 64 26.57 39.76 36.65
C LEU A 64 25.57 38.70 36.20
N SER A 65 24.94 38.07 37.17
CA SER A 65 23.84 37.16 36.93
C SER A 65 22.60 37.67 37.65
N PHE A 66 21.45 37.55 37.00
CA PHE A 66 20.19 38.03 37.54
C PHE A 66 19.24 36.84 37.71
N LYS A 67 18.98 36.47 38.95
CA LYS A 67 18.11 35.33 39.28
C LYS A 67 16.65 35.67 38.99
N GLY A 68 16.35 36.95 38.93
CA GLY A 68 15.00 37.43 38.64
C GLY A 68 15.03 38.80 37.96
N CYS A 69 15.08 38.78 36.64
CA CYS A 69 14.96 39.98 35.82
C CYS A 69 13.56 39.94 35.21
N CYS A 70 12.93 41.07 34.89
CA CYS A 70 13.39 42.44 35.11
C CYS A 70 12.16 43.22 35.55
N SER A 71 12.32 44.10 36.53
CA SER A 71 11.19 44.73 37.18
C SER A 71 11.66 46.03 37.80
N GLN A 72 10.72 46.92 38.11
CA GLN A 72 11.06 48.18 38.79
C GLN A 72 11.72 47.95 40.16
N SER A 73 11.45 46.79 40.76
CA SER A 73 12.06 46.44 42.04
C SER A 73 13.55 46.12 41.90
N ASP A 74 13.97 45.75 40.68
CA ASP A 74 15.37 45.46 40.39
C ASP A 74 16.20 46.71 40.18
N PHE A 75 15.58 47.77 39.66
CA PHE A 75 16.32 48.97 39.25
C PHE A 75 15.78 50.28 39.83
N GLY A 76 14.79 50.19 40.72
CA GLY A 76 14.27 51.37 41.43
C GLY A 76 13.30 52.22 40.65
N THR A 77 13.64 52.51 39.40
CA THR A 77 12.88 53.42 38.55
C THR A 77 11.70 52.74 37.85
N THR A 78 10.66 53.51 37.54
CA THR A 78 9.58 53.03 36.67
C THR A 78 9.58 53.76 35.33
N SER A 79 10.61 54.59 35.11
CA SER A 79 10.72 55.38 33.89
C SER A 79 11.91 55.02 32.99
N LEU A 80 12.42 53.79 33.16
CA LEU A 80 13.50 53.30 32.28
C LEU A 80 13.06 53.25 30.82
N LYS A 81 13.87 53.83 29.95
CA LYS A 81 13.67 53.78 28.50
C LYS A 81 14.76 52.97 27.78
N TYR A 82 15.88 52.74 28.48
CA TYR A 82 17.05 52.13 27.87
C TYR A 82 17.73 51.23 28.90
N LEU A 83 17.80 49.94 28.59
CA LEU A 83 18.45 48.98 29.46
C LEU A 83 19.41 48.11 28.65
N ASP A 84 20.66 48.07 29.11
CA ASP A 84 21.70 47.25 28.48
C ASP A 84 22.32 46.33 29.54
N LEU A 85 22.04 45.04 29.40
CA LEU A 85 22.58 44.00 30.28
C LEU A 85 23.44 43.00 29.50
N SER A 86 23.97 43.45 28.37
CA SER A 86 24.75 42.62 27.47
C SER A 86 26.10 42.23 28.07
N PHE A 87 26.70 41.17 27.53
CA PHE A 87 28.02 40.69 27.94
C PHE A 87 28.10 40.48 29.46
N ASN A 88 27.11 39.77 29.98
CA ASN A 88 27.09 39.41 31.39
C ASN A 88 26.90 37.91 31.54
N GLY A 89 26.41 37.47 32.70
CA GLY A 89 26.25 36.04 32.98
C GLY A 89 24.87 35.52 32.63
N VAL A 90 24.26 34.80 33.56
CA VAL A 90 22.95 34.19 33.34
C VAL A 90 21.85 35.18 33.75
N ILE A 91 20.89 35.38 32.86
CA ILE A 91 19.75 36.24 33.15
C ILE A 91 18.48 35.41 33.08
N THR A 92 17.88 35.17 34.25
CA THR A 92 16.65 34.41 34.32
C THR A 92 15.45 35.36 34.38
N MET A 93 14.50 35.14 33.49
CA MET A 93 13.29 35.93 33.47
C MET A 93 12.27 35.35 34.44
N SER A 94 11.97 36.10 35.50
CA SER A 94 10.89 35.71 36.42
C SER A 94 9.74 36.71 36.38
N SER A 95 10.05 37.95 35.97
CA SER A 95 9.07 39.02 35.89
C SER A 95 9.08 39.63 34.49
N ASN A 96 7.88 39.80 33.91
CA ASN A 96 7.74 40.30 32.54
C ASN A 96 7.77 41.83 32.46
N PHE A 97 8.89 42.41 32.87
CA PHE A 97 9.15 43.85 32.82
C PHE A 97 8.10 44.68 33.56
N LEU A 98 7.67 44.17 34.72
CA LEU A 98 6.70 44.87 35.55
C LEU A 98 7.25 46.21 36.00
N GLY A 99 6.59 47.28 35.57
CA GLY A 99 7.00 48.64 35.91
C GLY A 99 8.05 49.21 34.97
N LEU A 100 8.35 48.46 33.90
CA LEU A 100 9.36 48.87 32.93
C LEU A 100 8.75 49.01 31.53
N GLU A 101 7.46 49.36 31.47
CA GLU A 101 6.71 49.40 30.23
C GLU A 101 7.11 50.55 29.29
N GLN A 102 7.94 51.47 29.79
CA GLN A 102 8.41 52.60 28.97
C GLN A 102 9.67 52.25 28.16
N LEU A 103 10.17 51.03 28.29
CA LEU A 103 11.39 50.60 27.62
C LEU A 103 11.31 50.80 26.11
N GLU A 104 12.36 51.41 25.54
CA GLU A 104 12.45 51.67 24.12
C GLU A 104 13.65 50.94 23.49
N HIS A 105 14.66 50.67 24.31
CA HIS A 105 15.89 50.04 23.88
C HIS A 105 16.28 48.97 24.90
N LEU A 106 16.45 47.74 24.44
CA LEU A 106 16.76 46.62 25.31
C LEU A 106 17.86 45.74 24.72
N ASP A 107 18.95 45.54 25.46
CA ASP A 107 20.12 44.83 24.93
C ASP A 107 20.58 43.75 25.90
N PHE A 108 20.49 42.50 25.44
CA PHE A 108 20.85 41.32 26.23
C PHE A 108 21.99 40.51 25.60
N GLN A 109 22.59 41.07 24.54
CA GLN A 109 23.55 40.35 23.72
C GLN A 109 24.69 39.70 24.53
N HIS A 110 24.99 38.44 24.23
CA HIS A 110 26.10 37.71 24.89
C HIS A 110 25.90 37.51 26.40
N SER A 111 24.65 37.43 26.82
CA SER A 111 24.29 37.01 28.16
C SER A 111 23.36 35.81 28.02
N ASN A 112 23.51 34.83 28.90
CA ASN A 112 22.71 33.62 28.84
C ASN A 112 21.29 33.82 29.39
N LEU A 113 20.35 34.06 28.49
CA LEU A 113 18.94 34.26 28.86
C LEU A 113 18.21 32.95 29.11
N LYS A 114 17.47 32.92 30.20
CA LYS A 114 16.69 31.74 30.58
C LYS A 114 15.25 32.12 30.86
N GLN A 115 14.32 31.24 30.50
CA GLN A 115 12.88 31.45 30.76
C GLN A 115 12.29 32.58 29.92
N MET A 116 12.86 32.78 28.73
CA MET A 116 12.39 33.81 27.81
C MET A 116 11.69 33.20 26.59
N SER A 117 12.30 32.18 25.99
CA SER A 117 11.88 31.66 24.68
C SER A 117 10.57 30.87 24.70
N GLU A 118 10.19 30.38 25.89
CA GLU A 118 9.01 29.52 26.03
C GLU A 118 7.75 30.34 26.29
N PHE A 119 7.94 31.65 26.48
CA PHE A 119 6.87 32.54 26.90
C PHE A 119 6.86 33.78 26.02
N SER A 120 5.95 34.70 26.32
CA SER A 120 5.90 36.00 25.68
C SER A 120 6.25 37.06 26.72
N VAL A 121 7.54 37.19 27.04
CA VAL A 121 7.96 38.06 28.15
C VAL A 121 7.91 39.54 27.79
N PHE A 122 7.87 39.83 26.49
CA PHE A 122 7.91 41.19 25.98
C PHE A 122 6.51 41.76 25.74
N LEU A 123 5.50 41.05 26.24
CA LEU A 123 4.11 41.35 25.92
C LEU A 123 3.69 42.78 26.25
N SER A 124 4.22 43.34 27.35
CA SER A 124 3.88 44.69 27.80
C SER A 124 4.69 45.82 27.13
N LEU A 125 5.71 45.46 26.37
CA LEU A 125 6.63 46.47 25.84
C LEU A 125 6.20 47.06 24.50
N ARG A 126 5.06 47.74 24.52
CA ARG A 126 4.47 48.35 23.32
C ARG A 126 5.30 49.51 22.76
N ASN A 127 6.24 50.03 23.56
CA ASN A 127 7.09 51.14 23.15
C ASN A 127 8.48 50.71 22.66
N LEU A 128 8.79 49.42 22.75
CA LEU A 128 10.14 48.95 22.43
C LEU A 128 10.42 49.10 20.93
N ILE A 129 11.57 49.69 20.63
CA ILE A 129 11.98 49.95 19.25
C ILE A 129 13.20 49.10 18.86
N TYR A 130 14.04 48.79 19.85
CA TYR A 130 15.30 48.08 19.63
C TYR A 130 15.42 46.90 20.59
N LEU A 131 15.62 45.71 20.04
CA LEU A 131 15.85 44.53 20.86
C LEU A 131 17.02 43.70 20.34
N ASP A 132 18.00 43.45 21.21
CA ASP A 132 19.12 42.58 20.85
C ASP A 132 19.18 41.39 21.81
N ILE A 133 18.85 40.21 21.28
CA ILE A 133 19.02 38.96 22.01
C ILE A 133 20.02 38.03 21.30
N SER A 134 20.98 38.63 20.61
CA SER A 134 22.02 37.86 19.92
C SER A 134 22.88 37.09 20.91
N HIS A 135 23.24 35.87 20.54
CA HIS A 135 24.14 35.03 21.34
C HIS A 135 23.69 34.92 22.79
N THR A 136 22.43 34.57 22.98
CA THR A 136 21.85 34.43 24.32
C THR A 136 21.52 32.98 24.68
N HIS A 137 22.03 32.05 23.88
CA HIS A 137 21.71 30.62 24.03
C HIS A 137 20.21 30.38 23.97
N THR A 138 19.55 31.11 23.08
CA THR A 138 18.11 31.00 22.90
C THR A 138 17.78 29.92 21.88
N ARG A 139 16.90 29.00 22.27
CA ARG A 139 16.33 28.02 21.35
C ARG A 139 14.91 28.45 21.04
N VAL A 140 14.71 28.95 19.81
CA VAL A 140 13.38 29.39 19.41
C VAL A 140 12.51 28.20 19.01
N ALA A 141 11.32 28.12 19.59
CA ALA A 141 10.34 27.11 19.23
C ALA A 141 8.92 27.67 19.33
N PHE A 142 8.52 28.04 20.55
CA PHE A 142 7.24 28.74 20.77
C PHE A 142 7.12 29.96 19.85
N ASN A 143 6.05 30.00 19.06
CA ASN A 143 5.88 31.02 18.02
C ASN A 143 5.59 32.43 18.55
N GLY A 144 5.12 32.53 19.80
CA GLY A 144 4.74 33.83 20.37
C GLY A 144 5.83 34.54 21.15
N ILE A 145 7.08 34.12 20.97
CA ILE A 145 8.23 34.70 21.66
C ILE A 145 8.25 36.25 21.64
N PHE A 146 7.92 36.84 20.49
CA PHE A 146 7.96 38.30 20.32
C PHE A 146 6.58 38.98 20.39
N ASN A 147 5.57 38.27 20.88
CA ASN A 147 4.23 38.88 21.02
C ASN A 147 4.29 40.17 21.84
N GLY A 148 3.57 41.20 21.40
CA GLY A 148 3.53 42.47 22.10
C GLY A 148 4.44 43.55 21.52
N LEU A 149 5.38 43.16 20.67
CA LEU A 149 6.39 44.10 20.16
C LEU A 149 5.97 44.84 18.88
N SER A 150 4.78 45.43 18.91
CA SER A 150 4.18 46.12 17.78
C SER A 150 5.03 47.26 17.20
N SER A 151 5.78 47.95 18.05
CA SER A 151 6.56 49.12 17.63
C SER A 151 8.00 48.80 17.22
N LEU A 152 8.40 47.54 17.39
CA LEU A 152 9.80 47.15 17.17
C LEU A 152 10.31 47.49 15.77
N GLU A 153 11.48 48.10 15.71
CA GLU A 153 12.10 48.47 14.44
C GLU A 153 13.40 47.71 14.16
N VAL A 154 14.14 47.40 15.22
CA VAL A 154 15.40 46.67 15.10
C VAL A 154 15.37 45.42 15.97
N LEU A 155 15.55 44.27 15.32
CA LEU A 155 15.60 42.99 16.02
C LEU A 155 16.87 42.24 15.65
N LYS A 156 17.75 42.08 16.64
CA LYS A 156 18.98 41.35 16.46
C LYS A 156 18.90 40.06 17.29
N MET A 157 19.01 38.92 16.61
CA MET A 157 18.90 37.63 17.28
C MET A 157 19.88 36.61 16.74
N ALA A 158 21.04 37.10 16.30
CA ALA A 158 22.12 36.29 15.74
C ALA A 158 22.70 35.31 16.77
N GLY A 159 23.27 34.21 16.28
CA GLY A 159 24.00 33.28 17.13
C GLY A 159 23.15 32.37 18.00
N ASN A 160 21.87 32.25 17.67
CA ASN A 160 20.97 31.37 18.41
C ASN A 160 20.62 30.12 17.58
N SER A 161 19.46 29.51 17.83
CA SER A 161 19.02 28.38 17.03
C SER A 161 17.52 28.16 17.13
N PHE A 162 16.99 27.36 16.21
CA PHE A 162 15.56 27.11 16.05
C PHE A 162 15.26 25.61 16.11
N GLN A 163 14.15 25.25 16.74
CA GLN A 163 13.69 23.87 16.71
C GLN A 163 13.50 23.41 15.28
N GLU A 164 14.09 22.26 14.94
CA GLU A 164 14.05 21.67 13.60
C GLU A 164 14.79 22.50 12.54
N ASN A 165 15.62 23.44 13.00
CA ASN A 165 16.32 24.38 12.10
C ASN A 165 15.36 25.12 11.18
N PHE A 166 14.17 25.40 11.70
CA PHE A 166 13.06 25.92 10.90
C PHE A 166 12.63 27.29 11.43
N LEU A 167 12.59 28.28 10.52
CA LEU A 167 12.11 29.61 10.88
C LEU A 167 10.59 29.68 10.72
N PRO A 168 9.85 29.75 11.85
CA PRO A 168 8.40 29.83 11.77
C PRO A 168 7.93 31.28 11.63
N ASP A 169 6.62 31.47 11.51
CA ASP A 169 6.05 32.82 11.41
C ASP A 169 6.03 33.48 12.80
N ILE A 170 7.19 33.99 13.21
CA ILE A 170 7.35 34.61 14.53
C ILE A 170 7.38 36.15 14.45
N PHE A 171 7.30 36.69 13.23
CA PHE A 171 7.45 38.14 13.00
C PHE A 171 6.15 38.83 12.60
N THR A 172 5.05 38.10 12.63
CA THR A 172 3.77 38.59 12.08
C THR A 172 3.25 39.88 12.75
N GLU A 173 3.57 40.10 14.02
CA GLU A 173 3.14 41.31 14.73
C GLU A 173 4.09 42.49 14.52
N LEU A 174 5.27 42.22 13.95
CA LEU A 174 6.35 43.22 13.89
C LEU A 174 6.35 44.01 12.57
N ARG A 175 5.20 44.63 12.25
CA ARG A 175 5.05 45.32 10.98
C ARG A 175 5.97 46.51 10.76
N ASN A 176 6.51 47.09 11.84
CA ASN A 176 7.42 48.24 11.71
C ASN A 176 8.92 47.89 11.63
N LEU A 177 9.24 46.59 11.62
CA LEU A 177 10.63 46.16 11.55
C LEU A 177 11.36 46.73 10.34
N THR A 178 12.54 47.31 10.58
CA THR A 178 13.40 47.80 9.49
C THR A 178 14.72 47.04 9.39
N PHE A 179 15.10 46.36 10.47
CA PHE A 179 16.37 45.65 10.55
C PHE A 179 16.16 44.30 11.26
N LEU A 180 16.56 43.21 10.61
CA LEU A 180 16.43 41.88 11.20
C LEU A 180 17.69 41.04 11.00
N ASP A 181 18.32 40.67 12.11
CA ASP A 181 19.55 39.88 12.08
C ASP A 181 19.28 38.46 12.55
N LEU A 182 19.36 37.52 11.60
CA LEU A 182 19.15 36.11 11.86
C LEU A 182 20.39 35.30 11.50
N SER A 183 21.54 35.97 11.46
CA SER A 183 22.79 35.31 11.10
C SER A 183 23.24 34.31 12.17
N GLN A 184 23.97 33.29 11.73
CA GLN A 184 24.53 32.28 12.64
C GLN A 184 23.49 31.56 13.50
N CYS A 185 22.33 31.25 12.92
CA CYS A 185 21.25 30.61 13.67
C CYS A 185 21.00 29.14 13.27
N GLN A 186 21.93 28.57 12.51
CA GLN A 186 21.88 27.16 12.07
C GLN A 186 20.62 26.81 11.25
N LEU A 187 19.98 27.84 10.68
CA LEU A 187 18.74 27.64 9.94
C LEU A 187 18.96 26.85 8.65
N GLU A 188 17.98 26.01 8.32
CA GLU A 188 18.03 25.20 7.10
C GLU A 188 16.77 25.38 6.27
N GLN A 189 15.66 25.71 6.94
CA GLN A 189 14.36 25.85 6.28
C GLN A 189 13.60 27.02 6.84
N LEU A 190 12.75 27.61 6.01
CA LEU A 190 11.90 28.70 6.48
C LEU A 190 10.46 28.54 6.02
N SER A 191 9.54 28.99 6.86
CA SER A 191 8.14 29.10 6.46
C SER A 191 8.06 30.05 5.27
N PRO A 192 7.31 29.66 4.21
CA PRO A 192 7.21 30.51 3.02
C PRO A 192 6.60 31.88 3.32
N THR A 193 5.90 32.00 4.45
CA THR A 193 5.24 33.24 4.84
C THR A 193 5.95 33.99 5.99
N ALA A 194 7.14 33.53 6.36
CA ALA A 194 7.87 34.10 7.50
C ALA A 194 8.03 35.62 7.46
N PHE A 195 8.28 36.18 6.28
CA PHE A 195 8.57 37.61 6.14
C PHE A 195 7.43 38.42 5.50
N ASN A 196 6.28 37.79 5.26
CA ASN A 196 5.19 38.41 4.48
C ASN A 196 4.63 39.73 5.00
N SER A 197 4.67 39.94 6.31
CA SER A 197 4.13 41.16 6.91
C SER A 197 5.15 42.30 7.07
N LEU A 198 6.40 42.05 6.68
CA LEU A 198 7.49 42.97 6.96
C LEU A 198 7.73 43.97 5.83
N SER A 199 6.71 44.78 5.54
CA SER A 199 6.72 45.73 4.42
C SER A 199 7.72 46.89 4.55
N SER A 200 8.22 47.13 5.75
CA SER A 200 9.19 48.20 6.00
C SER A 200 10.63 47.70 6.17
N LEU A 201 10.83 46.39 6.09
CA LEU A 201 12.15 45.80 6.33
C LEU A 201 13.14 46.27 5.26
N GLN A 202 14.29 46.76 5.72
CA GLN A 202 15.33 47.28 4.84
C GLN A 202 16.55 46.38 4.78
N VAL A 203 16.89 45.75 5.92
CA VAL A 203 18.06 44.87 6.02
C VAL A 203 17.67 43.52 6.59
N LEU A 204 17.99 42.45 5.87
CA LEU A 204 17.73 41.10 6.36
C LEU A 204 19.04 40.32 6.33
N ASN A 205 19.51 39.91 7.49
CA ASN A 205 20.76 39.20 7.59
C ASN A 205 20.54 37.71 7.85
N MET A 206 20.84 36.91 6.83
CA MET A 206 20.71 35.45 6.91
C MET A 206 22.10 34.77 6.84
N SER A 207 23.15 35.56 7.06
CA SER A 207 24.53 35.08 6.91
C SER A 207 24.87 33.92 7.82
N HIS A 208 25.67 32.99 7.32
CA HIS A 208 26.24 31.92 8.15
C HIS A 208 25.16 31.05 8.83
N ASN A 209 24.07 30.82 8.12
CA ASN A 209 23.14 29.76 8.51
C ASN A 209 23.55 28.51 7.73
N ASN A 210 22.64 27.56 7.57
CA ASN A 210 22.98 26.32 6.87
C ASN A 210 22.04 26.02 5.71
N PHE A 211 21.64 27.07 4.98
CA PHE A 211 20.76 26.93 3.82
C PHE A 211 21.48 26.33 2.63
N PHE A 212 20.86 25.34 2.02
CA PHE A 212 21.39 24.70 0.80
C PHE A 212 20.71 25.23 -0.46
N SER A 213 19.67 26.03 -0.27
CA SER A 213 18.94 26.60 -1.39
C SER A 213 18.63 28.08 -1.19
N LEU A 214 18.36 28.76 -2.30
CA LEU A 214 17.94 30.15 -2.30
C LEU A 214 16.76 30.29 -3.24
N ASP A 215 15.74 31.02 -2.80
CA ASP A 215 14.57 31.28 -3.63
C ASP A 215 14.18 32.75 -3.56
N THR A 216 13.37 33.19 -4.51
CA THR A 216 12.90 34.57 -4.53
C THR A 216 11.52 34.70 -3.87
N PHE A 217 10.75 33.62 -3.87
CA PHE A 217 9.36 33.67 -3.37
C PHE A 217 9.15 34.15 -1.91
N PRO A 218 10.06 33.80 -0.97
CA PRO A 218 9.81 34.30 0.40
C PRO A 218 10.02 35.81 0.59
N TYR A 219 10.62 36.47 -0.40
CA TYR A 219 10.97 37.90 -0.30
C TYR A 219 10.10 38.78 -1.19
N LYS A 220 9.11 38.19 -1.82
CA LYS A 220 8.23 38.88 -2.77
C LYS A 220 7.52 40.11 -2.19
N CYS A 221 7.15 40.05 -0.90
CA CYS A 221 6.43 41.15 -0.24
C CYS A 221 7.34 42.21 0.37
N LEU A 222 8.66 41.98 0.32
CA LEU A 222 9.62 42.86 0.97
C LEU A 222 10.00 44.05 0.09
N ASN A 223 9.03 44.93 -0.16
CA ASN A 223 9.23 46.02 -1.10
C ASN A 223 9.98 47.24 -0.57
N SER A 224 10.48 47.15 0.66
CA SER A 224 11.41 48.12 1.20
C SER A 224 12.84 47.55 1.35
N LEU A 225 13.02 46.27 1.04
CA LEU A 225 14.29 45.58 1.28
C LEU A 225 15.42 46.12 0.41
N GLN A 226 16.51 46.51 1.06
CA GLN A 226 17.68 47.06 0.38
C GLN A 226 18.90 46.14 0.40
N VAL A 227 19.07 45.41 1.50
CA VAL A 227 20.24 44.54 1.70
C VAL A 227 19.77 43.14 2.13
N LEU A 228 20.22 42.14 1.39
CA LEU A 228 19.95 40.74 1.74
C LEU A 228 21.29 40.02 1.84
N ASP A 229 21.63 39.57 3.05
CA ASP A 229 22.91 38.93 3.30
C ASP A 229 22.74 37.41 3.43
N TYR A 230 23.15 36.69 2.39
CA TYR A 230 23.14 35.23 2.38
C TYR A 230 24.55 34.62 2.30
N SER A 231 25.56 35.41 2.66
CA SER A 231 26.94 34.93 2.72
C SER A 231 27.07 33.74 3.67
N LEU A 232 28.09 32.92 3.45
CA LEU A 232 28.49 31.87 4.40
C LEU A 232 27.43 30.77 4.66
N ASN A 233 26.55 30.56 3.68
CA ASN A 233 25.64 29.41 3.71
C ASN A 233 26.19 28.31 2.80
N HIS A 234 25.33 27.35 2.43
CA HIS A 234 25.74 26.24 1.54
C HIS A 234 24.88 26.24 0.28
N ILE A 235 24.59 27.43 -0.23
CA ILE A 235 23.63 27.58 -1.33
C ILE A 235 24.17 26.98 -2.63
N MET A 236 23.37 26.09 -3.22
CA MET A 236 23.76 25.45 -4.49
C MET A 236 22.60 25.19 -5.46
N THR A 237 21.39 25.55 -5.05
CA THR A 237 20.19 25.33 -5.87
C THR A 237 19.04 26.21 -5.37
N SER A 238 17.87 26.05 -5.99
CA SER A 238 16.64 26.67 -5.53
C SER A 238 15.54 25.64 -5.44
N LYS A 239 14.58 25.87 -4.56
CA LYS A 239 13.38 25.02 -4.50
C LYS A 239 12.65 25.05 -5.85
N LYS A 240 12.31 26.25 -6.30
CA LYS A 240 11.57 26.42 -7.55
C LYS A 240 12.52 26.38 -8.74
N GLN A 241 12.10 25.68 -9.78
CA GLN A 241 12.89 25.56 -11.00
C GLN A 241 13.01 26.91 -11.70
N GLU A 242 11.93 27.68 -11.66
CA GLU A 242 11.89 29.00 -12.29
C GLU A 242 11.96 30.09 -11.23
N LEU A 243 13.14 30.65 -11.08
CA LEU A 243 13.35 31.75 -10.14
C LEU A 243 12.92 33.05 -10.79
N GLN A 244 12.31 33.93 -9.99
CA GLN A 244 11.91 35.23 -10.49
C GLN A 244 12.98 36.26 -10.12
N HIS A 245 12.56 37.48 -9.82
CA HIS A 245 13.48 38.52 -9.39
C HIS A 245 13.24 38.83 -7.94
N PHE A 246 14.27 39.33 -7.26
CA PHE A 246 14.09 39.89 -5.92
C PHE A 246 13.29 41.19 -6.04
N PRO A 247 12.76 41.71 -4.91
CA PRO A 247 12.05 42.98 -4.97
C PRO A 247 12.90 44.06 -5.63
N SER A 248 12.23 44.95 -6.36
CA SER A 248 12.91 46.03 -7.07
C SER A 248 13.66 47.00 -6.16
N SER A 249 13.32 47.02 -4.88
CA SER A 249 14.02 47.86 -3.89
C SER A 249 15.45 47.39 -3.60
N LEU A 250 15.72 46.10 -3.81
CA LEU A 250 17.00 45.52 -3.44
C LEU A 250 18.21 46.16 -4.14
N ALA A 251 19.22 46.47 -3.34
CA ALA A 251 20.47 47.09 -3.83
C ALA A 251 21.67 46.15 -3.71
N PHE A 252 21.68 45.34 -2.65
CA PHE A 252 22.82 44.47 -2.36
C PHE A 252 22.34 43.07 -2.01
N LEU A 253 22.91 42.09 -2.71
CA LEU A 253 22.73 40.68 -2.38
C LEU A 253 24.11 40.08 -2.14
N ASN A 254 24.37 39.68 -0.90
CA ASN A 254 25.67 39.08 -0.55
C ASN A 254 25.59 37.56 -0.59
N LEU A 255 26.28 36.95 -1.55
CA LEU A 255 26.34 35.49 -1.69
C LEU A 255 27.77 34.94 -1.56
N THR A 256 28.67 35.75 -1.01
CA THR A 256 30.06 35.32 -0.85
C THR A 256 30.16 34.11 0.07
N GLN A 257 31.18 33.28 -0.16
CA GLN A 257 31.52 32.17 0.72
C GLN A 257 30.37 31.16 0.88
N ASN A 258 29.68 30.90 -0.23
CA ASN A 258 28.73 29.79 -0.33
C ASN A 258 29.39 28.63 -1.06
N ASP A 259 29.01 27.41 -0.69
CA ASP A 259 29.55 26.20 -1.28
C ASP A 259 28.83 25.86 -2.59
N PHE A 260 29.02 26.70 -3.60
CA PHE A 260 28.39 26.49 -4.91
C PHE A 260 28.84 25.17 -5.52
N ALA A 261 27.91 24.50 -6.19
CA ALA A 261 28.20 23.23 -6.86
C ALA A 261 28.20 23.49 -8.35
N CYS A 262 29.39 23.62 -8.92
CA CYS A 262 29.53 24.03 -10.31
C CYS A 262 29.47 22.86 -11.28
N THR A 263 28.32 22.19 -11.29
CA THR A 263 28.07 21.01 -12.11
C THR A 263 26.90 21.22 -13.05
N CYS A 264 26.81 20.36 -14.06
CA CYS A 264 25.70 20.40 -15.03
C CYS A 264 24.35 20.30 -14.35
N GLU A 265 24.29 19.58 -13.23
CA GLU A 265 23.06 19.47 -12.45
C GLU A 265 22.55 20.82 -11.96
N HIS A 266 23.42 21.83 -11.92
CA HIS A 266 23.03 23.16 -11.45
C HIS A 266 23.27 24.27 -12.46
N GLN A 267 23.27 23.90 -13.74
CA GLN A 267 23.50 24.84 -14.83
C GLN A 267 22.51 26.02 -14.78
N SER A 268 21.24 25.70 -14.55
CA SER A 268 20.18 26.72 -14.51
C SER A 268 20.31 27.69 -13.34
N PHE A 269 20.56 27.14 -12.15
CA PHE A 269 20.74 27.96 -10.96
C PHE A 269 21.90 28.92 -11.13
N LEU A 270 23.04 28.39 -11.59
CA LEU A 270 24.24 29.18 -11.78
C LEU A 270 24.08 30.25 -12.86
N GLN A 271 23.30 29.96 -13.90
CA GLN A 271 22.95 30.98 -14.89
C GLN A 271 22.15 32.12 -14.25
N TRP A 272 21.19 31.76 -13.39
CA TRP A 272 20.41 32.76 -12.65
C TRP A 272 21.33 33.59 -11.72
N ILE A 273 22.29 32.94 -11.08
CA ILE A 273 23.27 33.63 -10.25
C ILE A 273 24.04 34.69 -11.05
N LYS A 274 24.54 34.29 -12.23
CA LYS A 274 25.21 35.22 -13.15
C LYS A 274 24.35 36.43 -13.49
N ASP A 275 23.06 36.19 -13.73
CA ASP A 275 22.12 37.25 -14.07
C ASP A 275 21.84 38.23 -12.91
N GLN A 276 22.27 37.87 -11.69
CA GLN A 276 22.11 38.78 -10.54
C GLN A 276 23.33 39.67 -10.33
N ARG A 277 24.25 39.66 -11.29
CA ARG A 277 25.54 40.37 -11.22
C ARG A 277 25.49 41.75 -10.58
N GLN A 278 24.55 42.58 -11.03
CA GLN A 278 24.50 43.98 -10.58
C GLN A 278 24.10 44.14 -9.12
N LEU A 279 23.53 43.08 -8.54
CA LEU A 279 23.19 43.04 -7.11
C LEU A 279 24.32 42.54 -6.22
N LEU A 280 25.18 41.71 -6.81
CA LEU A 280 26.17 40.94 -6.07
C LEU A 280 27.33 41.77 -5.52
N VAL A 281 27.87 41.34 -4.39
CA VAL A 281 29.03 42.01 -3.78
C VAL A 281 30.24 41.08 -3.75
N GLU A 282 31.42 41.68 -3.96
CA GLU A 282 32.70 40.96 -3.91
C GLU A 282 32.61 39.62 -4.63
N VAL A 283 32.30 39.67 -5.92
CA VAL A 283 32.07 38.46 -6.72
C VAL A 283 33.26 37.49 -6.77
N GLU A 284 34.47 38.01 -6.52
CA GLU A 284 35.68 37.19 -6.47
C GLU A 284 35.62 36.17 -5.31
N ARG A 285 34.75 36.45 -4.34
CA ARG A 285 34.61 35.59 -3.16
C ARG A 285 33.40 34.66 -3.27
N MET A 286 32.81 34.61 -4.46
CA MET A 286 31.78 33.63 -4.81
C MET A 286 32.45 32.55 -5.65
N GLU A 287 32.76 31.42 -5.01
CA GLU A 287 33.60 30.41 -5.62
C GLU A 287 32.97 29.03 -5.58
N CYS A 288 33.28 28.20 -6.58
CA CYS A 288 32.88 26.79 -6.59
C CYS A 288 33.53 26.04 -5.44
N ALA A 289 32.75 25.21 -4.76
CA ALA A 289 33.27 24.27 -3.76
C ALA A 289 33.44 22.89 -4.38
N THR A 290 32.56 22.58 -5.34
CA THR A 290 32.60 21.32 -6.07
C THR A 290 32.30 21.63 -7.54
N PRO A 291 32.72 20.75 -8.48
CA PRO A 291 33.49 19.52 -8.29
C PRO A 291 34.96 19.84 -8.04
N SER A 292 35.77 18.83 -7.75
CA SER A 292 37.18 19.04 -7.45
C SER A 292 37.90 19.88 -8.52
N ASP A 293 37.63 19.58 -9.79
CA ASP A 293 38.31 20.26 -10.90
C ASP A 293 37.93 21.74 -11.08
N LYS A 294 36.93 22.20 -10.33
CA LYS A 294 36.50 23.59 -10.40
C LYS A 294 36.56 24.31 -9.06
N GLN A 295 36.92 23.58 -8.01
CA GLN A 295 36.95 24.12 -6.64
C GLN A 295 37.86 25.34 -6.55
N GLY A 296 37.32 26.46 -6.05
CA GLY A 296 38.10 27.69 -5.91
C GLY A 296 37.91 28.68 -7.05
N MET A 297 37.28 28.24 -8.14
CA MET A 297 37.06 29.13 -9.27
C MET A 297 35.89 30.07 -8.99
N PRO A 298 36.03 31.35 -9.38
CA PRO A 298 34.92 32.28 -9.28
C PRO A 298 33.76 31.84 -10.16
N VAL A 299 32.57 31.76 -9.55
CA VAL A 299 31.38 31.24 -10.23
C VAL A 299 31.02 32.02 -11.50
N LEU A 300 31.21 33.33 -11.49
CA LEU A 300 30.84 34.17 -12.62
C LEU A 300 31.80 34.06 -13.81
N SER A 301 32.96 33.47 -13.59
CA SER A 301 33.95 33.31 -14.66
C SER A 301 33.82 31.95 -15.35
N LEU A 302 32.75 31.22 -15.03
CA LEU A 302 32.51 29.88 -15.57
C LEU A 302 31.32 29.81 -16.48
N ASN A 303 31.46 29.08 -17.58
CA ASN A 303 30.32 28.72 -18.42
C ASN A 303 30.06 27.21 -18.28
N ILE A 304 29.07 26.83 -17.48
CA ILE A 304 28.77 25.43 -17.25
C ILE A 304 28.01 24.81 -18.43
N THR A 305 28.50 23.67 -18.91
CA THR A 305 27.87 22.94 -20.00
C THR A 305 27.44 21.54 -19.57
N CYS A 306 26.43 21.02 -20.25
CA CYS A 306 25.96 19.67 -20.02
C CYS A 306 26.38 18.74 -21.16
N CYS B 1 22.58 13.11 -7.92
CA CYS B 1 21.13 13.09 -8.24
C CYS B 1 20.68 14.45 -8.77
N PRO B 2 19.99 14.47 -9.92
CA PRO B 2 19.49 15.71 -10.50
C PRO B 2 18.63 16.49 -9.51
N SER B 3 18.64 17.82 -9.66
CA SER B 3 17.89 18.70 -8.78
C SER B 3 16.41 18.35 -8.77
N ARG B 4 15.82 18.32 -7.58
CA ARG B 4 14.37 18.13 -7.39
C ARG B 4 13.91 16.69 -7.65
N CYS B 5 14.88 15.77 -7.69
CA CYS B 5 14.59 14.36 -7.94
C CYS B 5 15.00 13.51 -6.75
N SER B 6 14.44 12.29 -6.70
CA SER B 6 14.86 11.26 -5.77
C SER B 6 15.53 10.15 -6.54
N CYS B 7 16.69 9.70 -6.05
CA CYS B 7 17.47 8.66 -6.73
C CYS B 7 17.67 7.45 -5.86
N SER B 8 17.40 6.28 -6.42
CA SER B 8 17.65 4.99 -5.76
C SER B 8 18.17 4.02 -6.80
N GLY B 9 19.44 3.62 -6.67
CA GLY B 9 20.09 2.78 -7.66
C GLY B 9 20.14 3.51 -8.99
N THR B 10 19.57 2.89 -10.02
CA THR B 10 19.51 3.53 -11.34
C THR B 10 18.13 4.13 -11.63
N GLU B 11 17.31 4.26 -10.59
CA GLU B 11 15.96 4.84 -10.73
C GLU B 11 15.95 6.30 -10.30
N ILE B 12 15.30 7.15 -11.10
CA ILE B 12 15.17 8.56 -10.82
C ILE B 12 13.70 8.97 -10.90
N ARG B 13 13.18 9.56 -9.82
CA ARG B 13 11.80 10.06 -9.79
C ARG B 13 11.81 11.55 -9.49
N CYS B 14 11.17 12.32 -10.35
CA CYS B 14 11.02 13.75 -10.18
C CYS B 14 9.55 14.14 -10.37
N ASN B 15 8.69 13.58 -9.53
CA ASN B 15 7.24 13.71 -9.66
C ASN B 15 6.61 14.81 -8.80
N SER B 16 5.57 15.45 -9.35
CA SER B 16 4.78 16.47 -8.64
C SER B 16 5.65 17.59 -8.06
N LYS B 17 6.56 18.10 -8.88
CA LYS B 17 7.50 19.14 -8.45
C LYS B 17 7.25 20.43 -9.21
N GLY B 18 6.17 20.47 -9.98
CA GLY B 18 5.80 21.62 -10.80
C GLY B 18 6.85 22.01 -11.83
N LEU B 19 7.64 21.03 -12.29
CA LEU B 19 8.72 21.28 -13.22
C LEU B 19 8.23 21.77 -14.57
N THR B 20 8.92 22.76 -15.12
CA THR B 20 8.63 23.28 -16.45
C THR B 20 9.68 22.84 -17.47
N SER B 21 10.82 22.33 -16.97
CA SER B 21 11.84 21.76 -17.85
C SER B 21 12.37 20.46 -17.27
N VAL B 22 12.90 19.61 -18.14
CA VAL B 22 13.54 18.37 -17.72
C VAL B 22 14.80 18.72 -16.93
N PRO B 23 14.96 18.11 -15.74
CA PRO B 23 16.16 18.30 -14.92
C PRO B 23 17.45 18.06 -15.70
N THR B 24 18.45 18.90 -15.46
CA THR B 24 19.73 18.76 -16.14
C THR B 24 20.57 17.71 -15.43
N GLY B 25 21.51 17.11 -16.17
CA GLY B 25 22.47 16.19 -15.60
C GLY B 25 21.95 14.81 -15.26
N ILE B 26 20.90 14.36 -15.96
CA ILE B 26 20.41 13.00 -15.79
C ILE B 26 21.47 12.05 -16.36
N PRO B 27 21.99 11.14 -15.51
CA PRO B 27 23.10 10.28 -15.90
C PRO B 27 22.72 9.22 -16.92
N SER B 28 23.66 8.83 -17.78
CA SER B 28 23.39 7.83 -18.83
C SER B 28 23.13 6.44 -18.25
N SER B 29 23.48 6.26 -16.99
CA SER B 29 23.29 4.99 -16.28
C SER B 29 21.84 4.76 -15.84
N ALA B 30 21.02 5.81 -15.89
CA ALA B 30 19.62 5.72 -15.45
C ALA B 30 18.86 4.65 -16.24
N THR B 31 18.11 3.82 -15.53
CA THR B 31 17.32 2.77 -16.18
C THR B 31 15.82 3.05 -16.08
N ARG B 32 15.44 3.80 -15.05
CA ARG B 32 14.04 4.21 -14.86
C ARG B 32 13.97 5.71 -14.57
N LEU B 33 13.05 6.39 -15.25
CA LEU B 33 12.88 7.82 -15.11
C LEU B 33 11.41 8.20 -15.08
N GLU B 34 11.01 8.89 -14.02
CA GLU B 34 9.64 9.37 -13.90
C GLU B 34 9.63 10.88 -13.72
N LEU B 35 8.89 11.57 -14.59
CA LEU B 35 8.71 13.01 -14.50
C LEU B 35 7.23 13.35 -14.49
N GLU B 36 6.49 12.66 -13.62
CA GLU B 36 5.02 12.71 -13.64
C GLU B 36 4.43 13.91 -12.91
N SER B 37 3.23 14.31 -13.31
CA SER B 37 2.48 15.37 -12.64
C SER B 37 3.30 16.66 -12.51
N ASN B 38 3.89 17.07 -13.62
CA ASN B 38 4.62 18.32 -13.68
C ASN B 38 3.95 19.28 -14.67
N LYS B 39 4.67 20.29 -15.13
CA LYS B 39 4.13 21.26 -16.08
C LYS B 39 5.03 21.38 -17.30
N LEU B 40 5.52 20.23 -17.76
CA LEU B 40 6.34 20.18 -18.96
C LEU B 40 5.46 20.40 -20.19
N GLN B 41 5.77 21.45 -20.94
CA GLN B 41 4.97 21.82 -22.10
C GLN B 41 5.69 21.48 -23.39
N SER B 42 6.98 21.18 -23.26
CA SER B 42 7.81 20.78 -24.39
C SER B 42 9.06 20.06 -23.90
N LEU B 43 9.65 19.26 -24.79
CA LEU B 43 10.91 18.61 -24.54
C LEU B 43 11.87 19.03 -25.66
N PRO B 44 13.05 19.56 -25.29
CA PRO B 44 14.00 19.95 -26.34
C PRO B 44 14.40 18.75 -27.18
N HIS B 45 14.59 18.95 -28.48
CA HIS B 45 14.94 17.85 -29.38
C HIS B 45 16.17 17.11 -28.88
N GLY B 46 16.03 15.79 -28.76
CA GLY B 46 17.13 14.93 -28.30
C GLY B 46 17.53 15.09 -26.85
N VAL B 47 16.59 15.48 -26.00
CA VAL B 47 16.83 15.61 -24.56
C VAL B 47 17.17 14.25 -23.90
N PHE B 48 16.67 13.17 -24.49
CA PHE B 48 16.87 11.83 -23.94
C PHE B 48 17.94 11.01 -24.67
N ASP B 49 18.65 11.64 -25.60
CA ASP B 49 19.60 10.93 -26.47
C ASP B 49 20.70 10.16 -25.73
N LYS B 50 21.04 10.59 -24.52
CA LYS B 50 22.11 9.97 -23.75
C LYS B 50 21.61 8.85 -22.84
N LEU B 51 20.29 8.73 -22.71
CA LEU B 51 19.69 7.78 -21.78
C LEU B 51 19.45 6.42 -22.45
N THR B 52 20.56 5.76 -22.82
CA THR B 52 20.52 4.54 -23.62
C THR B 52 20.19 3.28 -22.82
N GLN B 53 20.19 3.40 -21.49
CA GLN B 53 19.95 2.26 -20.59
C GLN B 53 18.53 2.24 -20.04
N LEU B 54 17.71 3.17 -20.52
CA LEU B 54 16.36 3.35 -20.02
C LEU B 54 15.47 2.16 -20.38
N THR B 55 14.82 1.58 -19.36
CA THR B 55 13.85 0.51 -19.54
C THR B 55 12.45 0.96 -19.16
N LYS B 56 12.39 2.05 -18.40
CA LYS B 56 11.12 2.60 -17.91
C LYS B 56 11.11 4.11 -18.00
N LEU B 57 10.08 4.65 -18.63
CA LEU B 57 9.90 6.09 -18.74
C LEU B 57 8.44 6.48 -18.55
N SER B 58 8.19 7.39 -17.62
CA SER B 58 6.85 7.93 -17.43
C SER B 58 6.86 9.45 -17.47
N LEU B 59 6.08 9.99 -18.40
CA LEU B 59 5.89 11.43 -18.53
C LEU B 59 4.41 11.78 -18.30
N SER B 60 3.73 10.93 -17.53
CA SER B 60 2.31 11.06 -17.24
C SER B 60 1.95 12.41 -16.59
N SER B 61 0.86 13.05 -17.05
CA SER B 61 0.33 14.29 -16.48
C SER B 61 1.20 15.55 -16.63
N ASN B 62 1.44 15.97 -17.90
CA ASN B 62 2.17 17.16 -18.30
C ASN B 62 1.37 17.82 -19.43
N GLY B 63 1.95 18.78 -20.16
CA GLY B 63 1.19 19.38 -21.24
C GLY B 63 1.91 19.10 -22.59
N LEU B 64 2.47 17.90 -22.69
CA LEU B 64 3.25 17.51 -23.84
C LEU B 64 2.48 17.02 -25.06
N SER B 65 2.92 17.49 -26.22
CA SER B 65 2.42 17.00 -27.49
C SER B 65 3.59 16.41 -28.28
N PHE B 66 3.33 15.31 -28.97
CA PHE B 66 4.35 14.62 -29.75
C PHE B 66 3.93 14.60 -31.21
N LYS B 67 4.65 15.37 -32.03
CA LYS B 67 4.35 15.49 -33.46
C LYS B 67 4.72 14.21 -34.21
N GLY B 68 5.60 13.42 -33.60
CA GLY B 68 6.04 12.15 -34.16
C GLY B 68 6.46 11.18 -33.08
N CYS B 69 5.49 10.39 -32.62
CA CYS B 69 5.72 9.30 -31.68
C CYS B 69 5.62 8.01 -32.50
N CYS B 70 6.30 6.91 -32.15
CA CYS B 70 7.23 6.78 -31.04
C CYS B 70 8.36 5.90 -31.58
N SER B 71 9.59 6.25 -31.23
CA SER B 71 10.76 5.65 -31.85
C SER B 71 11.94 5.77 -30.90
N GLN B 72 12.98 4.98 -31.12
CA GLN B 72 14.20 5.09 -30.32
C GLN B 72 14.86 6.47 -30.43
N SER B 73 14.60 7.17 -31.53
CA SER B 73 15.12 8.53 -31.73
C SER B 73 14.43 9.54 -30.83
N ASP B 74 13.22 9.21 -30.36
CA ASP B 74 12.46 10.07 -29.46
C ASP B 74 12.92 9.95 -28.00
N PHE B 75 13.42 8.77 -27.62
CA PHE B 75 13.72 8.49 -26.21
C PHE B 75 15.13 7.94 -25.97
N GLY B 76 15.96 7.91 -27.02
CA GLY B 76 17.37 7.51 -26.89
C GLY B 76 17.61 6.01 -26.80
N THR B 77 16.82 5.33 -25.96
CA THR B 77 17.00 3.91 -25.66
C THR B 77 16.35 2.99 -26.71
N THR B 78 16.90 1.79 -26.86
CA THR B 78 16.24 0.74 -27.65
C THR B 78 15.76 -0.41 -26.76
N SER B 79 15.88 -0.23 -25.44
CA SER B 79 15.51 -1.26 -24.47
C SER B 79 14.34 -0.88 -23.57
N LEU B 80 13.52 0.09 -24.00
CA LEU B 80 12.30 0.46 -23.27
C LEU B 80 11.34 -0.71 -23.14
N LYS B 81 10.90 -0.96 -21.91
CA LYS B 81 9.88 -1.98 -21.63
C LYS B 81 8.57 -1.38 -21.13
N TYR B 82 8.63 -0.12 -20.70
CA TYR B 82 7.51 0.55 -20.04
C TYR B 82 7.48 2.02 -20.47
N LEU B 83 6.39 2.41 -21.11
CA LEU B 83 6.21 3.79 -21.53
C LEU B 83 4.83 4.29 -21.15
N ASP B 84 4.81 5.42 -20.42
CA ASP B 84 3.57 6.04 -19.99
C ASP B 84 3.56 7.50 -20.47
N LEU B 85 2.69 7.77 -21.44
CA LEU B 85 2.49 9.13 -21.97
C LEU B 85 1.06 9.64 -21.72
N SER B 86 0.42 9.07 -20.71
CA SER B 86 -0.96 9.39 -20.38
C SER B 86 -1.13 10.81 -19.84
N PHE B 87 -2.36 11.31 -19.90
CA PHE B 87 -2.71 12.65 -19.41
C PHE B 87 -1.79 13.73 -19.97
N ASN B 88 -1.62 13.70 -21.29
CA ASN B 88 -0.86 14.71 -22.00
C ASN B 88 -1.68 15.32 -23.13
N GLY B 89 -1.02 15.92 -24.11
CA GLY B 89 -1.72 16.61 -25.19
C GLY B 89 -1.98 15.72 -26.39
N VAL B 90 -1.61 16.20 -27.57
CA VAL B 90 -1.82 15.46 -28.81
C VAL B 90 -0.62 14.57 -29.10
N ILE B 91 -0.89 13.30 -29.38
CA ILE B 91 0.17 12.36 -29.76
C ILE B 91 -0.12 11.84 -31.16
N THR B 92 0.71 12.27 -32.11
CA THR B 92 0.58 11.83 -33.49
C THR B 92 1.54 10.70 -33.76
N MET B 93 1.00 9.60 -34.28
CA MET B 93 1.80 8.45 -34.65
C MET B 93 2.39 8.63 -36.05
N SER B 94 3.70 8.78 -36.14
CA SER B 94 4.38 8.82 -37.44
C SER B 94 5.29 7.60 -37.62
N SER B 95 5.73 7.03 -36.51
CA SER B 95 6.62 5.88 -36.50
C SER B 95 6.02 4.75 -35.67
N ASN B 96 6.03 3.53 -36.22
CA ASN B 96 5.41 2.38 -35.56
C ASN B 96 6.35 1.68 -34.57
N PHE B 97 6.74 2.44 -33.54
CA PHE B 97 7.60 1.97 -32.44
C PHE B 97 8.93 1.39 -32.92
N LEU B 98 9.53 2.05 -33.92
CA LEU B 98 10.82 1.63 -34.43
C LEU B 98 11.88 1.70 -33.34
N GLY B 99 12.45 0.55 -33.01
CA GLY B 99 13.47 0.45 -31.98
C GLY B 99 12.91 0.30 -30.58
N LEU B 100 11.58 0.15 -30.48
CA LEU B 100 10.91 0.02 -29.19
C LEU B 100 10.15 -1.29 -29.07
N GLU B 101 10.66 -2.32 -29.76
CA GLU B 101 9.99 -3.61 -29.87
C GLU B 101 9.97 -4.41 -28.57
N GLN B 102 10.73 -3.95 -27.57
CA GLN B 102 10.78 -4.63 -26.27
C GLN B 102 9.66 -4.18 -25.32
N LEU B 103 8.83 -3.22 -25.77
CA LEU B 103 7.75 -2.68 -24.94
C LEU B 103 6.82 -3.76 -24.39
N GLU B 104 6.55 -3.67 -23.09
CA GLU B 104 5.69 -4.63 -22.40
C GLU B 104 4.47 -3.93 -21.80
N HIS B 105 4.63 -2.64 -21.51
CA HIS B 105 3.58 -1.82 -20.89
C HIS B 105 3.52 -0.47 -21.62
N LEU B 106 2.33 -0.12 -22.10
CA LEU B 106 2.14 1.11 -22.87
C LEU B 106 0.86 1.83 -22.45
N ASP B 107 0.98 3.08 -22.02
CA ASP B 107 -0.15 3.82 -21.47
C ASP B 107 -0.29 5.19 -22.13
N PHE B 108 -1.41 5.38 -22.84
CA PHE B 108 -1.71 6.61 -23.57
C PHE B 108 -2.97 7.30 -23.05
N GLN B 109 -3.52 6.80 -21.95
CA GLN B 109 -4.82 7.22 -21.43
C GLN B 109 -4.95 8.75 -21.30
N HIS B 110 -6.07 9.30 -21.77
CA HIS B 110 -6.36 10.75 -21.65
C HIS B 110 -5.37 11.65 -22.41
N SER B 111 -4.79 11.11 -23.48
CA SER B 111 -4.01 11.90 -24.43
C SER B 111 -4.66 11.72 -25.79
N ASN B 112 -4.72 12.79 -26.58
CA ASN B 112 -5.36 12.73 -27.89
C ASN B 112 -4.49 12.06 -28.95
N LEU B 113 -4.73 10.77 -29.18
CA LEU B 113 -3.98 10.00 -30.18
C LEU B 113 -4.48 10.23 -31.59
N LYS B 114 -3.54 10.44 -32.50
CA LYS B 114 -3.84 10.67 -33.91
C LYS B 114 -3.03 9.73 -34.78
N GLN B 115 -3.63 9.28 -35.89
CA GLN B 115 -2.95 8.40 -36.86
C GLN B 115 -2.67 7.01 -36.32
N MET B 116 -3.52 6.55 -35.39
CA MET B 116 -3.38 5.24 -34.79
C MET B 116 -4.48 4.27 -35.27
N SER B 117 -5.73 4.74 -35.27
CA SER B 117 -6.88 3.87 -35.49
C SER B 117 -7.07 3.37 -36.92
N GLU B 118 -6.46 4.07 -37.88
CA GLU B 118 -6.61 3.76 -39.30
C GLU B 118 -5.57 2.73 -39.76
N PHE B 119 -4.63 2.43 -38.87
CA PHE B 119 -3.48 1.60 -39.20
C PHE B 119 -3.28 0.51 -38.15
N SER B 120 -2.23 -0.28 -38.33
CA SER B 120 -1.83 -1.27 -37.34
C SER B 120 -0.48 -0.85 -36.77
N VAL B 121 -0.49 0.15 -35.88
CA VAL B 121 0.76 0.74 -35.40
C VAL B 121 1.49 -0.16 -34.38
N PHE B 122 0.76 -1.11 -33.81
CA PHE B 122 1.29 -1.98 -32.77
C PHE B 122 1.84 -3.29 -33.33
N LEU B 123 1.98 -3.34 -34.66
CA LEU B 123 2.30 -4.57 -35.36
C LEU B 123 3.58 -5.25 -34.87
N SER B 124 4.59 -4.46 -34.51
CA SER B 124 5.88 -4.99 -34.05
C SER B 124 5.95 -5.34 -32.56
N LEU B 125 4.92 -5.00 -31.80
CA LEU B 125 4.98 -5.15 -30.34
C LEU B 125 4.52 -6.52 -29.85
N ARG B 126 5.26 -7.55 -30.26
CA ARG B 126 4.95 -8.93 -29.90
C ARG B 126 5.11 -9.23 -28.40
N ASN B 127 5.77 -8.33 -27.67
CA ASN B 127 5.99 -8.51 -26.22
C ASN B 127 5.02 -7.73 -25.35
N LEU B 128 4.17 -6.91 -25.97
CA LEU B 128 3.29 -6.04 -25.20
C LEU B 128 2.24 -6.84 -24.43
N ILE B 129 2.12 -6.53 -23.14
CA ILE B 129 1.20 -7.23 -22.23
C ILE B 129 0.07 -6.30 -21.77
N TYR B 130 0.37 -5.00 -21.70
CA TYR B 130 -0.57 -4.01 -21.17
C TYR B 130 -0.68 -2.85 -22.13
N LEU B 131 -1.91 -2.55 -22.56
CA LEU B 131 -2.17 -1.38 -23.40
C LEU B 131 -3.37 -0.59 -22.89
N ASP B 132 -3.17 0.72 -22.66
CA ASP B 132 -4.27 1.58 -22.28
C ASP B 132 -4.39 2.73 -23.29
N ILE B 133 -5.46 2.68 -24.08
CA ILE B 133 -5.81 3.78 -24.98
C ILE B 133 -7.18 4.39 -24.61
N SER B 134 -7.52 4.34 -23.33
CA SER B 134 -8.76 4.91 -22.86
C SER B 134 -8.78 6.42 -23.04
N HIS B 135 -9.93 6.95 -23.44
CA HIS B 135 -10.14 8.39 -23.58
C HIS B 135 -9.06 9.05 -24.44
N THR B 136 -8.84 8.49 -25.62
CA THR B 136 -7.84 9.00 -26.55
C THR B 136 -8.45 9.62 -27.80
N HIS B 137 -9.76 9.86 -27.76
CA HIS B 137 -10.52 10.35 -28.92
C HIS B 137 -10.33 9.43 -30.12
N THR B 138 -10.32 8.13 -29.85
CA THR B 138 -10.16 7.12 -30.89
C THR B 138 -11.52 6.73 -31.47
N ARG B 139 -11.61 6.78 -32.79
CA ARG B 139 -12.77 6.26 -33.51
C ARG B 139 -12.36 4.94 -34.16
N VAL B 140 -12.85 3.84 -33.60
CA VAL B 140 -12.51 2.52 -34.12
C VAL B 140 -13.35 2.21 -35.37
N ALA B 141 -12.68 1.83 -36.44
CA ALA B 141 -13.36 1.39 -37.66
C ALA B 141 -12.57 0.29 -38.35
N PHE B 142 -11.35 0.62 -38.79
CA PHE B 142 -10.42 -0.38 -39.34
C PHE B 142 -10.26 -1.55 -38.35
N ASN B 143 -10.52 -2.76 -38.85
CA ASN B 143 -10.54 -3.95 -37.99
C ASN B 143 -9.17 -4.41 -37.49
N GLY B 144 -8.10 -3.97 -38.17
CA GLY B 144 -6.75 -4.41 -37.82
C GLY B 144 -5.99 -3.54 -36.84
N ILE B 145 -6.70 -2.64 -36.16
CA ILE B 145 -6.12 -1.71 -35.19
C ILE B 145 -5.12 -2.36 -34.21
N PHE B 146 -5.46 -3.55 -33.71
CA PHE B 146 -4.64 -4.24 -32.72
C PHE B 146 -3.80 -5.39 -33.29
N ASN B 147 -3.66 -5.45 -34.61
CA ASN B 147 -2.84 -6.50 -35.24
C ASN B 147 -1.43 -6.50 -34.67
N GLY B 148 -0.89 -7.67 -34.38
CA GLY B 148 0.46 -7.80 -33.84
C GLY B 148 0.54 -8.03 -32.35
N LEU B 149 -0.57 -7.79 -31.63
CA LEU B 149 -0.56 -7.85 -30.17
C LEU B 149 -0.89 -9.23 -29.58
N SER B 150 -0.18 -10.24 -30.07
CA SER B 150 -0.39 -11.64 -29.69
C SER B 150 -0.26 -11.92 -28.19
N SER B 151 0.61 -11.19 -27.51
CA SER B 151 0.88 -11.44 -26.09
C SER B 151 0.02 -10.61 -25.14
N LEU B 152 -0.80 -9.71 -25.68
CA LEU B 152 -1.55 -8.75 -24.86
C LEU B 152 -2.46 -9.44 -23.84
N GLU B 153 -2.39 -8.98 -22.60
CA GLU B 153 -3.22 -9.52 -21.52
C GLU B 153 -4.24 -8.52 -20.97
N VAL B 154 -3.88 -7.24 -20.99
CA VAL B 154 -4.76 -6.18 -20.50
C VAL B 154 -4.96 -5.12 -21.59
N LEU B 155 -6.21 -4.93 -21.98
CA LEU B 155 -6.57 -3.91 -22.96
C LEU B 155 -7.64 -2.99 -22.40
N LYS B 156 -7.26 -1.73 -22.20
CA LYS B 156 -8.18 -0.71 -21.73
C LYS B 156 -8.41 0.29 -22.85
N MET B 157 -9.67 0.43 -23.27
CA MET B 157 -10.01 1.32 -24.37
C MET B 157 -11.32 2.06 -24.14
N ALA B 158 -11.60 2.34 -22.86
CA ALA B 158 -12.80 3.04 -22.43
C ALA B 158 -12.85 4.48 -22.95
N GLY B 159 -14.06 5.01 -23.08
CA GLY B 159 -14.27 6.43 -23.41
C GLY B 159 -14.01 6.79 -24.86
N ASN B 160 -14.01 5.79 -25.73
CA ASN B 160 -13.83 6.03 -27.17
C ASN B 160 -15.15 5.82 -27.94
N SER B 161 -15.08 5.48 -29.22
CA SER B 161 -16.28 5.17 -29.97
C SER B 161 -15.98 4.35 -31.22
N PHE B 162 -17.04 3.79 -31.81
CA PHE B 162 -16.95 2.85 -32.91
C PHE B 162 -17.81 3.31 -34.09
N GLN B 163 -17.31 3.14 -35.31
CA GLN B 163 -18.12 3.40 -36.49
C GLN B 163 -19.39 2.56 -36.44
N GLU B 164 -20.53 3.23 -36.64
CA GLU B 164 -21.87 2.64 -36.59
C GLU B 164 -22.26 2.11 -35.21
N ASN B 165 -21.52 2.54 -34.18
CA ASN B 165 -21.73 2.04 -32.81
C ASN B 165 -21.68 0.51 -32.74
N PHE B 166 -20.81 -0.06 -33.57
CA PHE B 166 -20.75 -1.50 -33.78
C PHE B 166 -19.38 -2.03 -33.39
N LEU B 167 -19.38 -3.04 -32.51
CA LEU B 167 -18.13 -3.72 -32.14
C LEU B 167 -17.81 -4.84 -33.13
N PRO B 168 -16.78 -4.65 -33.98
CA PRO B 168 -16.41 -5.67 -34.94
C PRO B 168 -15.44 -6.69 -34.32
N ASP B 169 -15.06 -7.71 -35.09
CA ASP B 169 -14.10 -8.71 -34.64
C ASP B 169 -12.69 -8.15 -34.67
N ILE B 170 -12.35 -7.35 -33.66
CA ILE B 170 -11.04 -6.69 -33.58
C ILE B 170 -10.10 -7.36 -32.57
N PHE B 171 -10.59 -8.41 -31.90
CA PHE B 171 -9.84 -9.07 -30.83
C PHE B 171 -9.35 -10.46 -31.18
N THR B 172 -9.55 -10.87 -32.43
CA THR B 172 -9.28 -12.25 -32.85
C THR B 172 -7.83 -12.74 -32.63
N GLU B 173 -6.85 -11.83 -32.68
CA GLU B 173 -5.45 -12.18 -32.45
C GLU B 173 -5.07 -12.18 -30.97
N LEU B 174 -5.94 -11.66 -30.12
CA LEU B 174 -5.59 -11.41 -28.72
C LEU B 174 -6.02 -12.56 -27.79
N ARG B 175 -5.55 -13.78 -28.10
CA ARG B 175 -5.97 -14.97 -27.39
C ARG B 175 -5.57 -15.01 -25.91
N ASN B 176 -4.56 -14.23 -25.52
CA ASN B 176 -4.12 -14.19 -24.12
C ASN B 176 -4.78 -13.10 -23.25
N LEU B 177 -5.74 -12.36 -23.83
CA LEU B 177 -6.42 -11.30 -23.08
C LEU B 177 -7.10 -11.82 -21.81
N THR B 178 -6.83 -11.15 -20.69
CA THR B 178 -7.50 -11.46 -19.42
C THR B 178 -8.40 -10.34 -18.93
N PHE B 179 -8.18 -9.13 -19.43
CA PHE B 179 -8.91 -7.95 -18.99
C PHE B 179 -9.23 -7.06 -20.19
N LEU B 180 -10.51 -6.74 -20.38
CA LEU B 180 -10.94 -5.90 -21.50
C LEU B 180 -11.94 -4.84 -21.07
N ASP B 181 -11.56 -3.58 -21.22
CA ASP B 181 -12.39 -2.45 -20.82
C ASP B 181 -12.93 -1.73 -22.05
N LEU B 182 -14.23 -1.88 -22.28
CA LEU B 182 -14.92 -1.25 -23.39
C LEU B 182 -16.02 -0.31 -22.89
N SER B 183 -15.90 0.14 -21.65
CA SER B 183 -16.91 1.00 -21.06
C SER B 183 -16.92 2.39 -21.70
N GLN B 184 -18.09 3.03 -21.68
CA GLN B 184 -18.24 4.41 -22.20
C GLN B 184 -17.84 4.56 -23.68
N CYS B 185 -18.17 3.57 -24.50
CA CYS B 185 -17.79 3.60 -25.92
C CYS B 185 -18.97 3.82 -26.88
N GLN B 186 -20.11 4.21 -26.33
CA GLN B 186 -21.34 4.48 -27.10
C GLN B 186 -21.83 3.30 -27.95
N LEU B 187 -21.41 2.09 -27.59
CA LEU B 187 -21.75 0.90 -28.35
C LEU B 187 -23.24 0.57 -28.29
N GLU B 188 -23.78 0.10 -29.40
CA GLU B 188 -25.19 -0.31 -29.47
C GLU B 188 -25.35 -1.72 -29.99
N GLN B 189 -24.37 -2.17 -30.78
CA GLN B 189 -24.43 -3.49 -31.41
C GLN B 189 -23.06 -4.15 -31.40
N LEU B 190 -23.05 -5.48 -31.34
CA LEU B 190 -21.80 -6.21 -31.43
C LEU B 190 -21.87 -7.36 -32.42
N SER B 191 -20.74 -7.64 -33.06
CA SER B 191 -20.61 -8.85 -33.85
C SER B 191 -20.82 -10.05 -32.93
N PRO B 192 -21.63 -11.04 -33.37
CA PRO B 192 -21.89 -12.21 -32.53
C PRO B 192 -20.62 -13.00 -32.20
N THR B 193 -19.56 -12.80 -33.00
CA THR B 193 -18.31 -13.51 -32.82
C THR B 193 -17.18 -12.66 -32.21
N ALA B 194 -17.52 -11.45 -31.76
CA ALA B 194 -16.53 -10.50 -31.26
C ALA B 194 -15.58 -11.06 -30.18
N PHE B 195 -16.12 -11.88 -29.28
CA PHE B 195 -15.35 -12.38 -28.14
C PHE B 195 -14.99 -13.88 -28.24
N ASN B 196 -15.29 -14.51 -29.37
CA ASN B 196 -15.17 -15.97 -29.51
C ASN B 196 -13.78 -16.58 -29.27
N SER B 197 -12.73 -15.81 -29.52
CA SER B 197 -11.35 -16.33 -29.33
C SER B 197 -10.75 -16.04 -27.94
N LEU B 198 -11.51 -15.36 -27.09
CA LEU B 198 -10.98 -14.86 -25.81
C LEU B 198 -11.19 -15.84 -24.66
N SER B 199 -10.61 -17.03 -24.79
CA SER B 199 -10.79 -18.12 -23.83
C SER B 199 -10.19 -17.88 -22.44
N SER B 200 -9.29 -16.91 -22.32
CA SER B 200 -8.66 -16.57 -21.05
C SER B 200 -9.24 -15.30 -20.39
N LEU B 201 -10.21 -14.67 -21.04
CA LEU B 201 -10.76 -13.42 -20.54
C LEU B 201 -11.46 -13.61 -19.19
N GLN B 202 -11.09 -12.80 -18.21
CA GLN B 202 -11.64 -12.88 -16.86
C GLN B 202 -12.57 -11.73 -16.54
N VAL B 203 -12.27 -10.54 -17.07
CA VAL B 203 -13.07 -9.33 -16.82
C VAL B 203 -13.45 -8.65 -18.13
N LEU B 204 -14.74 -8.44 -18.33
CA LEU B 204 -15.23 -7.73 -19.51
C LEU B 204 -16.09 -6.57 -19.04
N ASN B 205 -15.65 -5.36 -19.35
CA ASN B 205 -16.35 -4.16 -18.93
C ASN B 205 -17.09 -3.53 -20.10
N MET B 206 -18.42 -3.62 -20.06
CA MET B 206 -19.28 -3.03 -21.08
C MET B 206 -20.13 -1.88 -20.50
N SER B 207 -19.71 -1.36 -19.34
CA SER B 207 -20.49 -0.37 -18.60
C SER B 207 -20.67 0.93 -19.37
N HIS B 208 -21.84 1.54 -19.24
CA HIS B 208 -22.10 2.88 -19.78
C HIS B 208 -21.90 2.96 -21.29
N ASN B 209 -22.30 1.90 -22.00
CA ASN B 209 -22.50 1.97 -23.43
C ASN B 209 -23.97 2.29 -23.67
N ASN B 210 -24.48 2.00 -24.86
CA ASN B 210 -25.88 2.31 -25.16
C ASN B 210 -26.67 1.10 -25.65
N PHE B 211 -26.38 -0.06 -25.03
CA PHE B 211 -27.07 -1.30 -25.38
C PHE B 211 -28.50 -1.31 -24.86
N PHE B 212 -29.44 -1.68 -25.72
CA PHE B 212 -30.85 -1.83 -25.35
C PHE B 212 -31.23 -3.27 -25.09
N SER B 213 -30.32 -4.18 -25.41
CA SER B 213 -30.56 -5.60 -25.20
C SER B 213 -29.37 -6.31 -24.57
N LEU B 214 -29.64 -7.45 -23.96
CA LEU B 214 -28.61 -8.32 -23.40
C LEU B 214 -28.89 -9.76 -23.84
N ASP B 215 -27.85 -10.45 -24.28
CA ASP B 215 -27.97 -11.84 -24.67
C ASP B 215 -26.85 -12.68 -24.05
N THR B 216 -27.03 -13.99 -24.04
CA THR B 216 -26.02 -14.90 -23.51
C THR B 216 -25.13 -15.46 -24.62
N PHE B 217 -25.64 -15.50 -25.85
CA PHE B 217 -24.91 -16.12 -26.96
C PHE B 217 -23.50 -15.55 -27.28
N PRO B 218 -23.30 -14.22 -27.16
CA PRO B 218 -21.93 -13.74 -27.47
C PRO B 218 -20.86 -14.13 -26.43
N TYR B 219 -21.27 -14.63 -25.28
CA TYR B 219 -20.35 -14.95 -24.18
C TYR B 219 -20.19 -16.45 -23.95
N LYS B 220 -20.79 -17.24 -24.83
CA LYS B 220 -20.78 -18.71 -24.71
C LYS B 220 -19.38 -19.34 -24.63
N CYS B 221 -18.42 -18.75 -25.34
CA CYS B 221 -17.05 -19.27 -25.39
C CYS B 221 -16.15 -18.75 -24.27
N LEU B 222 -16.67 -17.82 -23.46
CA LEU B 222 -15.87 -17.16 -22.44
C LEU B 222 -15.80 -17.96 -21.14
N ASN B 223 -15.16 -19.12 -21.21
CA ASN B 223 -15.16 -20.06 -20.09
C ASN B 223 -14.17 -19.74 -18.96
N SER B 224 -13.47 -18.62 -19.07
CA SER B 224 -12.69 -18.07 -17.96
C SER B 224 -13.31 -16.81 -17.35
N LEU B 225 -14.42 -16.34 -17.92
CA LEU B 225 -15.02 -15.06 -17.53
C LEU B 225 -15.58 -15.09 -16.11
N GLN B 226 -15.15 -14.13 -15.29
CA GLN B 226 -15.56 -14.03 -13.89
C GLN B 226 -16.45 -12.82 -13.61
N VAL B 227 -16.17 -11.71 -14.29
CA VAL B 227 -16.90 -10.44 -14.08
C VAL B 227 -17.40 -9.88 -15.41
N LEU B 228 -18.71 -9.63 -15.49
CA LEU B 228 -19.31 -8.99 -16.66
C LEU B 228 -20.04 -7.75 -16.18
N ASP B 229 -19.56 -6.58 -16.62
CA ASP B 229 -20.14 -5.31 -16.20
C ASP B 229 -20.99 -4.70 -17.31
N TYR B 230 -22.29 -4.76 -17.12
CA TYR B 230 -23.26 -4.16 -18.03
C TYR B 230 -24.07 -3.03 -17.39
N SER B 231 -23.56 -2.48 -16.30
CA SER B 231 -24.18 -1.34 -15.64
C SER B 231 -24.30 -0.14 -16.59
N LEU B 232 -25.26 0.75 -16.31
CA LEU B 232 -25.37 2.03 -16.99
C LEU B 232 -25.64 1.97 -18.50
N ASN B 233 -26.26 0.88 -18.94
CA ASN B 233 -26.77 0.78 -20.31
C ASN B 233 -28.27 1.04 -20.33
N HIS B 234 -28.95 0.66 -21.41
CA HIS B 234 -30.40 0.84 -21.54
C HIS B 234 -31.09 -0.51 -21.73
N ILE B 235 -30.61 -1.52 -21.03
CA ILE B 235 -31.05 -2.90 -21.27
C ILE B 235 -32.50 -3.10 -20.84
N MET B 236 -33.31 -3.61 -21.76
CA MET B 236 -34.72 -3.87 -21.48
C MET B 236 -35.30 -5.12 -22.16
N THR B 237 -34.46 -5.81 -22.94
CA THR B 237 -34.88 -7.00 -23.66
C THR B 237 -33.67 -7.84 -24.10
N SER B 238 -33.92 -8.91 -24.84
CA SER B 238 -32.86 -9.71 -25.45
C SER B 238 -33.20 -9.91 -26.92
N LYS B 239 -32.18 -10.13 -27.74
CA LYS B 239 -32.39 -10.52 -29.14
C LYS B 239 -33.15 -11.85 -29.22
N LYS B 240 -32.60 -12.87 -28.55
CA LYS B 240 -33.20 -14.20 -28.57
C LYS B 240 -34.31 -14.30 -27.54
N GLN B 241 -35.41 -14.92 -27.94
CA GLN B 241 -36.55 -15.11 -27.06
C GLN B 241 -36.20 -16.05 -25.91
N GLU B 242 -35.38 -17.06 -26.19
CA GLU B 242 -34.96 -18.03 -25.20
C GLU B 242 -33.51 -17.80 -24.81
N LEU B 243 -33.33 -17.16 -23.66
CA LEU B 243 -31.99 -16.91 -23.15
C LEU B 243 -31.49 -18.15 -22.42
N GLN B 244 -30.21 -18.41 -22.56
CA GLN B 244 -29.60 -19.54 -21.87
C GLN B 244 -28.93 -19.05 -20.59
N HIS B 245 -27.81 -19.67 -20.22
CA HIS B 245 -27.05 -19.25 -19.06
C HIS B 245 -25.75 -18.61 -19.52
N PHE B 246 -25.20 -17.73 -18.67
CA PHE B 246 -23.84 -17.27 -18.88
C PHE B 246 -22.87 -18.42 -18.61
N PRO B 247 -21.59 -18.27 -19.02
CA PRO B 247 -20.63 -19.32 -18.71
C PRO B 247 -20.59 -19.62 -17.23
N SER B 248 -20.36 -20.88 -16.90
CA SER B 248 -20.33 -21.35 -15.52
C SER B 248 -19.24 -20.69 -14.67
N SER B 249 -18.23 -20.13 -15.32
CA SER B 249 -17.14 -19.43 -14.61
C SER B 249 -17.60 -18.10 -13.98
N LEU B 250 -18.66 -17.52 -14.52
CA LEU B 250 -19.11 -16.19 -14.10
C LEU B 250 -19.49 -16.09 -12.62
N ALA B 251 -18.95 -15.08 -11.95
CA ALA B 251 -19.23 -14.83 -10.53
C ALA B 251 -20.06 -13.57 -10.30
N PHE B 252 -19.84 -12.56 -11.14
CA PHE B 252 -20.49 -11.27 -10.98
C PHE B 252 -21.05 -10.77 -12.30
N LEU B 253 -22.32 -10.39 -12.28
CA LEU B 253 -22.98 -9.73 -13.39
C LEU B 253 -23.55 -8.41 -12.85
N ASN B 254 -23.00 -7.29 -13.32
CA ASN B 254 -23.46 -5.97 -12.89
C ASN B 254 -24.47 -5.40 -13.89
N LEU B 255 -25.72 -5.30 -13.45
CA LEU B 255 -26.80 -4.72 -14.28
C LEU B 255 -27.43 -3.47 -13.66
N THR B 256 -26.73 -2.87 -12.69
CA THR B 256 -27.23 -1.67 -12.02
C THR B 256 -27.41 -0.51 -13.00
N GLN B 257 -28.38 0.35 -12.71
CA GLN B 257 -28.56 1.60 -13.45
C GLN B 257 -28.82 1.37 -14.95
N ASN B 258 -29.61 0.35 -15.25
CA ASN B 258 -30.16 0.13 -16.58
C ASN B 258 -31.62 0.59 -16.60
N ASP B 259 -32.05 1.10 -17.76
CA ASP B 259 -33.41 1.60 -17.94
C ASP B 259 -34.38 0.46 -18.22
N PHE B 260 -34.60 -0.41 -17.24
CA PHE B 260 -35.51 -1.54 -17.40
C PHE B 260 -36.92 -1.06 -17.71
N ALA B 261 -37.60 -1.81 -18.57
CA ALA B 261 -38.98 -1.50 -18.96
C ALA B 261 -39.87 -2.55 -18.31
N CYS B 262 -40.48 -2.16 -17.19
CA CYS B 262 -41.24 -3.11 -16.38
C CYS B 262 -42.69 -3.27 -16.85
N THR B 263 -42.83 -3.73 -18.09
CA THR B 263 -44.14 -3.91 -18.74
C THR B 263 -44.39 -5.36 -19.13
N CYS B 264 -45.65 -5.68 -19.40
CA CYS B 264 -46.03 -7.03 -19.85
C CYS B 264 -45.27 -7.45 -21.10
N GLU B 265 -44.94 -6.48 -21.96
CA GLU B 265 -44.14 -6.75 -23.15
C GLU B 265 -42.76 -7.35 -22.82
N HIS B 266 -42.31 -7.20 -21.58
CA HIS B 266 -40.99 -7.72 -21.19
C HIS B 266 -41.04 -8.68 -19.99
N GLN B 267 -42.20 -9.31 -19.81
CA GLN B 267 -42.41 -10.24 -18.71
C GLN B 267 -41.35 -11.36 -18.70
N SER B 268 -41.08 -11.90 -19.88
CA SER B 268 -40.12 -13.02 -20.01
C SER B 268 -38.70 -12.61 -19.68
N PHE B 269 -38.27 -11.48 -20.24
CA PHE B 269 -36.93 -10.97 -19.98
C PHE B 269 -36.71 -10.71 -18.50
N LEU B 270 -37.67 -10.04 -17.88
CA LEU B 270 -37.58 -9.69 -16.46
C LEU B 270 -37.61 -10.92 -15.55
N GLN B 271 -38.34 -11.96 -15.96
CA GLN B 271 -38.30 -13.23 -15.25
C GLN B 271 -36.90 -13.85 -15.32
N TRP B 272 -36.28 -13.81 -16.50
CA TRP B 272 -34.90 -14.27 -16.68
C TRP B 272 -33.93 -13.46 -15.80
N ILE B 273 -34.14 -12.14 -15.74
CA ILE B 273 -33.34 -11.27 -14.87
C ILE B 273 -33.41 -11.72 -13.40
N LYS B 274 -34.63 -11.96 -12.91
CA LYS B 274 -34.85 -12.49 -11.55
C LYS B 274 -34.07 -13.76 -11.30
N ASP B 275 -34.07 -14.65 -12.30
CA ASP B 275 -33.39 -15.94 -12.20
C ASP B 275 -31.85 -15.81 -12.15
N GLN B 276 -31.31 -14.63 -12.46
CA GLN B 276 -29.87 -14.39 -12.38
C GLN B 276 -29.44 -13.85 -11.02
N ARG B 277 -30.38 -13.86 -10.06
CA ARG B 277 -30.19 -13.24 -8.74
C ARG B 277 -28.81 -13.48 -8.10
N GLN B 278 -28.35 -14.72 -8.12
CA GLN B 278 -27.10 -15.08 -7.43
C GLN B 278 -25.84 -14.49 -8.09
N LEU B 279 -25.98 -14.05 -9.34
CA LEU B 279 -24.90 -13.37 -10.07
C LEU B 279 -24.89 -11.86 -9.86
N LEU B 280 -26.07 -11.32 -9.57
CA LEU B 280 -26.30 -9.88 -9.59
C LEU B 280 -25.66 -9.12 -8.42
N VAL B 281 -25.26 -7.87 -8.67
CA VAL B 281 -24.69 -7.02 -7.64
C VAL B 281 -25.58 -5.81 -7.36
N GLU B 282 -25.64 -5.42 -6.09
CA GLU B 282 -26.40 -4.25 -5.64
C GLU B 282 -27.77 -4.18 -6.31
N VAL B 283 -28.57 -5.22 -6.07
CA VAL B 283 -29.88 -5.36 -6.73
C VAL B 283 -30.85 -4.19 -6.47
N GLU B 284 -30.63 -3.47 -5.37
CA GLU B 284 -31.44 -2.29 -5.04
C GLU B 284 -31.26 -1.18 -6.07
N ARG B 285 -30.17 -1.25 -6.84
CA ARG B 285 -29.85 -0.25 -7.86
C ARG B 285 -30.23 -0.72 -9.26
N MET B 286 -30.98 -1.82 -9.33
CA MET B 286 -31.62 -2.29 -10.56
C MET B 286 -33.09 -1.93 -10.49
N GLU B 287 -33.46 -0.86 -11.18
CA GLU B 287 -34.77 -0.25 -11.02
C GLU B 287 -35.47 -0.04 -12.35
N CYS B 288 -36.81 -0.11 -12.32
CA CYS B 288 -37.63 0.22 -13.48
C CYS B 288 -37.48 1.68 -13.86
N ALA B 289 -37.33 1.95 -15.17
CA ALA B 289 -37.37 3.31 -15.69
C ALA B 289 -38.76 3.62 -16.23
N THR B 290 -39.42 2.58 -16.75
CA THR B 290 -40.78 2.69 -17.27
C THR B 290 -41.55 1.45 -16.81
N PRO B 291 -42.90 1.51 -16.76
CA PRO B 291 -43.76 2.66 -17.04
C PRO B 291 -43.75 3.63 -15.86
N SER B 292 -44.41 4.77 -16.01
CA SER B 292 -44.42 5.80 -14.96
C SER B 292 -44.80 5.24 -13.59
N ASP B 293 -45.83 4.40 -13.56
CA ASP B 293 -46.35 3.87 -12.29
C ASP B 293 -45.42 2.87 -11.58
N LYS B 294 -44.33 2.49 -12.25
CA LYS B 294 -43.35 1.58 -11.67
C LYS B 294 -41.95 2.16 -11.61
N GLN B 295 -41.76 3.35 -12.16
CA GLN B 295 -40.45 3.99 -12.24
C GLN B 295 -39.81 4.13 -10.85
N GLY B 296 -38.59 3.61 -10.70
CA GLY B 296 -37.88 3.68 -9.43
C GLY B 296 -38.00 2.43 -8.57
N MET B 297 -38.90 1.54 -8.94
CA MET B 297 -39.06 0.29 -8.19
C MET B 297 -37.95 -0.70 -8.52
N PRO B 298 -37.42 -1.39 -7.49
CA PRO B 298 -36.45 -2.45 -7.73
C PRO B 298 -37.08 -3.58 -8.55
N VAL B 299 -36.42 -3.95 -9.63
CA VAL B 299 -36.92 -4.93 -10.60
C VAL B 299 -37.24 -6.28 -9.96
N LEU B 300 -36.42 -6.70 -9.01
CA LEU B 300 -36.57 -8.02 -8.37
C LEU B 300 -37.73 -8.08 -7.39
N SER B 301 -38.27 -6.92 -7.00
CA SER B 301 -39.38 -6.87 -6.05
C SER B 301 -40.74 -6.82 -6.77
N LEU B 302 -40.70 -7.00 -8.09
CA LEU B 302 -41.91 -6.92 -8.92
C LEU B 302 -42.30 -8.25 -9.53
N ASN B 303 -43.61 -8.53 -9.51
CA ASN B 303 -44.16 -9.64 -10.28
C ASN B 303 -44.98 -9.09 -11.45
N ILE B 304 -44.40 -9.08 -12.64
CA ILE B 304 -45.08 -8.54 -13.82
C ILE B 304 -46.14 -9.51 -14.36
N THR B 305 -47.35 -9.00 -14.56
CA THR B 305 -48.45 -9.79 -15.12
C THR B 305 -48.95 -9.20 -16.43
N CYS B 306 -49.52 -10.06 -17.25
CA CYS B 306 -50.12 -9.65 -18.51
C CYS B 306 -51.64 -9.69 -18.42
N CYS C 1 6.06 -23.40 -12.69
CA CYS C 1 6.04 -22.84 -11.32
C CYS C 1 5.80 -23.96 -10.31
N PRO C 2 6.66 -24.04 -9.27
CA PRO C 2 6.52 -25.04 -8.21
C PRO C 2 5.13 -25.03 -7.59
N SER C 3 4.68 -26.18 -7.12
CA SER C 3 3.36 -26.31 -6.52
C SER C 3 3.20 -25.39 -5.33
N ARG C 4 2.03 -24.74 -5.26
CA ARG C 4 1.65 -23.88 -4.14
C ARG C 4 2.41 -22.55 -4.10
N CYS C 5 3.04 -22.21 -5.22
CA CYS C 5 3.81 -20.97 -5.31
C CYS C 5 3.23 -20.04 -6.37
N SER C 6 3.61 -18.77 -6.30
CA SER C 6 3.32 -17.78 -7.33
C SER C 6 4.63 -17.38 -7.97
N CYS C 7 4.66 -17.35 -9.30
CA CYS C 7 5.86 -17.05 -10.06
C CYS C 7 5.67 -15.83 -10.95
N SER C 8 6.62 -14.90 -10.87
CA SER C 8 6.64 -13.71 -11.73
C SER C 8 8.10 -13.44 -12.11
N GLY C 9 8.42 -13.62 -13.39
CA GLY C 9 9.80 -13.50 -13.85
C GLY C 9 10.65 -14.55 -13.18
N THR C 10 11.69 -14.11 -12.48
CA THR C 10 12.55 -15.04 -11.75
C THR C 10 12.25 -15.04 -10.24
N GLU C 11 11.11 -14.48 -9.86
CA GLU C 11 10.70 -14.40 -8.46
C GLU C 11 9.69 -15.50 -8.16
N ILE C 12 9.87 -16.18 -7.03
CA ILE C 12 8.97 -17.23 -6.58
C ILE C 12 8.56 -16.95 -5.13
N ARG C 13 7.25 -16.89 -4.89
CA ARG C 13 6.70 -16.70 -3.54
C ARG C 13 5.78 -17.86 -3.19
N CYS C 14 6.09 -18.51 -2.06
CA CYS C 14 5.26 -19.61 -1.55
C CYS C 14 4.95 -19.35 -0.08
N ASN C 15 4.28 -18.22 0.19
CA ASN C 15 4.02 -17.75 1.55
C ASN C 15 2.67 -18.14 2.13
N SER C 16 2.64 -18.41 3.44
CA SER C 16 1.41 -18.69 4.18
C SER C 16 0.60 -19.83 3.57
N LYS C 17 1.29 -20.91 3.24
CA LYS C 17 0.67 -22.06 2.57
C LYS C 17 0.70 -23.29 3.48
N GLY C 18 1.13 -23.08 4.72
CA GLY C 18 1.26 -24.17 5.71
C GLY C 18 2.22 -25.27 5.29
N LEU C 19 3.22 -24.93 4.47
CA LEU C 19 4.16 -25.89 3.95
C LEU C 19 5.01 -26.52 5.04
N THR C 20 5.21 -27.83 4.94
CA THR C 20 6.10 -28.55 5.86
C THR C 20 7.40 -28.96 5.17
N SER C 21 7.43 -28.87 3.84
CA SER C 21 8.66 -29.12 3.08
C SER C 21 8.84 -28.06 2.00
N VAL C 22 10.08 -27.85 1.59
CA VAL C 22 10.41 -26.95 0.49
C VAL C 22 9.82 -27.56 -0.79
N PRO C 23 9.08 -26.74 -1.56
CA PRO C 23 8.53 -27.18 -2.85
C PRO C 23 9.60 -27.77 -3.77
N THR C 24 9.23 -28.83 -4.48
CA THR C 24 10.17 -29.49 -5.39
C THR C 24 10.19 -28.76 -6.73
N GLY C 25 11.28 -28.89 -7.45
CA GLY C 25 11.40 -28.34 -8.79
C GLY C 25 11.57 -26.85 -8.90
N ILE C 26 12.15 -26.22 -7.86
CA ILE C 26 12.50 -24.81 -7.92
C ILE C 26 13.64 -24.65 -8.92
N PRO C 27 13.42 -23.85 -9.98
CA PRO C 27 14.38 -23.73 -11.08
C PRO C 27 15.65 -22.98 -10.69
N SER C 28 16.77 -23.34 -11.31
CA SER C 28 18.07 -22.71 -11.00
C SER C 28 18.11 -21.25 -11.44
N SER C 29 17.14 -20.84 -12.26
CA SER C 29 17.05 -19.48 -12.75
C SER C 29 16.45 -18.50 -11.74
N ALA C 30 15.87 -19.04 -10.66
CA ALA C 30 15.23 -18.22 -9.62
C ALA C 30 16.22 -17.25 -9.00
N THR C 31 15.80 -15.99 -8.87
CA THR C 31 16.65 -14.97 -8.28
C THR C 31 16.12 -14.51 -6.92
N ARG C 32 14.81 -14.66 -6.73
CA ARG C 32 14.17 -14.34 -5.46
C ARG C 32 13.24 -15.47 -5.02
N LEU C 33 13.35 -15.86 -3.76
CA LEU C 33 12.57 -16.96 -3.21
C LEU C 33 12.07 -16.64 -1.81
N GLU C 34 10.75 -16.71 -1.63
CA GLU C 34 10.14 -16.47 -0.33
C GLU C 34 9.33 -17.69 0.08
N LEU C 35 9.63 -18.21 1.26
CA LEU C 35 8.88 -19.33 1.83
C LEU C 35 8.40 -18.96 3.23
N GLU C 36 7.79 -17.78 3.34
CA GLU C 36 7.47 -17.18 4.65
C GLU C 36 6.18 -17.72 5.26
N SER C 37 6.11 -17.66 6.59
CA SER C 37 4.89 -18.02 7.33
C SER C 37 4.38 -19.41 6.98
N ASN C 38 5.29 -20.37 7.01
CA ASN C 38 4.96 -21.77 6.78
C ASN C 38 5.27 -22.59 8.03
N LYS C 39 5.40 -23.90 7.89
CA LYS C 39 5.69 -24.78 9.01
C LYS C 39 6.90 -25.66 8.72
N LEU C 40 7.91 -25.06 8.11
CA LEU C 40 9.15 -25.73 7.81
C LEU C 40 9.94 -25.93 9.10
N GLN C 41 10.20 -27.18 9.44
CA GLN C 41 10.89 -27.50 10.69
C GLN C 41 12.31 -27.93 10.42
N SER C 42 12.61 -28.20 9.15
CA SER C 42 13.94 -28.58 8.71
C SER C 42 14.10 -28.36 7.22
N LEU C 43 15.35 -28.21 6.80
CA LEU C 43 15.69 -28.16 5.38
C LEU C 43 16.69 -29.27 5.10
N PRO C 44 16.40 -30.13 4.10
CA PRO C 44 17.33 -31.20 3.79
C PRO C 44 18.69 -30.63 3.36
N HIS C 45 19.77 -31.29 3.74
CA HIS C 45 21.11 -30.79 3.42
C HIS C 45 21.26 -30.54 1.93
N GLY C 46 21.70 -29.33 1.59
CA GLY C 46 21.91 -28.93 0.19
C GLY C 46 20.66 -28.79 -0.66
N VAL C 47 19.54 -28.45 -0.02
CA VAL C 47 18.28 -28.21 -0.72
C VAL C 47 18.37 -27.00 -1.68
N PHE C 48 19.25 -26.07 -1.37
CA PHE C 48 19.39 -24.84 -2.16
C PHE C 48 20.61 -24.85 -3.09
N ASP C 49 21.31 -25.97 -3.15
CA ASP C 49 22.59 -26.08 -3.90
C ASP C 49 22.51 -25.68 -5.38
N LYS C 50 21.34 -25.81 -5.98
CA LYS C 50 21.17 -25.51 -7.41
C LYS C 50 20.75 -24.06 -7.65
N LEU C 51 20.41 -23.34 -6.58
CA LEU C 51 19.88 -21.99 -6.70
C LEU C 51 21.01 -20.94 -6.67
N THR C 52 21.84 -20.98 -7.71
CA THR C 52 23.06 -20.17 -7.76
C THR C 52 22.85 -18.72 -8.18
N GLN C 53 21.64 -18.41 -8.62
CA GLN C 53 21.29 -17.06 -9.10
C GLN C 53 20.53 -16.25 -8.07
N LEU C 54 20.37 -16.83 -6.88
CA LEU C 54 19.56 -16.23 -5.83
C LEU C 54 20.19 -14.94 -5.29
N THR C 55 19.41 -13.87 -5.29
CA THR C 55 19.84 -12.59 -4.71
C THR C 55 19.00 -12.25 -3.49
N LYS C 56 17.85 -12.90 -3.37
CA LYS C 56 16.92 -12.65 -2.27
C LYS C 56 16.35 -13.96 -1.77
N LEU C 57 16.43 -14.16 -0.46
CA LEU C 57 15.87 -15.34 0.20
C LEU C 57 15.22 -14.96 1.52
N SER C 58 13.94 -15.32 1.68
CA SER C 58 13.25 -15.14 2.95
C SER C 58 12.64 -16.44 3.43
N LEU C 59 13.01 -16.82 4.65
CA LEU C 59 12.48 -18.02 5.31
C LEU C 59 11.82 -17.60 6.62
N SER C 60 11.38 -16.34 6.66
CA SER C 60 10.76 -15.74 7.84
C SER C 60 9.52 -16.51 8.34
N SER C 61 9.41 -16.70 9.64
CA SER C 61 8.26 -17.39 10.29
C SER C 61 8.06 -18.90 10.01
N ASN C 62 9.04 -19.74 10.40
CA ASN C 62 8.99 -21.19 10.28
C ASN C 62 9.53 -21.73 11.59
N GLY C 63 9.87 -23.01 11.67
CA GLY C 63 10.40 -23.53 12.91
C GLY C 63 11.83 -24.04 12.70
N LEU C 64 12.58 -23.30 11.87
CA LEU C 64 13.92 -23.66 11.48
C LEU C 64 15.03 -23.30 12.46
N SER C 65 15.95 -24.24 12.64
CA SER C 65 17.16 -24.02 13.40
C SER C 65 18.35 -24.29 12.49
N PHE C 66 19.38 -23.46 12.63
CA PHE C 66 20.58 -23.56 11.80
C PHE C 66 21.78 -23.83 12.71
N LYS C 67 22.31 -25.05 12.63
CA LYS C 67 23.45 -25.46 13.45
C LYS C 67 24.73 -24.78 13.00
N GLY C 68 24.74 -24.32 11.76
CA GLY C 68 25.87 -23.61 11.19
C GLY C 68 25.44 -22.62 10.12
N CYS C 69 25.18 -21.40 10.54
CA CYS C 69 24.88 -20.28 9.64
C CYS C 69 26.14 -19.42 9.64
N CYS C 70 26.45 -18.66 8.58
CA CYS C 70 25.74 -18.61 7.30
C CYS C 70 26.83 -18.54 6.24
N SER C 71 26.64 -19.26 5.15
CA SER C 71 27.70 -19.46 4.17
C SER C 71 27.06 -19.77 2.83
N GLN C 72 27.83 -19.65 1.75
CA GLN C 72 27.33 -20.01 0.42
C GLN C 72 26.97 -21.50 0.32
N SER C 73 27.58 -22.31 1.17
CA SER C 73 27.28 -23.74 1.20
C SER C 73 25.89 -24.01 1.80
N ASP C 74 25.37 -23.06 2.57
CA ASP C 74 24.05 -23.18 3.18
C ASP C 74 22.92 -22.82 2.20
N PHE C 75 23.21 -21.92 1.26
CA PHE C 75 22.17 -21.37 0.38
C PHE C 75 22.50 -21.44 -1.11
N GLY C 76 23.60 -22.09 -1.46
CA GLY C 76 23.97 -22.33 -2.86
C GLY C 76 24.59 -21.15 -3.59
N THR C 77 23.99 -19.98 -3.42
CA THR C 77 24.38 -18.76 -4.13
C THR C 77 25.55 -18.03 -3.47
N THR C 78 26.33 -17.30 -4.27
CA THR C 78 27.34 -16.37 -3.72
C THR C 78 26.95 -14.91 -4.00
N SER C 79 25.75 -14.71 -4.54
CA SER C 79 25.27 -13.37 -4.89
C SER C 79 24.05 -12.91 -4.08
N LEU C 80 23.86 -13.50 -2.89
CA LEU C 80 22.79 -13.06 -1.99
C LEU C 80 22.98 -11.60 -1.56
N LYS C 81 21.92 -10.81 -1.71
CA LYS C 81 21.89 -9.42 -1.25
C LYS C 81 20.91 -9.20 -0.10
N TYR C 82 20.00 -10.15 0.08
CA TYR C 82 18.89 -10.01 1.03
C TYR C 82 18.63 -11.38 1.67
N LEU C 83 18.79 -11.44 2.99
CA LEU C 83 18.51 -12.66 3.74
C LEU C 83 17.66 -12.36 4.96
N ASP C 84 16.54 -13.06 5.05
CA ASP C 84 15.62 -12.92 6.18
C ASP C 84 15.40 -14.30 6.82
N LEU C 85 15.94 -14.46 8.04
CA LEU C 85 15.78 -15.68 8.82
C LEU C 85 15.04 -15.42 10.13
N SER C 86 14.27 -14.33 10.14
CA SER C 86 13.54 -13.89 11.33
C SER C 86 12.41 -14.85 11.72
N PHE C 87 11.98 -14.76 12.98
CA PHE C 87 10.89 -15.58 13.53
C PHE C 87 11.11 -17.07 13.26
N ASN C 88 12.30 -17.54 13.60
CA ASN C 88 12.65 -18.95 13.50
C ASN C 88 13.18 -19.44 14.84
N GLY C 89 13.94 -20.54 14.82
CA GLY C 89 14.43 -21.16 16.04
C GLY C 89 15.82 -20.67 16.44
N VAL C 90 16.71 -21.61 16.72
CA VAL C 90 18.07 -21.28 17.12
C VAL C 90 18.98 -21.16 15.90
N ILE C 91 19.73 -20.06 15.84
CA ILE C 91 20.68 -19.85 14.76
C ILE C 91 22.08 -19.72 15.35
N THR C 92 22.90 -20.75 15.11
CA THR C 92 24.26 -20.75 15.61
C THR C 92 25.20 -20.30 14.51
N MET C 93 26.02 -19.30 14.83
CA MET C 93 27.00 -18.79 13.90
C MET C 93 28.28 -19.64 13.98
N SER C 94 28.57 -20.36 12.91
CA SER C 94 29.83 -21.10 12.80
C SER C 94 30.72 -20.53 11.69
N SER C 95 30.09 -19.88 10.72
CA SER C 95 30.78 -19.30 9.58
C SER C 95 30.41 -17.82 9.44
N ASN C 96 31.42 -16.98 9.26
CA ASN C 96 31.23 -15.52 9.19
C ASN C 96 30.86 -15.04 7.79
N PHE C 97 29.72 -15.53 7.29
CA PHE C 97 29.15 -15.15 5.99
C PHE C 97 30.10 -15.38 4.83
N LEU C 98 30.81 -16.51 4.87
CA LEU C 98 31.72 -16.89 3.81
C LEU C 98 30.96 -17.07 2.50
N GLY C 99 31.30 -16.25 1.51
CA GLY C 99 30.65 -16.29 0.20
C GLY C 99 29.37 -15.48 0.14
N LEU C 100 29.07 -14.73 1.21
CA LEU C 100 27.85 -13.93 1.29
C LEU C 100 28.17 -12.45 1.49
N GLU C 101 29.33 -12.03 0.97
CA GLU C 101 29.85 -10.68 1.19
C GLU C 101 29.05 -9.59 0.47
N GLN C 102 28.14 -9.99 -0.42
CA GLN C 102 27.30 -9.03 -1.14
C GLN C 102 26.03 -8.63 -0.37
N LEU C 103 25.85 -9.21 0.82
CA LEU C 103 24.65 -8.94 1.62
C LEU C 103 24.43 -7.45 1.89
N GLU C 104 23.20 -7.00 1.66
CA GLU C 104 22.82 -5.60 1.87
C GLU C 104 21.73 -5.48 2.94
N HIS C 105 20.95 -6.54 3.09
CA HIS C 105 19.84 -6.58 4.03
C HIS C 105 19.86 -7.90 4.78
N LEU C 106 19.89 -7.84 6.11
CA LEU C 106 19.98 -9.04 6.95
C LEU C 106 19.02 -8.95 8.14
N ASP C 107 18.14 -9.95 8.27
CA ASP C 107 17.08 -9.91 9.28
C ASP C 107 17.03 -11.21 10.08
N PHE C 108 17.34 -11.10 11.37
CA PHE C 108 17.37 -12.23 12.30
C PHE C 108 16.35 -12.10 13.43
N GLN C 109 15.48 -11.10 13.33
CA GLN C 109 14.57 -10.72 14.42
C GLN C 109 13.76 -11.91 14.96
N HIS C 110 13.69 -12.04 16.29
CA HIS C 110 12.90 -13.10 16.95
C HIS C 110 13.37 -14.52 16.64
N SER C 111 14.66 -14.66 16.36
CA SER C 111 15.32 -15.95 16.30
C SER C 111 16.45 -15.94 17.31
N ASN C 112 16.67 -17.06 17.98
CA ASN C 112 17.71 -17.16 19.02
C ASN C 112 19.11 -17.31 18.44
N LEU C 113 19.82 -16.18 18.32
CA LEU C 113 21.19 -16.17 17.79
C LEU C 113 22.22 -16.59 18.82
N LYS C 114 23.12 -17.48 18.41
CA LYS C 114 24.19 -17.97 19.27
C LYS C 114 25.54 -17.80 18.58
N GLN C 115 26.57 -17.50 19.36
CA GLN C 115 27.95 -17.37 18.86
C GLN C 115 28.13 -16.14 17.97
N MET C 116 27.35 -15.10 18.23
CA MET C 116 27.43 -13.85 17.47
C MET C 116 28.03 -12.72 18.32
N SER C 117 27.56 -12.57 19.56
CA SER C 117 27.87 -11.40 20.39
C SER C 117 29.31 -11.35 20.90
N GLU C 118 29.97 -12.50 20.94
CA GLU C 118 31.32 -12.62 21.50
C GLU C 118 32.39 -12.35 20.45
N PHE C 119 31.96 -12.24 19.20
CA PHE C 119 32.86 -12.13 18.06
C PHE C 119 32.45 -10.97 17.17
N SER C 120 33.17 -10.81 16.06
CA SER C 120 32.82 -9.84 15.03
C SER C 120 32.41 -10.61 13.78
N VAL C 121 31.21 -11.16 13.77
CA VAL C 121 30.79 -12.06 12.68
C VAL C 121 30.46 -11.30 11.40
N PHE C 122 30.23 -10.01 11.51
CA PHE C 122 29.80 -9.17 10.39
C PHE C 122 30.98 -8.49 9.70
N LEU C 123 32.19 -8.92 10.06
CA LEU C 123 33.42 -8.24 9.65
C LEU C 123 33.56 -8.07 8.13
N SER C 124 33.09 -9.05 7.37
CA SER C 124 33.21 -9.04 5.90
C SER C 124 32.09 -8.30 5.17
N LEU C 125 31.04 -7.90 5.90
CA LEU C 125 29.84 -7.34 5.27
C LEU C 125 29.92 -5.83 5.06
N ARG C 126 30.88 -5.41 4.24
CA ARG C 126 31.11 -4.00 3.94
C ARG C 126 29.95 -3.35 3.16
N ASN C 127 29.07 -4.17 2.58
CA ASN C 127 27.93 -3.67 1.80
C ASN C 127 26.62 -3.65 2.57
N LEU C 128 26.62 -4.14 3.81
CA LEU C 128 25.37 -4.26 4.57
C LEU C 128 24.83 -2.88 4.95
N ILE C 129 23.54 -2.68 4.66
CA ILE C 129 22.86 -1.41 4.92
C ILE C 129 21.80 -1.55 6.02
N TYR C 130 21.24 -2.75 6.14
CA TYR C 130 20.14 -3.01 7.08
C TYR C 130 20.45 -4.25 7.91
N LEU C 131 20.43 -4.10 9.23
CA LEU C 131 20.59 -5.23 10.13
C LEU C 131 19.56 -5.22 11.24
N ASP C 132 18.83 -6.32 11.39
CA ASP C 132 17.89 -6.46 12.48
C ASP C 132 18.23 -7.69 13.32
N ILE C 133 18.73 -7.44 14.53
CA ILE C 133 18.96 -8.50 15.52
C ILE C 133 18.09 -8.30 16.76
N SER C 134 16.92 -7.71 16.56
CA SER C 134 15.98 -7.49 17.66
C SER C 134 15.49 -8.82 18.22
N HIS C 135 15.36 -8.89 19.54
CA HIS C 135 14.80 -10.06 20.23
C HIS C 135 15.50 -11.36 19.82
N THR C 136 16.82 -11.35 19.88
CA THR C 136 17.62 -12.50 19.50
C THR C 136 18.32 -13.16 20.70
N HIS C 137 17.90 -12.78 21.90
CA HIS C 137 18.54 -13.23 23.15
C HIS C 137 20.02 -12.91 23.15
N THR C 138 20.36 -11.73 22.64
CA THR C 138 21.73 -11.28 22.56
C THR C 138 22.12 -10.53 23.83
N ARG C 139 23.24 -10.95 24.43
CA ARG C 139 23.85 -10.23 25.53
C ARG C 139 25.07 -9.51 25.00
N VAL C 140 24.97 -8.19 24.87
CA VAL C 140 26.07 -7.39 24.36
C VAL C 140 27.11 -7.16 25.46
N ALA C 141 28.36 -7.48 25.16
CA ALA C 141 29.46 -7.19 26.07
C ALA C 141 30.72 -6.81 25.30
N PHE C 142 31.24 -7.75 24.50
CA PHE C 142 32.34 -7.49 23.56
C PHE C 142 32.02 -6.26 22.70
N ASN C 143 32.93 -5.29 22.72
CA ASN C 143 32.69 -4.00 22.05
C ASN C 143 32.74 -4.05 20.51
N GLY C 144 33.38 -5.09 19.96
CA GLY C 144 33.54 -5.19 18.52
C GLY C 144 32.48 -5.97 17.76
N ILE C 145 31.35 -6.19 18.42
CA ILE C 145 30.21 -6.94 17.84
C ILE C 145 29.86 -6.51 16.41
N PHE C 146 29.87 -5.21 16.14
CA PHE C 146 29.47 -4.68 14.84
C PHE C 146 30.65 -4.25 13.96
N ASN C 147 31.87 -4.67 14.31
CA ASN C 147 33.05 -4.33 13.50
C ASN C 147 32.84 -4.78 12.05
N GLY C 148 33.22 -3.92 11.11
CA GLY C 148 33.09 -4.24 9.69
C GLY C 148 31.90 -3.61 8.99
N LEU C 149 30.95 -3.10 9.77
CA LEU C 149 29.68 -2.60 9.21
C LEU C 149 29.69 -1.11 8.85
N SER C 150 30.71 -0.72 8.08
CA SER C 150 30.95 0.67 7.68
C SER C 150 29.79 1.33 6.94
N SER C 151 29.07 0.54 6.14
CA SER C 151 27.99 1.08 5.30
C SER C 151 26.61 1.06 5.97
N LEU C 152 26.53 0.47 7.16
CA LEU C 152 25.24 0.26 7.83
C LEU C 152 24.44 1.55 8.02
N GLU C 153 23.16 1.52 7.64
CA GLU C 153 22.27 2.67 7.80
C GLU C 153 21.16 2.44 8.80
N VAL C 154 20.68 1.20 8.89
CA VAL C 154 19.61 0.85 9.81
C VAL C 154 20.06 -0.29 10.71
N LEU C 155 20.05 -0.04 12.03
CA LEU C 155 20.39 -1.05 13.02
C LEU C 155 19.25 -1.19 14.03
N LYS C 156 18.62 -2.35 14.01
CA LYS C 156 17.56 -2.66 14.97
C LYS C 156 18.06 -3.76 15.90
N MET C 157 18.11 -3.46 17.19
CA MET C 157 18.60 -4.42 18.18
C MET C 157 17.79 -4.38 19.47
N ALA C 158 16.50 -4.08 19.33
CA ALA C 158 15.55 -4.02 20.44
C ALA C 158 15.37 -5.38 21.13
N GLY C 159 14.99 -5.34 22.41
CA GLY C 159 14.63 -6.55 23.14
C GLY C 159 15.78 -7.42 23.58
N ASN C 160 16.99 -6.86 23.60
CA ASN C 160 18.17 -7.59 24.05
C ASN C 160 18.65 -7.08 25.41
N SER C 161 19.93 -7.24 25.73
CA SER C 161 20.48 -6.70 26.97
C SER C 161 21.99 -6.51 26.90
N PHE C 162 22.52 -5.75 27.86
CA PHE C 162 23.92 -5.35 27.89
C PHE C 162 24.56 -5.73 29.23
N GLN C 163 25.81 -6.17 29.19
CA GLN C 163 26.54 -6.42 30.42
C GLN C 163 26.60 -5.14 31.27
N GLU C 164 26.22 -5.29 32.54
CA GLU C 164 26.16 -4.19 33.51
C GLU C 164 25.12 -3.13 33.17
N ASN C 165 24.18 -3.49 32.29
CA ASN C 165 23.16 -2.55 31.80
C ASN C 165 23.77 -1.25 31.23
N PHE C 166 24.94 -1.41 30.61
CA PHE C 166 25.75 -0.28 30.19
C PHE C 166 25.95 -0.31 28.69
N LEU C 167 25.63 0.80 28.03
CA LEU C 167 25.85 0.94 26.59
C LEU C 167 27.27 1.44 26.32
N PRO C 168 28.14 0.56 25.80
CA PRO C 168 29.51 0.97 25.49
C PRO C 168 29.62 1.61 24.10
N ASP C 169 30.82 2.06 23.74
CA ASP C 169 31.07 2.62 22.41
C ASP C 169 31.16 1.53 21.37
N ILE C 170 30.00 1.03 20.95
CA ILE C 170 29.92 -0.07 19.98
C ILE C 170 29.54 0.40 18.58
N PHE C 171 29.29 1.70 18.43
CA PHE C 171 28.80 2.26 17.17
C PHE C 171 29.83 3.11 16.43
N THR C 172 31.06 3.14 16.94
CA THR C 172 32.09 4.06 16.43
C THR C 172 32.42 3.91 14.93
N GLU C 173 32.28 2.71 14.39
CA GLU C 173 32.52 2.46 12.96
C GLU C 173 31.32 2.76 12.07
N LEU C 174 30.15 2.98 12.69
CA LEU C 174 28.89 3.06 11.95
C LEU C 174 28.50 4.50 11.61
N ARG C 175 29.41 5.23 10.95
CA ARG C 175 29.20 6.64 10.67
C ARG C 175 28.02 6.96 9.75
N ASN C 176 27.55 5.98 8.98
CA ASN C 176 26.40 6.20 8.08
C ASN C 176 25.03 5.84 8.68
N LEU C 177 25.00 5.45 9.95
CA LEU C 177 23.73 5.09 10.62
C LEU C 177 22.71 6.22 10.56
N THR C 178 21.50 5.90 10.13
CA THR C 178 20.39 6.85 10.14
C THR C 178 19.26 6.46 11.11
N PHE C 179 19.22 5.18 11.48
CA PHE C 179 18.17 4.64 12.33
C PHE C 179 18.77 3.66 13.32
N LEU C 180 18.53 3.88 14.62
CA LEU C 180 19.04 3.00 15.66
C LEU C 180 17.99 2.67 16.71
N ASP C 181 17.66 1.39 16.84
CA ASP C 181 16.63 0.93 17.78
C ASP C 181 17.27 0.17 18.93
N LEU C 182 17.24 0.79 20.11
CA LEU C 182 17.81 0.22 21.32
C LEU C 182 16.73 0.06 22.39
N SER C 183 15.47 0.03 21.97
CA SER C 183 14.35 -0.09 22.90
C SER C 183 14.32 -1.45 23.59
N GLN C 184 13.77 -1.48 24.80
CA GLN C 184 13.59 -2.74 25.55
C GLN C 184 14.90 -3.51 25.79
N CYS C 185 15.99 -2.79 26.07
CA CYS C 185 17.29 -3.43 26.27
C CYS C 185 17.78 -3.38 27.72
N GLN C 186 16.89 -3.03 28.64
CA GLN C 186 17.19 -2.98 30.08
C GLN C 186 18.33 -2.03 30.45
N LEU C 187 18.64 -1.08 29.58
CA LEU C 187 19.75 -0.17 29.78
C LEU C 187 19.52 0.77 30.97
N GLU C 188 20.59 1.05 31.70
CA GLU C 188 20.51 1.98 32.83
C GLU C 188 21.55 3.10 32.72
N GLN C 189 22.64 2.80 32.02
CA GLN C 189 23.76 3.73 31.89
C GLN C 189 24.33 3.70 30.49
N LEU C 190 24.87 4.82 30.04
CA LEU C 190 25.53 4.87 28.74
C LEU C 190 26.88 5.56 28.81
N SER C 191 27.80 5.11 27.97
CA SER C 191 29.05 5.82 27.77
C SER C 191 28.73 7.22 27.23
N PRO C 192 29.36 8.27 27.80
CA PRO C 192 29.08 9.63 27.35
C PRO C 192 29.42 9.85 25.87
N THR C 193 30.25 8.97 25.30
CA THR C 193 30.67 9.08 23.91
C THR C 193 30.02 8.05 22.98
N ALA C 194 29.01 7.33 23.49
CA ALA C 194 28.38 6.26 22.73
C ALA C 194 27.89 6.66 21.33
N PHE C 195 27.33 7.86 21.21
CA PHE C 195 26.72 8.32 19.96
C PHE C 195 27.54 9.38 19.20
N ASN C 196 28.74 9.69 19.69
CA ASN C 196 29.54 10.83 19.17
C ASN C 196 29.87 10.82 17.68
N SER C 197 29.98 9.64 17.09
CA SER C 197 30.34 9.52 15.66
C SER C 197 29.12 9.45 14.72
N LEU C 198 27.91 9.48 15.28
CA LEU C 198 26.71 9.22 14.50
C LEU C 198 26.07 10.49 13.94
N SER C 199 26.84 11.20 13.11
CA SER C 199 26.43 12.51 12.58
C SER C 199 25.24 12.49 11.61
N SER C 200 24.90 11.30 11.10
CA SER C 200 23.77 11.14 10.17
C SER C 200 22.53 10.53 10.81
N LEU C 201 22.60 10.22 12.11
CA LEU C 201 21.51 9.56 12.81
C LEU C 201 20.27 10.45 12.87
N GLN C 202 19.14 9.90 12.43
CA GLN C 202 17.87 10.64 12.37
C GLN C 202 16.89 10.18 13.44
N VAL C 203 16.89 8.88 13.74
CA VAL C 203 15.98 8.29 14.73
C VAL C 203 16.74 7.46 15.75
N LEU C 204 16.57 7.78 17.02
CA LEU C 204 17.18 7.03 18.11
C LEU C 204 16.09 6.57 19.06
N ASN C 205 15.92 5.26 19.16
CA ASN C 205 14.87 4.70 20.01
C ASN C 205 15.46 4.11 21.28
N MET C 206 15.18 4.77 22.40
CA MET C 206 15.64 4.34 23.71
C MET C 206 14.45 3.92 24.59
N SER C 207 13.30 3.67 23.97
CA SER C 207 12.05 3.41 24.68
C SER C 207 12.12 2.16 25.54
N HIS C 208 11.48 2.20 26.71
CA HIS C 208 11.31 1.00 27.55
C HIS C 208 12.65 0.37 27.96
N ASN C 209 13.64 1.22 28.24
CA ASN C 209 14.82 0.78 28.96
C ASN C 209 14.56 1.08 30.44
N ASN C 210 15.62 1.18 31.23
CA ASN C 210 15.46 1.43 32.67
C ASN C 210 16.24 2.65 33.15
N PHE C 211 16.28 3.69 32.32
CA PHE C 211 16.96 4.92 32.66
C PHE C 211 16.21 5.72 33.71
N PHE C 212 16.93 6.17 34.74
CA PHE C 212 16.36 7.02 35.79
C PHE C 212 16.69 8.50 35.57
N SER C 213 17.56 8.77 34.60
CA SER C 213 17.95 10.13 34.28
C SER C 213 17.95 10.41 32.77
N LEU C 214 17.87 11.69 32.44
CA LEU C 214 17.97 12.15 31.07
C LEU C 214 18.93 13.34 31.02
N ASP C 215 19.82 13.34 30.04
CA ASP C 215 20.75 14.44 29.87
C ASP C 215 20.81 14.85 28.40
N THR C 216 21.34 16.04 28.15
CA THR C 216 21.49 16.53 26.78
C THR C 216 22.90 16.27 26.23
N PHE C 217 23.88 16.14 27.12
CA PHE C 217 25.28 16.00 26.70
C PHE C 217 25.60 14.80 25.76
N PRO C 218 24.96 13.62 25.96
CA PRO C 218 25.32 12.54 25.03
C PRO C 218 24.82 12.72 23.59
N TYR C 219 23.93 13.69 23.36
CA TYR C 219 23.31 13.90 22.06
C TYR C 219 23.79 15.16 21.35
N LYS C 220 24.78 15.82 21.95
CA LYS C 220 25.32 17.08 21.43
C LYS C 220 25.83 17.02 19.99
N CYS C 221 26.40 15.89 19.60
CA CYS C 221 26.96 15.72 18.26
C CYS C 221 25.94 15.24 17.22
N LEU C 222 24.72 14.94 17.67
CA LEU C 222 23.71 14.35 16.79
C LEU C 222 22.94 15.40 16.00
N ASN C 223 23.64 16.07 15.09
CA ASN C 223 23.06 17.22 14.41
C ASN C 223 22.15 16.89 13.22
N SER C 224 21.89 15.59 13.01
CA SER C 224 20.86 15.14 12.08
C SER C 224 19.65 14.53 12.79
N LEU C 225 19.69 14.47 14.13
CA LEU C 225 18.68 13.75 14.89
C LEU C 225 17.32 14.46 14.86
N GLN C 226 16.29 13.72 14.46
CA GLN C 226 14.94 14.25 14.33
C GLN C 226 13.98 13.71 15.40
N VAL C 227 14.15 12.44 15.76
CA VAL C 227 13.25 11.76 16.71
C VAL C 227 14.06 11.08 17.81
N LEU C 228 13.75 11.42 19.07
CA LEU C 228 14.36 10.78 20.22
C LEU C 228 13.25 10.18 21.08
N ASP C 229 13.22 8.86 21.18
CA ASP C 229 12.17 8.16 21.93
C ASP C 229 12.69 7.67 23.28
N TYR C 230 12.29 8.37 24.34
CA TYR C 230 12.62 7.98 25.70
C TYR C 230 11.38 7.59 26.53
N SER C 231 10.30 7.24 25.84
CA SER C 231 9.08 6.74 26.51
C SER C 231 9.37 5.51 27.35
N LEU C 232 8.54 5.27 28.36
CA LEU C 232 8.54 4.01 29.11
C LEU C 232 9.84 3.70 29.89
N ASN C 233 10.56 4.75 30.25
CA ASN C 233 11.70 4.63 31.16
C ASN C 233 11.28 5.07 32.57
N HIS C 234 12.26 5.33 33.44
CA HIS C 234 11.97 5.78 34.80
C HIS C 234 12.59 7.15 35.06
N ILE C 235 12.52 8.01 34.06
CA ILE C 235 13.22 9.29 34.09
C ILE C 235 12.63 10.23 35.16
N MET C 236 13.49 10.72 36.04
CA MET C 236 13.05 11.65 37.10
C MET C 236 14.07 12.74 37.45
N THR C 237 15.22 12.73 36.78
CA THR C 237 16.29 13.69 37.05
C THR C 237 17.28 13.73 35.90
N SER C 238 18.34 14.52 36.05
CA SER C 238 19.46 14.53 35.12
C SER C 238 20.76 14.39 35.88
N LYS C 239 21.80 13.87 35.23
CA LYS C 239 23.14 13.85 35.80
C LYS C 239 23.62 15.27 36.08
N LYS C 240 23.60 16.10 35.05
CA LYS C 240 24.07 17.48 35.15
C LYS C 240 22.97 18.37 35.70
N GLN C 241 23.35 19.25 36.62
CA GLN C 241 22.43 20.19 37.23
C GLN C 241 21.90 21.18 36.20
N GLU C 242 22.78 21.60 35.28
CA GLU C 242 22.41 22.55 34.24
C GLU C 242 22.28 21.84 32.90
N LEU C 243 21.04 21.57 32.52
CA LEU C 243 20.76 20.95 31.24
C LEU C 243 20.78 22.00 30.14
N GLN C 244 21.28 21.62 28.98
CA GLN C 244 21.31 22.53 27.84
C GLN C 244 20.12 22.22 26.93
N HIS C 245 20.32 22.36 25.63
CA HIS C 245 19.27 22.04 24.67
C HIS C 245 19.66 20.80 23.90
N PHE C 246 18.67 20.09 23.37
CA PHE C 246 18.93 19.02 22.42
C PHE C 246 19.41 19.65 21.11
N PRO C 247 19.98 18.85 20.19
CA PRO C 247 20.37 19.40 18.90
C PRO C 247 19.20 20.12 18.23
N SER C 248 19.52 21.19 17.51
CA SER C 248 18.51 22.00 16.82
C SER C 248 17.73 21.23 15.76
N SER C 249 18.28 20.11 15.28
CA SER C 249 17.58 19.27 14.30
C SER C 249 16.35 18.56 14.89
N LEU C 250 16.34 18.38 16.21
CA LEU C 250 15.29 17.56 16.85
C LEU C 250 13.88 18.12 16.67
N ALA C 251 12.97 17.24 16.28
CA ALA C 251 11.56 17.59 16.06
C ALA C 251 10.64 16.95 17.09
N PHE C 252 10.97 15.75 17.54
CA PHE C 252 10.13 14.99 18.45
C PHE C 252 10.94 14.39 19.58
N LEU C 253 10.49 14.65 20.80
CA LEU C 253 11.03 14.02 22.00
C LEU C 253 9.88 13.32 22.71
N ASN C 254 9.91 11.98 22.73
CA ASN C 254 8.87 11.21 23.41
C ASN C 254 9.27 10.87 24.84
N LEU C 255 8.57 11.45 25.81
CA LEU C 255 8.81 11.18 27.23
C LEU C 255 7.59 10.58 27.94
N THR C 256 6.63 10.08 27.16
CA THR C 256 5.42 9.50 27.73
C THR C 256 5.74 8.29 28.61
N GLN C 257 4.89 8.07 29.62
CA GLN C 257 4.96 6.87 30.45
C GLN C 257 6.31 6.70 31.16
N ASN C 258 6.85 7.82 31.64
CA ASN C 258 7.99 7.82 32.55
C ASN C 258 7.50 8.06 33.97
N ASP C 259 8.20 7.48 34.93
CA ASP C 259 7.84 7.58 36.35
C ASP C 259 8.38 8.87 36.96
N PHE C 260 7.85 10.00 36.51
CA PHE C 260 8.29 11.31 37.01
C PHE C 260 8.05 11.43 38.50
N ALA C 261 9.00 12.07 39.19
CA ALA C 261 8.89 12.29 40.62
C ALA C 261 8.59 13.77 40.83
N CYS C 262 7.32 14.07 41.07
CA CYS C 262 6.87 15.45 41.13
C CYS C 262 7.02 16.06 42.53
N THR C 263 8.27 16.14 42.97
CA THR C 263 8.64 16.65 44.29
C THR C 263 9.56 17.86 44.19
N CYS C 264 9.67 18.60 45.29
CA CYS C 264 10.58 19.75 45.37
C CYS C 264 12.02 19.38 45.04
N GLU C 265 12.41 18.16 45.38
CA GLU C 265 13.75 17.66 45.04
C GLU C 265 14.02 17.68 43.53
N HIS C 266 12.96 17.72 42.72
CA HIS C 266 13.12 17.72 41.26
C HIS C 266 12.48 18.91 40.57
N GLN C 267 12.36 20.02 41.31
CA GLN C 267 11.76 21.25 40.79
C GLN C 267 12.45 21.72 39.52
N SER C 268 13.78 21.71 39.52
CA SER C 268 14.59 22.18 38.39
C SER C 268 14.43 21.31 37.15
N PHE C 269 14.52 19.99 37.34
CA PHE C 269 14.35 19.06 36.23
C PHE C 269 12.99 19.21 35.58
N LEU C 270 11.95 19.26 36.41
CA LEU C 270 10.58 19.39 35.91
C LEU C 270 10.33 20.72 35.21
N GLN C 271 10.97 21.79 35.68
CA GLN C 271 10.91 23.07 34.98
C GLN C 271 11.53 22.95 33.58
N TRP C 272 12.68 22.28 33.50
CA TRP C 272 13.34 22.02 32.21
C TRP C 272 12.43 21.19 31.29
N ILE C 273 11.75 20.18 31.86
CA ILE C 273 10.78 19.37 31.11
C ILE C 273 9.68 20.24 30.49
N LYS C 274 9.09 21.13 31.30
CA LYS C 274 8.09 22.09 30.83
C LYS C 274 8.58 22.91 29.65
N ASP C 275 9.84 23.34 29.73
CA ASP C 275 10.47 24.16 28.70
C ASP C 275 10.71 23.40 27.38
N GLN C 276 10.58 22.07 27.40
CA GLN C 276 10.72 21.26 26.18
C GLN C 276 9.38 21.05 25.48
N ARG C 277 8.34 21.75 25.95
CA ARG C 277 6.96 21.58 25.46
C ARG C 277 6.81 21.39 23.96
N GLN C 278 7.47 22.23 23.16
CA GLN C 278 7.28 22.20 21.71
C GLN C 278 7.86 20.96 21.04
N LEU C 279 8.73 20.24 21.76
CA LEU C 279 9.31 18.98 21.29
C LEU C 279 8.46 17.76 21.68
N LEU C 280 7.72 17.91 22.78
CA LEU C 280 7.06 16.79 23.44
C LEU C 280 5.85 16.23 22.67
N VAL C 281 5.62 14.94 22.83
CA VAL C 281 4.47 14.28 22.20
C VAL C 281 3.51 13.74 23.27
N GLU C 282 2.21 13.83 22.97
CA GLU C 282 1.15 13.32 23.83
C GLU C 282 1.40 13.65 25.29
N VAL C 283 1.47 14.95 25.59
CA VAL C 283 1.84 15.42 26.93
C VAL C 283 0.89 14.94 28.05
N GLU C 284 -0.34 14.59 27.67
CA GLU C 284 -1.31 14.05 28.63
C GLU C 284 -0.85 12.71 29.20
N ARG C 285 0.08 12.06 28.51
CA ARG C 285 0.61 10.76 28.92
C ARG C 285 1.95 10.86 29.63
N MET C 286 2.34 12.10 29.97
CA MET C 286 3.49 12.38 30.82
C MET C 286 2.94 12.73 32.19
N GLU C 287 3.00 11.77 33.10
CA GLU C 287 2.32 11.89 34.39
C GLU C 287 3.24 11.61 35.57
N CYS C 288 2.94 12.25 36.70
CA CYS C 288 3.65 11.97 37.95
C CYS C 288 3.38 10.55 38.42
N ALA C 289 4.43 9.87 38.86
CA ALA C 289 4.28 8.57 39.51
C ALA C 289 4.34 8.74 41.02
N THR C 290 5.09 9.74 41.47
CA THR C 290 5.22 10.08 42.89
C THR C 290 5.19 11.60 43.01
N PRO C 291 4.83 12.15 44.18
CA PRO C 291 4.38 11.48 45.40
C PRO C 291 2.93 11.02 45.25
N SER C 292 2.43 10.28 46.23
CA SER C 292 1.06 9.75 46.18
C SER C 292 0.02 10.82 45.85
N ASP C 293 0.14 12.00 46.46
CA ASP C 293 -0.85 13.06 46.28
C ASP C 293 -0.82 13.73 44.90
N LYS C 294 0.15 13.36 44.07
CA LYS C 294 0.24 13.89 42.72
C LYS C 294 0.25 12.82 41.64
N GLN C 295 0.25 11.55 42.05
CA GLN C 295 0.31 10.42 41.14
C GLN C 295 -0.82 10.46 40.10
N GLY C 296 -0.46 10.40 38.82
CA GLY C 296 -1.45 10.44 37.74
C GLY C 296 -1.69 11.82 37.15
N MET C 297 -1.16 12.84 37.80
CA MET C 297 -1.32 14.20 37.28
C MET C 297 -0.36 14.45 36.11
N PRO C 298 -0.85 15.12 35.05
CA PRO C 298 0.04 15.53 33.97
C PRO C 298 1.11 16.49 34.46
N VAL C 299 2.37 16.18 34.15
CA VAL C 299 3.52 16.91 34.66
C VAL C 299 3.49 18.40 34.27
N LEU C 300 3.01 18.69 33.06
CA LEU C 300 2.99 20.07 32.55
C LEU C 300 1.91 20.95 33.17
N SER C 301 0.95 20.33 33.87
CA SER C 301 -0.13 21.06 34.50
C SER C 301 0.18 21.37 35.98
N LEU C 302 1.42 21.09 36.39
CA LEU C 302 1.85 21.29 37.77
C LEU C 302 2.88 22.40 37.91
N ASN C 303 2.71 23.21 38.95
CA ASN C 303 3.75 24.14 39.37
C ASN C 303 4.35 23.67 40.71
N ILE C 304 5.52 23.03 40.64
CA ILE C 304 6.16 22.51 41.86
C ILE C 304 6.83 23.61 42.66
N THR C 305 6.53 23.65 43.96
CA THR C 305 7.12 24.62 44.87
C THR C 305 7.91 23.94 45.98
N CYS C 306 8.89 24.66 46.52
CA CYS C 306 9.67 24.18 47.64
C CYS C 306 9.29 24.91 48.93
N CYS D 1 -58.76 -53.97 -21.92
CA CYS D 1 -57.41 -53.35 -22.04
C CYS D 1 -57.36 -52.40 -23.24
N PRO D 2 -56.89 -51.15 -23.02
CA PRO D 2 -56.77 -50.16 -24.08
C PRO D 2 -55.94 -50.68 -25.26
N SER D 3 -56.27 -50.20 -26.46
CA SER D 3 -55.60 -50.63 -27.67
C SER D 3 -54.10 -50.39 -27.58
N ARG D 4 -53.33 -51.39 -28.01
CA ARG D 4 -51.88 -51.31 -28.12
C ARG D 4 -51.16 -51.35 -26.77
N CYS D 5 -51.90 -51.75 -25.74
CA CYS D 5 -51.34 -51.85 -24.39
C CYS D 5 -51.34 -53.28 -23.89
N SER D 6 -50.56 -53.53 -22.85
CA SER D 6 -50.58 -54.78 -22.11
C SER D 6 -51.11 -54.50 -20.71
N CYS D 7 -52.04 -55.33 -20.25
CA CYS D 7 -52.68 -55.15 -18.95
C CYS D 7 -52.48 -56.35 -18.05
N SER D 8 -52.04 -56.07 -16.82
CA SER D 8 -51.88 -57.10 -15.78
C SER D 8 -52.33 -56.49 -14.46
N GLY D 9 -53.45 -56.99 -13.93
CA GLY D 9 -54.04 -56.43 -12.73
C GLY D 9 -54.46 -55.00 -12.99
N THR D 10 -53.94 -54.07 -12.20
CA THR D 10 -54.25 -52.66 -12.40
C THR D 10 -53.10 -51.91 -13.10
N GLU D 11 -52.17 -52.67 -13.69
CA GLU D 11 -51.03 -52.09 -14.39
C GLU D 11 -51.27 -52.11 -15.89
N ILE D 12 -50.96 -50.98 -16.54
CA ILE D 12 -51.10 -50.84 -17.99
C ILE D 12 -49.79 -50.32 -18.58
N ARG D 13 -49.24 -51.07 -19.53
CA ARG D 13 -48.02 -50.67 -20.25
C ARG D 13 -48.30 -50.55 -21.73
N CYS D 14 -48.00 -49.38 -22.29
CA CYS D 14 -48.15 -49.14 -23.73
C CYS D 14 -46.85 -48.53 -24.27
N ASN D 15 -45.76 -49.29 -24.12
CA ASN D 15 -44.40 -48.80 -24.45
C ASN D 15 -43.91 -49.17 -25.84
N SER D 16 -43.15 -48.26 -26.44
CA SER D 16 -42.48 -48.48 -27.73
C SER D 16 -43.47 -48.91 -28.83
N LYS D 17 -44.59 -48.20 -28.92
CA LYS D 17 -45.64 -48.53 -29.87
C LYS D 17 -45.82 -47.43 -30.89
N GLY D 18 -44.91 -46.45 -30.86
CA GLY D 18 -44.94 -45.29 -31.74
C GLY D 18 -46.21 -44.46 -31.63
N LEU D 19 -46.83 -44.46 -30.46
CA LEU D 19 -48.08 -43.76 -30.22
C LEU D 19 -47.92 -42.24 -30.36
N THR D 20 -48.91 -41.62 -31.00
CA THR D 20 -48.94 -40.18 -31.13
C THR D 20 -50.03 -39.56 -30.23
N SER D 21 -50.92 -40.41 -29.71
CA SER D 21 -51.93 -39.97 -28.75
C SER D 21 -52.05 -40.97 -27.62
N VAL D 22 -52.52 -40.50 -26.47
CA VAL D 22 -52.81 -41.37 -25.32
C VAL D 22 -53.97 -42.29 -25.70
N PRO D 23 -53.80 -43.61 -25.47
CA PRO D 23 -54.85 -44.58 -25.72
C PRO D 23 -56.17 -44.20 -25.02
N THR D 24 -57.28 -44.44 -25.70
CA THR D 24 -58.59 -44.11 -25.17
C THR D 24 -59.06 -45.24 -24.27
N GLY D 25 -59.95 -44.91 -23.32
CA GLY D 25 -60.58 -45.91 -22.47
C GLY D 25 -59.72 -46.49 -21.37
N ILE D 26 -58.72 -45.74 -20.92
CA ILE D 26 -57.92 -46.14 -19.77
C ILE D 26 -58.81 -46.09 -18.53
N PRO D 27 -58.99 -47.24 -17.85
CA PRO D 27 -59.93 -47.35 -16.74
C PRO D 27 -59.49 -46.59 -15.48
N SER D 28 -60.45 -46.09 -14.72
CA SER D 28 -60.14 -45.31 -13.51
C SER D 28 -59.50 -46.18 -12.42
N SER D 29 -59.59 -47.50 -12.58
CA SER D 29 -59.01 -48.45 -11.64
C SER D 29 -57.49 -48.62 -11.79
N ALA D 30 -56.93 -48.11 -12.90
CA ALA D 30 -55.50 -48.24 -13.17
C ALA D 30 -54.67 -47.62 -12.05
N THR D 31 -53.66 -48.35 -11.59
CA THR D 31 -52.77 -47.84 -10.54
C THR D 31 -51.38 -47.53 -11.08
N ARG D 32 -51.00 -48.21 -12.16
CA ARG D 32 -49.72 -47.97 -12.83
C ARG D 32 -49.92 -47.83 -14.34
N LEU D 33 -49.30 -46.80 -14.91
CA LEU D 33 -49.43 -46.51 -16.33
C LEU D 33 -48.09 -46.10 -16.93
N GLU D 34 -47.69 -46.82 -17.98
CA GLU D 34 -46.45 -46.51 -18.69
C GLU D 34 -46.75 -46.27 -20.16
N LEU D 35 -46.32 -45.11 -20.66
CA LEU D 35 -46.47 -44.78 -22.06
C LEU D 35 -45.10 -44.37 -22.63
N GLU D 36 -44.09 -45.20 -22.36
CA GLU D 36 -42.70 -44.86 -22.65
C GLU D 36 -42.29 -45.08 -24.09
N SER D 37 -41.27 -44.33 -24.53
CA SER D 37 -40.67 -44.51 -25.86
C SER D 37 -41.71 -44.48 -26.98
N ASN D 38 -42.56 -43.45 -26.92
CA ASN D 38 -43.55 -43.22 -27.96
C ASN D 38 -43.27 -41.89 -28.67
N LYS D 39 -44.28 -41.34 -29.35
CA LYS D 39 -44.12 -40.08 -30.06
C LYS D 39 -45.21 -39.09 -29.66
N LEU D 40 -45.51 -39.07 -28.36
CA LEU D 40 -46.48 -38.14 -27.81
C LEU D 40 -45.87 -36.74 -27.79
N GLN D 41 -46.52 -35.82 -28.50
CA GLN D 41 -46.02 -34.46 -28.61
C GLN D 41 -46.86 -33.51 -27.77
N SER D 42 -48.01 -34.00 -27.33
CA SER D 42 -48.90 -33.23 -26.47
C SER D 42 -49.87 -34.15 -25.74
N LEU D 43 -50.39 -33.65 -24.63
CA LEU D 43 -51.44 -34.34 -23.88
C LEU D 43 -52.62 -33.38 -23.77
N PRO D 44 -53.82 -33.84 -24.19
CA PRO D 44 -54.99 -32.97 -24.09
C PRO D 44 -55.24 -32.60 -22.64
N HIS D 45 -55.69 -31.36 -22.40
CA HIS D 45 -55.92 -30.89 -21.04
C HIS D 45 -56.86 -31.83 -20.29
N GLY D 46 -56.42 -32.26 -19.11
CA GLY D 46 -57.20 -33.17 -18.26
C GLY D 46 -57.41 -34.57 -18.80
N VAL D 47 -56.44 -35.06 -19.58
CA VAL D 47 -56.47 -36.43 -20.10
C VAL D 47 -56.39 -37.48 -18.98
N PHE D 48 -55.78 -37.11 -17.87
CA PHE D 48 -55.58 -38.03 -16.75
C PHE D 48 -56.55 -37.81 -15.58
N ASP D 49 -57.51 -36.90 -15.77
CA ASP D 49 -58.43 -36.49 -14.69
C ASP D 49 -59.20 -37.63 -14.01
N LYS D 50 -59.41 -38.74 -14.72
CA LYS D 50 -60.18 -39.86 -14.20
C LYS D 50 -59.31 -40.90 -13.52
N LEU D 51 -57.99 -40.77 -13.66
CA LEU D 51 -57.05 -41.76 -13.15
C LEU D 51 -56.65 -41.43 -11.72
N THR D 52 -57.61 -41.52 -10.80
CA THR D 52 -57.43 -41.09 -9.41
C THR D 52 -56.73 -42.11 -8.53
N GLN D 53 -56.53 -43.32 -9.04
CA GLN D 53 -55.91 -44.42 -8.29
C GLN D 53 -54.44 -44.62 -8.67
N LEU D 54 -53.93 -43.74 -9.52
CA LEU D 54 -52.59 -43.86 -10.07
C LEU D 54 -51.52 -43.67 -8.99
N THR D 55 -50.61 -44.63 -8.87
CA THR D 55 -49.47 -44.52 -7.95
C THR D 55 -48.17 -44.46 -8.73
N LYS D 56 -48.22 -44.86 -9.99
CA LYS D 56 -47.04 -44.89 -10.85
C LYS D 56 -47.39 -44.40 -12.25
N LEU D 57 -46.61 -43.44 -12.73
CA LEU D 57 -46.79 -42.91 -14.07
C LEU D 57 -45.43 -42.66 -14.73
N SER D 58 -45.23 -43.24 -15.92
CA SER D 58 -44.03 -42.98 -16.70
C SER D 58 -44.38 -42.53 -18.11
N LEU D 59 -43.86 -41.37 -18.48
CA LEU D 59 -44.05 -40.80 -19.81
C LEU D 59 -42.67 -40.61 -20.45
N SER D 60 -41.71 -41.40 -20.00
CA SER D 60 -40.32 -41.32 -20.43
C SER D 60 -40.17 -41.49 -21.95
N SER D 61 -39.33 -40.66 -22.57
CA SER D 61 -39.00 -40.73 -24.02
C SER D 61 -40.15 -40.39 -25.02
N ASN D 62 -40.67 -39.17 -24.95
CA ASN D 62 -41.70 -38.67 -25.85
C ASN D 62 -41.26 -37.25 -26.25
N GLY D 63 -42.13 -36.44 -26.84
CA GLY D 63 -41.72 -35.10 -27.19
C GLY D 63 -42.57 -34.06 -26.42
N LEU D 64 -42.85 -34.40 -25.17
CA LEU D 64 -43.70 -33.61 -24.30
C LEU D 64 -43.06 -32.42 -23.59
N SER D 65 -43.78 -31.31 -23.61
CA SER D 65 -43.40 -30.14 -22.84
C SER D 65 -44.51 -29.80 -21.87
N PHE D 66 -44.13 -29.40 -20.65
CA PHE D 66 -45.09 -29.08 -19.61
C PHE D 66 -44.92 -27.63 -19.21
N LYS D 67 -45.91 -26.80 -19.57
CA LYS D 67 -45.89 -25.36 -19.29
C LYS D 67 -46.08 -25.10 -17.80
N GLY D 68 -46.66 -26.07 -17.10
CA GLY D 68 -46.89 -25.98 -15.67
C GLY D 68 -46.90 -27.34 -15.02
N CYS D 69 -45.72 -27.78 -14.58
CA CYS D 69 -45.56 -29.00 -13.79
C CYS D 69 -45.31 -28.55 -12.35
N CYS D 70 -45.66 -29.33 -11.32
CA CYS D 70 -46.35 -30.61 -11.38
C CYS D 70 -47.33 -30.58 -10.23
N SER D 71 -48.54 -31.09 -10.45
CA SER D 71 -49.63 -30.93 -9.52
C SER D 71 -50.63 -32.05 -9.73
N GLN D 72 -51.50 -32.28 -8.76
CA GLN D 72 -52.57 -33.27 -8.91
C GLN D 72 -53.52 -32.93 -10.06
N SER D 73 -53.60 -31.65 -10.42
CA SER D 73 -54.44 -31.22 -11.53
C SER D 73 -53.85 -31.65 -12.89
N ASP D 74 -52.54 -31.91 -12.91
CA ASP D 74 -51.85 -32.36 -14.12
C ASP D 74 -52.04 -33.85 -14.38
N PHE D 75 -52.18 -34.63 -13.31
CA PHE D 75 -52.18 -36.09 -13.42
C PHE D 75 -53.37 -36.78 -12.75
N GLY D 76 -54.33 -36.00 -12.26
CA GLY D 76 -55.58 -36.54 -11.70
C GLY D 76 -55.49 -37.08 -10.28
N THR D 77 -54.45 -37.88 -10.03
CA THR D 77 -54.26 -38.57 -8.77
C THR D 77 -53.59 -37.71 -7.69
N THR D 78 -53.89 -38.00 -6.42
CA THR D 78 -53.14 -37.40 -5.30
C THR D 78 -52.28 -38.43 -4.58
N SER D 79 -52.23 -39.65 -5.13
CA SER D 79 -51.48 -40.75 -4.52
C SER D 79 -50.29 -41.24 -5.36
N LEU D 80 -49.79 -40.37 -6.24
CA LEU D 80 -48.59 -40.69 -7.02
C LEU D 80 -47.38 -40.93 -6.10
N LYS D 81 -46.71 -42.05 -6.32
CA LYS D 81 -45.45 -42.37 -5.62
C LYS D 81 -44.24 -42.39 -6.56
N TYR D 82 -44.51 -42.47 -7.86
CA TYR D 82 -43.46 -42.66 -8.87
C TYR D 82 -43.83 -41.86 -10.12
N LEU D 83 -42.97 -40.91 -10.47
CA LEU D 83 -43.18 -40.11 -11.67
C LEU D 83 -41.90 -40.03 -12.48
N ASP D 84 -42.00 -40.41 -13.75
CA ASP D 84 -40.87 -40.36 -14.67
C ASP D 84 -41.25 -39.53 -15.90
N LEU D 85 -40.63 -38.35 -16.01
CA LEU D 85 -40.84 -37.44 -17.14
C LEU D 85 -39.54 -37.23 -17.91
N SER D 86 -38.63 -38.19 -17.81
CA SER D 86 -37.31 -38.10 -18.42
C SER D 86 -37.39 -38.18 -19.95
N PHE D 87 -36.32 -37.73 -20.60
CA PHE D 87 -36.19 -37.76 -22.07
C PHE D 87 -37.39 -37.14 -22.76
N ASN D 88 -37.77 -35.95 -22.32
CA ASN D 88 -38.84 -35.20 -22.92
C ASN D 88 -38.37 -33.79 -23.29
N GLY D 89 -39.30 -32.85 -23.43
CA GLY D 89 -38.95 -31.49 -23.84
C GLY D 89 -38.71 -30.55 -22.67
N VAL D 90 -39.35 -29.39 -22.71
CA VAL D 90 -39.18 -28.39 -21.67
C VAL D 90 -40.19 -28.61 -20.56
N ILE D 91 -39.71 -28.63 -19.32
CA ILE D 91 -40.57 -28.76 -18.16
C ILE D 91 -40.42 -27.53 -17.29
N THR D 92 -41.45 -26.70 -17.28
CA THR D 92 -41.46 -25.49 -16.46
C THR D 92 -42.18 -25.75 -15.15
N MET D 93 -41.50 -25.44 -14.05
CA MET D 93 -42.09 -25.59 -12.73
C MET D 93 -42.91 -24.35 -12.38
N SER D 94 -44.22 -24.51 -12.28
CA SER D 94 -45.10 -23.44 -11.80
C SER D 94 -45.73 -23.79 -10.46
N SER D 95 -45.85 -25.09 -10.19
CA SER D 95 -46.45 -25.60 -8.97
C SER D 95 -45.50 -26.56 -8.25
N ASN D 96 -45.32 -26.36 -6.95
CA ASN D 96 -44.37 -27.15 -6.17
C ASN D 96 -44.97 -28.48 -5.67
N PHE D 97 -45.35 -29.31 -6.63
CA PHE D 97 -45.88 -30.66 -6.40
C PHE D 97 -47.11 -30.68 -5.48
N LEU D 98 -47.99 -29.70 -5.70
CA LEU D 98 -49.23 -29.60 -4.94
C LEU D 98 -50.08 -30.84 -5.17
N GLY D 99 -50.32 -31.59 -4.09
CA GLY D 99 -51.12 -32.81 -4.15
C GLY D 99 -50.32 -34.03 -4.53
N LEU D 100 -49.00 -33.87 -4.64
CA LEU D 100 -48.11 -34.96 -5.02
C LEU D 100 -47.07 -35.25 -3.94
N GLU D 101 -47.46 -35.00 -2.68
CA GLU D 101 -46.55 -35.11 -1.55
C GLU D 101 -46.14 -36.54 -1.20
N GLN D 102 -46.81 -37.52 -1.81
CA GLN D 102 -46.48 -38.92 -1.57
C GLN D 102 -45.35 -39.45 -2.48
N LEU D 103 -44.84 -38.59 -3.36
CA LEU D 103 -43.79 -38.98 -4.31
C LEU D 103 -42.57 -39.59 -3.61
N GLU D 104 -42.13 -40.73 -4.12
CA GLU D 104 -40.96 -41.45 -3.59
C GLU D 104 -39.84 -41.54 -4.62
N HIS D 105 -40.22 -41.51 -5.90
CA HIS D 105 -39.30 -41.63 -7.02
C HIS D 105 -39.65 -40.58 -8.06
N LEU D 106 -38.66 -39.77 -8.44
CA LEU D 106 -38.89 -38.68 -9.40
C LEU D 106 -37.74 -38.61 -10.40
N ASP D 107 -38.07 -38.69 -11.69
CA ASP D 107 -37.05 -38.77 -12.74
C ASP D 107 -37.32 -37.74 -13.84
N PHE D 108 -36.40 -36.78 -13.99
CA PHE D 108 -36.50 -35.70 -14.96
C PHE D 108 -35.36 -35.73 -15.98
N GLN D 109 -34.55 -36.78 -15.95
CA GLN D 109 -33.30 -36.86 -16.70
C GLN D 109 -33.49 -36.54 -18.20
N HIS D 110 -32.61 -35.71 -18.76
CA HIS D 110 -32.62 -35.37 -20.19
C HIS D 110 -33.90 -34.64 -20.65
N SER D 111 -34.51 -33.90 -19.72
CA SER D 111 -35.58 -32.97 -20.04
C SER D 111 -35.13 -31.59 -19.56
N ASN D 112 -35.45 -30.56 -20.33
CA ASN D 112 -35.03 -29.20 -19.98
C ASN D 112 -35.90 -28.58 -18.88
N LEU D 113 -35.43 -28.67 -17.64
CA LEU D 113 -36.14 -28.11 -16.48
C LEU D 113 -35.93 -26.60 -16.35
N LYS D 114 -37.04 -25.90 -16.12
CA LYS D 114 -37.01 -24.45 -15.96
C LYS D 114 -37.73 -24.05 -14.67
N GLN D 115 -37.24 -23.01 -14.01
CA GLN D 115 -37.86 -22.48 -12.78
C GLN D 115 -37.73 -23.44 -11.59
N MET D 116 -36.67 -24.23 -11.59
CA MET D 116 -36.41 -25.18 -10.51
C MET D 116 -35.23 -24.76 -9.63
N SER D 117 -34.13 -24.35 -10.27
CA SER D 117 -32.86 -24.12 -9.58
C SER D 117 -32.82 -22.88 -8.69
N GLU D 118 -33.71 -21.93 -8.94
CA GLU D 118 -33.72 -20.65 -8.24
C GLU D 118 -34.57 -20.71 -6.98
N PHE D 119 -35.26 -21.83 -6.82
CA PHE D 119 -36.25 -21.99 -5.75
C PHE D 119 -36.02 -23.31 -5.03
N SER D 120 -36.88 -23.59 -4.06
CA SER D 120 -36.90 -24.88 -3.36
C SER D 120 -38.19 -25.61 -3.72
N VAL D 121 -38.25 -26.16 -4.93
CA VAL D 121 -39.51 -26.74 -5.43
C VAL D 121 -39.86 -28.07 -4.78
N PHE D 122 -38.86 -28.70 -4.18
CA PHE D 122 -39.00 -30.04 -3.61
C PHE D 122 -39.33 -29.99 -2.11
N LEU D 123 -39.67 -28.79 -1.63
CA LEU D 123 -39.82 -28.54 -0.20
C LEU D 123 -40.83 -29.45 0.49
N SER D 124 -41.91 -29.81 -0.21
CA SER D 124 -42.97 -30.65 0.36
C SER D 124 -42.72 -32.16 0.25
N LEU D 125 -41.68 -32.56 -0.47
CA LEU D 125 -41.46 -33.98 -0.78
C LEU D 125 -40.63 -34.70 0.29
N ARG D 126 -41.19 -34.76 1.50
CA ARG D 126 -40.53 -35.40 2.64
C ARG D 126 -40.37 -36.92 2.48
N ASN D 127 -41.09 -37.51 1.53
CA ASN D 127 -41.03 -38.96 1.28
C ASN D 127 -40.13 -39.36 0.11
N LEU D 128 -39.58 -38.38 -0.60
CA LEU D 128 -38.80 -38.67 -1.79
C LEU D 128 -37.50 -39.38 -1.45
N ILE D 129 -37.23 -40.48 -2.16
CA ILE D 129 -36.05 -41.30 -1.92
C ILE D 129 -35.09 -41.24 -3.11
N TYR D 130 -35.64 -41.03 -4.30
CA TYR D 130 -34.87 -41.05 -5.56
C TYR D 130 -35.18 -39.82 -6.37
N LEU D 131 -34.14 -39.06 -6.72
CA LEU D 131 -34.28 -37.90 -7.59
C LEU D 131 -33.21 -37.90 -8.68
N ASP D 132 -33.65 -37.84 -9.94
CA ASP D 132 -32.73 -37.71 -11.06
C ASP D 132 -33.02 -36.43 -11.84
N ILE D 133 -32.11 -35.47 -11.73
CA ILE D 133 -32.18 -34.24 -12.54
C ILE D 133 -30.93 -34.12 -13.44
N SER D 134 -30.39 -35.26 -13.84
CA SER D 134 -29.23 -35.28 -14.73
C SER D 134 -29.58 -34.70 -16.08
N HIS D 135 -28.65 -33.93 -16.65
CA HIS D 135 -28.78 -33.37 -17.99
C HIS D 135 -30.11 -32.62 -18.17
N THR D 136 -30.39 -31.71 -17.26
CA THR D 136 -31.61 -30.93 -17.29
C THR D 136 -31.37 -29.44 -17.58
N HIS D 137 -30.15 -29.13 -18.03
CA HIS D 137 -29.72 -27.75 -18.26
C HIS D 137 -29.89 -26.91 -17.01
N THR D 138 -29.57 -27.52 -15.87
CA THR D 138 -29.68 -26.85 -14.58
C THR D 138 -28.38 -26.12 -14.25
N ARG D 139 -28.51 -24.84 -13.91
CA ARG D 139 -27.41 -24.05 -13.38
C ARG D 139 -27.62 -23.89 -11.88
N VAL D 140 -26.81 -24.60 -11.10
CA VAL D 140 -26.93 -24.52 -9.65
C VAL D 140 -26.26 -23.26 -9.11
N ALA D 141 -26.99 -22.50 -8.31
CA ALA D 141 -26.44 -21.33 -7.64
C ALA D 141 -27.06 -21.16 -6.26
N PHE D 142 -28.38 -20.91 -6.23
CA PHE D 142 -29.15 -20.88 -4.99
C PHE D 142 -28.89 -22.14 -4.16
N ASN D 143 -28.46 -21.96 -2.92
CA ASN D 143 -28.04 -23.08 -2.06
C ASN D 143 -29.17 -23.98 -1.56
N GLY D 144 -30.41 -23.46 -1.60
CA GLY D 144 -31.55 -24.21 -1.07
C GLY D 144 -32.32 -25.04 -2.07
N ILE D 145 -31.71 -25.29 -3.23
CA ILE D 145 -32.32 -26.07 -4.32
C ILE D 145 -32.99 -27.37 -3.84
N PHE D 146 -32.31 -28.09 -2.94
CA PHE D 146 -32.79 -29.39 -2.45
C PHE D 146 -33.44 -29.35 -1.06
N ASN D 147 -33.78 -28.15 -0.57
CA ASN D 147 -34.44 -28.03 0.74
C ASN D 147 -35.70 -28.88 0.77
N GLY D 148 -35.92 -29.58 1.88
CA GLY D 148 -37.11 -30.42 2.05
C GLY D 148 -36.88 -31.90 1.82
N LEU D 149 -35.76 -32.26 1.20
CA LEU D 149 -35.51 -33.65 0.80
C LEU D 149 -34.78 -34.49 1.87
N SER D 150 -35.34 -34.46 3.07
CA SER D 150 -34.77 -35.14 4.24
C SER D 150 -34.58 -36.65 4.06
N SER D 151 -35.47 -37.29 3.31
CA SER D 151 -35.43 -38.74 3.15
C SER D 151 -34.63 -39.24 1.94
N LEU D 152 -34.15 -38.30 1.13
CA LEU D 152 -33.49 -38.64 -0.13
C LEU D 152 -32.31 -39.59 0.05
N GLU D 153 -32.27 -40.65 -0.75
CA GLU D 153 -31.18 -41.62 -0.72
C GLU D 153 -30.33 -41.63 -1.98
N VAL D 154 -30.96 -41.36 -3.12
CA VAL D 154 -30.27 -41.33 -4.41
C VAL D 154 -30.48 -39.99 -5.09
N LEU D 155 -29.39 -39.30 -5.37
CA LEU D 155 -29.42 -38.03 -6.07
C LEU D 155 -28.50 -38.08 -7.28
N LYS D 156 -29.11 -38.02 -8.46
CA LYS D 156 -28.37 -37.98 -9.71
C LYS D 156 -28.55 -36.61 -10.35
N MET D 157 -27.45 -35.90 -10.54
CA MET D 157 -27.50 -34.55 -11.09
C MET D 157 -26.36 -34.29 -12.07
N ALA D 158 -25.93 -35.36 -12.75
CA ALA D 158 -24.87 -35.31 -13.76
C ALA D 158 -25.22 -34.42 -14.96
N GLY D 159 -24.19 -33.89 -15.62
CA GLY D 159 -24.37 -33.15 -16.87
C GLY D 159 -24.93 -31.75 -16.73
N ASN D 160 -24.85 -31.19 -15.52
CA ASN D 160 -25.30 -29.82 -15.28
C ASN D 160 -24.11 -28.87 -15.08
N SER D 161 -24.31 -27.78 -14.34
CA SER D 161 -23.21 -26.88 -14.02
C SER D 161 -23.52 -26.02 -12.81
N PHE D 162 -22.47 -25.38 -12.28
CA PHE D 162 -22.55 -24.61 -11.04
C PHE D 162 -22.00 -23.19 -11.25
N GLN D 163 -22.63 -22.21 -10.63
CA GLN D 163 -22.10 -20.85 -10.67
C GLN D 163 -20.68 -20.83 -10.09
N GLU D 164 -19.77 -20.22 -10.85
CA GLU D 164 -18.34 -20.14 -10.52
C GLU D 164 -17.64 -21.48 -10.50
N ASN D 165 -18.26 -22.51 -11.11
CA ASN D 165 -17.73 -23.87 -11.09
C ASN D 165 -17.46 -24.36 -9.67
N PHE D 166 -18.30 -23.93 -8.74
CA PHE D 166 -18.06 -24.13 -7.31
C PHE D 166 -19.20 -24.94 -6.70
N LEU D 167 -18.85 -26.03 -6.03
CA LEU D 167 -19.84 -26.85 -5.32
C LEU D 167 -20.06 -26.28 -3.91
N PRO D 168 -21.23 -25.67 -3.67
CA PRO D 168 -21.52 -25.12 -2.34
C PRO D 168 -22.12 -26.19 -1.42
N ASP D 169 -22.38 -25.82 -0.16
CA ASP D 169 -23.02 -26.73 0.80
C ASP D 169 -24.51 -26.85 0.51
N ILE D 170 -24.84 -27.65 -0.50
CA ILE D 170 -26.23 -27.84 -0.92
C ILE D 170 -26.83 -29.16 -0.45
N PHE D 171 -26.01 -29.97 0.23
CA PHE D 171 -26.42 -31.32 0.65
C PHE D 171 -26.65 -31.47 2.15
N THR D 172 -26.58 -30.36 2.87
CA THR D 172 -26.61 -30.39 4.34
C THR D 172 -27.85 -31.06 4.97
N GLU D 173 -28.99 -30.97 4.29
CA GLU D 173 -30.23 -31.59 4.78
C GLU D 173 -30.36 -33.07 4.39
N LEU D 174 -29.49 -33.52 3.50
CA LEU D 174 -29.63 -34.86 2.89
C LEU D 174 -28.82 -35.94 3.61
N ARG D 175 -29.06 -36.06 4.93
CA ARG D 175 -28.29 -36.98 5.76
C ARG D 175 -28.43 -38.46 5.41
N ASN D 176 -29.50 -38.84 4.72
CA ASN D 176 -29.71 -40.23 4.33
C ASN D 176 -29.16 -40.62 2.94
N LEU D 177 -28.51 -39.67 2.26
CA LEU D 177 -27.96 -39.93 0.92
C LEU D 177 -26.99 -41.12 0.91
N THR D 178 -27.19 -42.04 -0.01
CA THR D 178 -26.29 -43.17 -0.21
C THR D 178 -25.57 -43.13 -1.57
N PHE D 179 -26.15 -42.39 -2.51
CA PHE D 179 -25.63 -42.33 -3.89
C PHE D 179 -25.72 -40.89 -4.39
N LEU D 180 -24.58 -40.34 -4.83
CA LEU D 180 -24.55 -38.97 -5.36
C LEU D 180 -23.74 -38.87 -6.64
N ASP D 181 -24.42 -38.48 -7.72
CA ASP D 181 -23.79 -38.37 -9.04
C ASP D 181 -23.63 -36.90 -9.43
N LEU D 182 -22.38 -36.45 -9.44
CA LEU D 182 -22.03 -35.09 -9.79
C LEU D 182 -21.09 -35.06 -10.99
N SER D 183 -21.11 -36.13 -11.78
CA SER D 183 -20.23 -36.24 -12.94
C SER D 183 -20.64 -35.25 -14.03
N GLN D 184 -19.65 -34.83 -14.85
CA GLN D 184 -19.89 -33.95 -15.99
C GLN D 184 -20.56 -32.62 -15.62
N CYS D 185 -20.16 -32.04 -14.50
CA CYS D 185 -20.76 -30.79 -14.03
C CYS D 185 -19.83 -29.56 -14.12
N GLN D 186 -18.71 -29.72 -14.84
CA GLN D 186 -17.73 -28.65 -15.07
C GLN D 186 -17.13 -28.08 -13.77
N LEU D 187 -17.21 -28.83 -12.68
CA LEU D 187 -16.75 -28.36 -11.38
C LEU D 187 -15.23 -28.20 -11.33
N GLU D 188 -14.78 -27.16 -10.63
CA GLU D 188 -13.36 -26.89 -10.47
C GLU D 188 -12.97 -26.74 -9.01
N GLN D 189 -13.94 -26.34 -8.19
CA GLN D 189 -13.70 -26.08 -6.76
C GLN D 189 -14.87 -26.57 -5.94
N LEU D 190 -14.59 -26.96 -4.71
CA LEU D 190 -15.65 -27.37 -3.78
C LEU D 190 -15.49 -26.74 -2.41
N SER D 191 -16.61 -26.46 -1.77
CA SER D 191 -16.60 -26.06 -0.37
C SER D 191 -15.99 -27.21 0.44
N PRO D 192 -15.07 -26.88 1.37
CA PRO D 192 -14.41 -27.93 2.17
C PRO D 192 -15.41 -28.73 3.02
N THR D 193 -16.60 -28.16 3.24
CA THR D 193 -17.62 -28.80 4.07
C THR D 193 -18.80 -29.37 3.26
N ALA D 194 -18.66 -29.40 1.93
CA ALA D 194 -19.75 -29.84 1.05
C ALA D 194 -20.36 -31.20 1.41
N PHE D 195 -19.51 -32.15 1.79
CA PHE D 195 -19.95 -33.54 2.05
C PHE D 195 -19.99 -33.92 3.54
N ASN D 196 -19.75 -32.96 4.43
CA ASN D 196 -19.57 -33.25 5.86
C ASN D 196 -20.72 -33.95 6.57
N SER D 197 -21.95 -33.74 6.12
CA SER D 197 -23.12 -34.34 6.77
C SER D 197 -23.54 -35.70 6.16
N LEU D 198 -22.82 -36.15 5.15
CA LEU D 198 -23.23 -37.32 4.37
C LEU D 198 -22.63 -38.62 4.89
N SER D 199 -22.95 -38.94 6.15
CA SER D 199 -22.38 -40.11 6.85
C SER D 199 -22.78 -41.47 6.30
N SER D 200 -23.83 -41.51 5.47
CA SER D 200 -24.31 -42.77 4.87
C SER D 200 -23.94 -42.92 3.40
N LEU D 201 -23.25 -41.93 2.85
CA LEU D 201 -22.91 -41.93 1.42
C LEU D 201 -21.96 -43.10 1.09
N GLN D 202 -22.34 -43.88 0.08
CA GLN D 202 -21.57 -45.04 -0.34
C GLN D 202 -20.87 -44.84 -1.68
N VAL D 203 -21.52 -44.09 -2.58
CA VAL D 203 -20.97 -43.83 -3.92
C VAL D 203 -20.99 -42.33 -4.23
N LEU D 204 -19.81 -41.79 -4.56
CA LEU D 204 -19.70 -40.39 -4.95
C LEU D 204 -19.04 -40.32 -6.32
N ASN D 205 -19.79 -39.82 -7.29
CA ASN D 205 -19.30 -39.73 -8.66
C ASN D 205 -18.92 -38.30 -9.01
N MET D 206 -17.62 -38.07 -9.16
CA MET D 206 -17.09 -36.77 -9.53
C MET D 206 -16.42 -36.82 -10.92
N SER D 207 -16.74 -37.86 -11.68
CA SER D 207 -16.10 -38.12 -12.98
C SER D 207 -16.32 -37.00 -13.99
N HIS D 208 -15.30 -36.71 -14.80
CA HIS D 208 -15.44 -35.79 -15.93
C HIS D 208 -15.89 -34.39 -15.51
N ASN D 209 -15.40 -33.93 -14.36
CA ASN D 209 -15.47 -32.52 -14.04
C ASN D 209 -14.16 -31.88 -14.50
N ASN D 210 -13.79 -30.73 -13.93
CA ASN D 210 -12.56 -30.06 -14.36
C ASN D 210 -11.63 -29.76 -13.20
N PHE D 211 -11.55 -30.70 -12.26
CA PHE D 211 -10.66 -30.56 -11.10
C PHE D 211 -9.21 -30.74 -11.48
N PHE D 212 -8.35 -29.82 -11.02
CA PHE D 212 -6.91 -29.90 -11.23
C PHE D 212 -6.18 -30.44 -10.01
N SER D 213 -6.91 -30.61 -8.91
CA SER D 213 -6.34 -31.13 -7.67
C SER D 213 -7.23 -32.17 -7.01
N LEU D 214 -6.61 -32.98 -6.17
CA LEU D 214 -7.31 -33.97 -5.36
C LEU D 214 -6.81 -33.88 -3.93
N ASP D 215 -7.73 -33.89 -2.97
CA ASP D 215 -7.37 -33.87 -1.57
C ASP D 215 -8.16 -34.91 -0.80
N THR D 216 -7.69 -35.23 0.40
CA THR D 216 -8.38 -36.20 1.26
C THR D 216 -9.30 -35.50 2.27
N PHE D 217 -9.00 -34.25 2.61
CA PHE D 217 -9.75 -33.53 3.65
C PHE D 217 -11.28 -33.39 3.44
N PRO D 218 -11.75 -33.20 2.19
CA PRO D 218 -13.22 -33.08 2.06
C PRO D 218 -14.00 -34.39 2.27
N TYR D 219 -13.29 -35.52 2.32
CA TYR D 219 -13.93 -36.83 2.43
C TYR D 219 -13.73 -37.49 3.78
N LYS D 220 -13.12 -36.75 4.71
CA LYS D 220 -12.79 -37.25 6.05
C LYS D 220 -13.98 -37.79 6.84
N CYS D 221 -15.15 -37.18 6.66
CA CYS D 221 -16.36 -37.57 7.38
C CYS D 221 -17.16 -38.68 6.70
N LEU D 222 -16.73 -39.08 5.50
CA LEU D 222 -17.48 -40.04 4.70
C LEU D 222 -17.17 -41.48 5.06
N ASN D 223 -17.53 -41.87 6.28
CA ASN D 223 -17.13 -43.18 6.81
C ASN D 223 -17.97 -44.36 6.33
N SER D 224 -18.91 -44.11 5.41
CA SER D 224 -19.61 -45.18 4.69
C SER D 224 -19.19 -45.27 3.22
N LEU D 225 -18.30 -44.37 2.77
CA LEU D 225 -17.95 -44.27 1.35
C LEU D 225 -17.18 -45.47 0.84
N GLN D 226 -17.69 -46.09 -0.23
CA GLN D 226 -17.07 -47.29 -0.81
C GLN D 226 -16.43 -47.03 -2.17
N VAL D 227 -17.04 -46.13 -2.96
CA VAL D 227 -16.60 -45.85 -4.33
C VAL D 227 -16.46 -44.34 -4.53
N LEU D 228 -15.27 -43.91 -4.96
CA LEU D 228 -15.02 -42.51 -5.29
C LEU D 228 -14.52 -42.46 -6.73
N ASP D 229 -15.31 -41.86 -7.61
CA ASP D 229 -14.97 -41.78 -9.03
C ASP D 229 -14.46 -40.39 -9.39
N TYR D 230 -13.15 -40.30 -9.61
CA TYR D 230 -12.50 -39.06 -10.04
C TYR D 230 -11.87 -39.18 -11.44
N SER D 231 -12.32 -40.17 -12.21
CA SER D 231 -11.85 -40.34 -13.58
C SER D 231 -12.13 -39.09 -14.43
N LEU D 232 -11.36 -38.92 -15.50
CA LEU D 232 -11.65 -37.91 -16.53
C LEU D 232 -11.63 -36.45 -16.04
N ASN D 233 -10.88 -36.20 -14.97
CA ASN D 233 -10.58 -34.83 -14.55
C ASN D 233 -9.19 -34.41 -15.03
N HIS D 234 -8.64 -33.35 -14.45
CA HIS D 234 -7.30 -32.87 -14.82
C HIS D 234 -6.38 -32.88 -13.61
N ILE D 235 -6.50 -33.92 -12.79
CA ILE D 235 -5.82 -33.97 -11.50
C ILE D 235 -4.31 -34.10 -11.67
N MET D 236 -3.57 -33.19 -11.04
CA MET D 236 -2.11 -33.21 -11.12
C MET D 236 -1.39 -32.81 -9.82
N THR D 237 -2.17 -32.44 -8.81
CA THR D 237 -1.62 -31.99 -7.53
C THR D 237 -2.68 -32.07 -6.43
N SER D 238 -2.32 -31.62 -5.23
CA SER D 238 -3.26 -31.49 -4.12
C SER D 238 -3.13 -30.09 -3.54
N LYS D 239 -4.19 -29.60 -2.90
CA LYS D 239 -4.13 -28.34 -2.15
C LYS D 239 -3.12 -28.47 -1.02
N LYS D 240 -3.31 -29.47 -0.17
CA LYS D 240 -2.46 -29.69 1.00
C LYS D 240 -1.20 -30.44 0.59
N GLN D 241 -0.06 -29.99 1.11
CA GLN D 241 1.22 -30.62 0.84
C GLN D 241 1.27 -32.03 1.42
N GLU D 242 0.67 -32.20 2.59
CA GLU D 242 0.63 -33.49 3.26
C GLU D 242 -0.75 -34.11 3.16
N LEU D 243 -0.89 -35.05 2.24
CA LEU D 243 -2.13 -35.78 2.07
C LEU D 243 -2.22 -36.89 3.09
N GLN D 244 -3.43 -37.12 3.59
CA GLN D 244 -3.66 -38.20 4.54
C GLN D 244 -4.20 -39.41 3.79
N HIS D 245 -5.07 -40.18 4.44
CA HIS D 245 -5.71 -41.31 3.80
C HIS D 245 -7.18 -41.00 3.57
N PHE D 246 -7.77 -41.68 2.58
CA PHE D 246 -9.21 -41.65 2.41
C PHE D 246 -9.85 -42.43 3.57
N PRO D 247 -11.18 -42.28 3.76
CA PRO D 247 -11.83 -43.08 4.80
C PRO D 247 -11.54 -44.55 4.64
N SER D 248 -11.42 -45.24 5.77
CA SER D 248 -11.13 -46.68 5.78
C SER D 248 -12.19 -47.54 5.09
N SER D 249 -13.40 -46.99 4.93
CA SER D 249 -14.47 -47.70 4.22
C SER D 249 -14.22 -47.83 2.71
N LEU D 250 -13.41 -46.94 2.16
CA LEU D 250 -13.22 -46.88 0.71
C LEU D 250 -12.62 -48.16 0.11
N ALA D 251 -13.25 -48.64 -0.97
CA ALA D 251 -12.81 -49.84 -1.68
C ALA D 251 -12.26 -49.54 -3.07
N PHE D 252 -12.82 -48.52 -3.72
CA PHE D 252 -12.46 -48.19 -5.09
C PHE D 252 -12.25 -46.69 -5.25
N LEU D 253 -11.10 -46.33 -5.81
CA LEU D 253 -10.81 -44.96 -6.21
C LEU D 253 -10.46 -44.98 -7.69
N ASN D 254 -11.32 -44.38 -8.52
CA ASN D 254 -11.09 -44.32 -9.95
C ASN D 254 -10.39 -43.01 -10.34
N LEU D 255 -9.14 -43.12 -10.78
CA LEU D 255 -8.36 -41.95 -11.24
C LEU D 255 -7.94 -42.06 -12.72
N THR D 256 -8.58 -42.97 -13.46
CA THR D 256 -8.26 -43.15 -14.87
C THR D 256 -8.50 -41.89 -15.68
N GLN D 257 -7.73 -41.72 -16.75
CA GLN D 257 -7.93 -40.64 -17.71
C GLN D 257 -7.88 -39.24 -17.08
N ASN D 258 -6.94 -39.07 -16.15
CA ASN D 258 -6.57 -37.75 -15.63
C ASN D 258 -5.28 -37.29 -16.29
N ASP D 259 -5.15 -35.98 -16.49
CA ASP D 259 -3.98 -35.38 -17.12
C ASP D 259 -2.85 -35.20 -16.13
N PHE D 260 -2.29 -36.31 -15.64
CA PHE D 260 -1.19 -36.25 -14.68
C PHE D 260 0.01 -35.53 -15.26
N ALA D 261 0.70 -34.77 -14.42
CA ALA D 261 1.88 -34.03 -14.82
C ALA D 261 3.08 -34.73 -14.18
N CYS D 262 3.76 -35.54 -14.96
CA CYS D 262 4.84 -36.38 -14.44
C CYS D 262 6.18 -35.66 -14.41
N THR D 263 6.23 -34.59 -13.60
CA THR D 263 7.41 -33.75 -13.46
C THR D 263 7.90 -33.72 -12.01
N CYS D 264 9.15 -33.28 -11.83
CA CYS D 264 9.73 -33.13 -10.49
C CYS D 264 8.89 -32.23 -9.59
N GLU D 265 8.22 -31.24 -10.18
CA GLU D 265 7.32 -30.37 -9.42
C GLU D 265 6.18 -31.15 -8.74
N HIS D 266 5.91 -32.36 -9.20
CA HIS D 266 4.82 -33.17 -8.62
C HIS D 266 5.27 -34.53 -8.09
N GLN D 267 6.56 -34.61 -7.74
CA GLN D 267 7.14 -35.84 -7.24
C GLN D 267 6.38 -36.39 -6.04
N SER D 268 6.04 -35.50 -5.10
CA SER D 268 5.34 -35.89 -3.86
C SER D 268 3.92 -36.39 -4.12
N PHE D 269 3.18 -35.67 -4.94
CA PHE D 269 1.81 -36.06 -5.28
C PHE D 269 1.79 -37.43 -5.94
N LEU D 270 2.68 -37.62 -6.91
CA LEU D 270 2.75 -38.87 -7.65
C LEU D 270 3.19 -40.04 -6.78
N GLN D 271 4.05 -39.78 -5.81
CA GLN D 271 4.41 -40.79 -4.82
C GLN D 271 3.18 -41.21 -4.00
N TRP D 272 2.39 -40.23 -3.57
CA TRP D 272 1.14 -40.49 -2.86
C TRP D 272 0.16 -41.30 -3.72
N ILE D 273 0.09 -40.98 -5.01
CA ILE D 273 -0.73 -41.73 -5.98
C ILE D 273 -0.33 -43.21 -6.01
N LYS D 274 0.98 -43.46 -6.13
CA LYS D 274 1.53 -44.83 -6.09
C LYS D 274 1.10 -45.58 -4.83
N ASP D 275 1.15 -44.89 -3.71
CA ASP D 275 0.77 -45.46 -2.42
C ASP D 275 -0.72 -45.82 -2.29
N GLN D 276 -1.55 -45.32 -3.23
CA GLN D 276 -2.98 -45.65 -3.25
C GLN D 276 -3.28 -46.88 -4.11
N ARG D 277 -2.23 -47.56 -4.55
CA ARG D 277 -2.33 -48.70 -5.48
C ARG D 277 -3.50 -49.65 -5.23
N GLN D 278 -3.69 -50.07 -3.98
CA GLN D 278 -4.70 -51.09 -3.66
C GLN D 278 -6.13 -50.59 -3.81
N LEU D 279 -6.30 -49.27 -3.87
CA LEU D 279 -7.61 -48.64 -4.12
C LEU D 279 -7.92 -48.44 -5.60
N LEU D 280 -6.85 -48.31 -6.39
CA LEU D 280 -6.96 -47.85 -7.76
C LEU D 280 -7.56 -48.88 -8.72
N VAL D 281 -8.24 -48.39 -9.75
CA VAL D 281 -8.82 -49.25 -10.77
C VAL D 281 -8.18 -49.01 -12.13
N GLU D 282 -8.01 -50.08 -12.91
CA GLU D 282 -7.46 -50.02 -14.26
C GLU D 282 -6.26 -49.08 -14.35
N VAL D 283 -5.22 -49.40 -13.58
CA VAL D 283 -4.04 -48.52 -13.46
C VAL D 283 -3.32 -48.24 -14.79
N GLU D 284 -3.50 -49.13 -15.77
CA GLU D 284 -2.93 -48.95 -17.10
C GLU D 284 -3.53 -47.71 -17.81
N ARG D 285 -4.68 -47.25 -17.30
CA ARG D 285 -5.37 -46.10 -17.90
C ARG D 285 -5.13 -44.81 -17.10
N MET D 286 -4.18 -44.88 -16.16
CA MET D 286 -3.67 -43.73 -15.44
C MET D 286 -2.32 -43.37 -16.05
N GLU D 287 -2.33 -42.36 -16.90
CA GLU D 287 -1.17 -42.06 -17.74
C GLU D 287 -0.74 -40.60 -17.63
N CYS D 288 0.56 -40.35 -17.80
CA CYS D 288 1.09 -38.99 -17.88
C CYS D 288 0.56 -38.28 -19.12
N ALA D 289 0.17 -37.02 -18.94
CA ALA D 289 -0.19 -36.16 -20.07
C ALA D 289 1.00 -35.26 -20.41
N THR D 290 1.77 -34.91 -19.39
CA THR D 290 2.97 -34.09 -19.53
C THR D 290 4.06 -34.68 -18.63
N PRO D 291 5.34 -34.42 -18.94
CA PRO D 291 5.88 -33.66 -20.07
C PRO D 291 5.83 -34.51 -21.33
N SER D 292 6.19 -33.92 -22.47
CA SER D 292 6.16 -34.62 -23.76
C SER D 292 6.87 -35.96 -23.73
N ASP D 293 8.05 -36.00 -23.11
CA ASP D 293 8.87 -37.22 -23.08
C ASP D 293 8.31 -38.35 -22.21
N LYS D 294 7.24 -38.07 -21.48
CA LYS D 294 6.60 -39.07 -20.63
C LYS D 294 5.13 -39.28 -20.96
N GLN D 295 4.60 -38.49 -21.89
CA GLN D 295 3.19 -38.54 -22.26
C GLN D 295 2.77 -39.94 -22.69
N GLY D 296 1.72 -40.48 -22.06
CA GLY D 296 1.22 -41.81 -22.39
C GLY D 296 1.76 -42.92 -21.51
N MET D 297 2.76 -42.61 -20.71
CA MET D 297 3.32 -43.63 -19.80
C MET D 297 2.41 -43.83 -18.60
N PRO D 298 2.22 -45.09 -18.17
CA PRO D 298 1.49 -45.37 -16.95
C PRO D 298 2.22 -44.75 -15.75
N VAL D 299 1.47 -43.98 -14.95
CA VAL D 299 2.01 -43.24 -13.82
C VAL D 299 2.73 -44.13 -12.80
N LEU D 300 2.17 -45.32 -12.55
CA LEU D 300 2.71 -46.23 -11.54
C LEU D 300 4.01 -46.92 -11.96
N SER D 301 4.33 -46.86 -13.25
CA SER D 301 5.55 -47.48 -13.79
C SER D 301 6.72 -46.49 -13.85
N LEU D 302 6.51 -45.31 -13.26
CA LEU D 302 7.52 -44.25 -13.27
C LEU D 302 8.09 -43.96 -11.90
N ASN D 303 9.40 -43.74 -11.85
CA ASN D 303 10.06 -43.21 -10.67
C ASN D 303 10.55 -41.80 -10.96
N ILE D 304 9.79 -40.79 -10.49
CA ILE D 304 10.14 -39.39 -10.76
C ILE D 304 11.27 -38.92 -9.86
N THR D 305 12.30 -38.32 -10.48
CA THR D 305 13.43 -37.78 -9.74
C THR D 305 13.57 -36.28 -9.97
N CYS D 306 14.17 -35.61 -9.00
CA CYS D 306 14.46 -34.19 -9.10
C CYS D 306 15.95 -33.94 -9.34
C1 NAG E . 27.66 41.06 2.69
C2 NAG E . 28.48 41.27 3.98
C3 NAG E . 27.99 42.48 4.78
C4 NAG E . 27.75 43.72 3.90
C5 NAG E . 27.04 43.35 2.60
C6 NAG E . 26.93 44.54 1.63
C7 NAG E . 29.56 39.50 5.28
C8 NAG E . 29.37 38.44 6.35
N2 NAG E . 28.46 40.09 4.83
O3 NAG E . 28.93 42.76 5.80
O4 NAG E . 26.92 44.66 4.56
O5 NAG E . 27.67 42.26 1.94
O6 NAG E . 28.21 44.91 1.15
O7 NAG E . 30.70 39.77 4.89
C1 NAG E . 27.67 45.64 5.30
C2 NAG E . 26.95 46.98 5.18
C3 NAG E . 27.57 48.05 6.08
C4 NAG E . 27.81 47.54 7.51
C5 NAG E . 28.47 46.16 7.51
C6 NAG E . 28.52 45.55 8.91
C7 NAG E . 25.86 47.83 3.15
C8 NAG E . 26.08 48.43 1.79
N2 NAG E . 26.95 47.42 3.79
O3 NAG E . 26.71 49.15 6.13
O4 NAG E . 28.62 48.46 8.23
O5 NAG E . 27.78 45.26 6.66
O6 NAG E . 27.22 45.31 9.40
O7 NAG E . 24.71 47.74 3.59
C1 BMA E . 27.85 49.21 9.19
C2 BMA E . 28.72 49.42 10.44
C3 BMA E . 28.03 50.33 11.46
C4 BMA E . 27.43 51.59 10.82
C5 BMA E . 26.69 51.30 9.51
C6 BMA E . 26.44 52.62 8.78
O2 BMA E . 29.97 49.96 10.06
O3 BMA E . 28.95 50.71 12.46
O4 BMA E . 26.53 52.19 11.73
O5 BMA E . 27.44 50.45 8.65
O6 BMA E . 25.57 52.42 7.69
C1 NAG F . 25.37 39.83 9.06
C2 NAG F . 26.04 41.18 8.77
C3 NAG F . 27.56 41.02 8.69
C4 NAG F . 28.13 40.24 9.88
C5 NAG F . 27.32 38.96 10.13
C6 NAG F . 27.72 38.25 11.41
C7 NAG F . 24.92 42.92 7.48
C8 NAG F . 24.35 43.30 6.15
N2 NAG F . 25.54 41.74 7.53
O3 NAG F . 28.18 42.30 8.63
O4 NAG F . 29.48 39.94 9.56
O5 NAG F . 25.93 39.26 10.23
O6 NAG F . 26.92 37.10 11.58
O7 NAG F . 24.78 43.68 8.44
C1 NAG F . 30.39 40.49 10.53
C2 NAG F . 31.75 39.83 10.35
C3 NAG F . 32.74 40.38 11.38
C4 NAG F . 32.74 41.90 11.45
C5 NAG F . 31.31 42.47 11.47
C6 NAG F . 31.30 43.98 11.31
C7 NAG F . 31.60 37.54 9.47
C8 NAG F . 30.49 36.54 9.50
N2 NAG F . 31.64 38.39 10.50
O3 NAG F . 34.04 39.91 11.08
O4 NAG F . 33.42 42.30 12.63
O5 NAG F . 30.52 41.90 10.43
O6 NAG F . 30.32 44.54 12.16
O7 NAG F . 32.41 37.53 8.54
C1 NAG G . 31.49 32.37 -21.39
C2 NAG G . 32.89 32.67 -21.95
C3 NAG G . 32.89 34.03 -22.67
C4 NAG G . 31.79 34.08 -23.73
C5 NAG G . 30.44 33.68 -23.10
C6 NAG G . 29.28 33.65 -24.11
C7 NAG G . 34.68 31.56 -20.71
C8 NAG G . 36.06 31.58 -21.29
N2 NAG G . 33.91 32.64 -20.91
O3 NAG G . 34.16 34.29 -23.25
O4 NAG G . 31.73 35.40 -24.29
O5 NAG G . 30.55 32.41 -22.46
O6 NAG G . 29.16 32.38 -24.70
O7 NAG G . 34.30 30.58 -20.06
C1 NAG G . 31.98 35.43 -25.72
C2 NAG G . 31.42 36.72 -26.31
C3 NAG G . 31.61 36.76 -27.83
C4 NAG G . 33.04 36.45 -28.25
C5 NAG G . 33.59 35.24 -27.47
C6 NAG G . 35.08 35.05 -27.71
C7 NAG G . 29.56 38.07 -25.48
C8 NAG G . 28.91 38.98 -26.48
N2 NAG G . 30.02 36.91 -25.95
O3 NAG G . 31.26 38.04 -28.31
O4 NAG G . 33.08 36.15 -29.63
O5 NAG G . 33.35 35.33 -26.07
O6 NAG G . 35.80 36.14 -27.17
O7 NAG G . 29.65 38.41 -24.30
C1 BMA G . 33.47 37.26 -30.47
C2 BMA G . 34.42 36.78 -31.56
C3 BMA G . 34.71 37.87 -32.61
C4 BMA G . 33.44 38.57 -33.08
C5 BMA G . 32.55 38.97 -31.90
C6 BMA G . 31.19 39.49 -32.37
O2 BMA G . 33.88 35.66 -32.22
O3 BMA G . 35.37 37.29 -33.73
O4 BMA G . 33.79 39.71 -33.85
O5 BMA G . 32.32 37.88 -31.04
O6 BMA G . 30.38 39.78 -31.25
C1 FUL G . 29.23 32.48 -26.14
C2 FUL G . 28.32 31.41 -26.74
O2 FUL G . 26.99 31.63 -26.34
C3 FUL G . 28.41 31.43 -28.27
O3 FUL G . 27.68 30.33 -28.81
C4 FUL G . 29.86 31.35 -28.74
O4 FUL G . 30.38 30.07 -28.52
C5 FUL G . 30.70 32.42 -28.03
C6 FUL G . 32.18 32.27 -28.39
O5 FUL G . 30.55 32.32 -26.62
C1 NAG H . 4.91 52.27 12.84
C2 NAG H . 4.09 52.73 14.06
C3 NAG H . 3.20 53.91 13.68
C4 NAG H . 3.99 55.05 13.02
C5 NAG H . 4.90 54.50 11.91
C6 NAG H . 5.87 55.55 11.40
C7 NAG H . 3.37 51.20 15.81
C8 NAG H . 2.34 50.20 16.25
N2 NAG H . 3.27 51.64 14.57
O3 NAG H . 2.56 54.39 14.84
O4 NAG H . 3.04 55.98 12.50
O5 NAG H . 5.66 53.37 12.36
O6 NAG H . 6.29 55.20 10.09
O7 NAG H . 4.26 51.56 16.59
C1 NAG H . 3.18 57.31 13.04
C2 NAG H . 2.54 58.30 12.08
C3 NAG H . 2.63 59.73 12.61
C4 NAG H . 2.10 59.82 14.03
C5 NAG H . 2.75 58.74 14.91
C6 NAG H . 2.15 58.72 16.31
C7 NAG H . 2.43 57.92 9.68
C8 NAG H . 2.33 58.97 8.62
N2 NAG H . 3.15 58.21 10.76
O3 NAG H . 1.88 60.61 11.79
O4 NAG H . 2.38 61.10 14.57
O5 NAG H . 2.60 57.45 14.34
O6 NAG H . 3.05 58.08 17.20
O7 NAG H . 1.86 56.83 9.52
C1 NAG I . -20.36 -3.50 -11.27
C2 NAG I . -19.50 -2.25 -10.97
C3 NAG I . -18.01 -2.60 -10.83
C4 NAG I . -17.77 -3.83 -9.95
C5 NAG I . -18.76 -4.95 -10.26
C6 NAG I . -18.66 -6.11 -9.25
C7 NAG I . -20.00 0.04 -11.74
C8 NAG I . -19.91 1.01 -12.88
N2 NAG I . -19.65 -1.23 -12.00
O3 NAG I . -17.32 -1.48 -10.31
O4 NAG I . -16.47 -4.35 -10.17
O5 NAG I . -20.10 -4.46 -10.26
O6 NAG I . -19.04 -5.69 -7.96
O7 NAG I . -20.37 0.42 -10.63
C1 NAG I . -15.50 -3.81 -9.25
C2 NAG I . -14.52 -4.93 -8.87
C3 NAG I . -13.34 -4.40 -8.06
C4 NAG I . -12.71 -3.15 -8.67
C5 NAG I . -13.79 -2.13 -9.07
C6 NAG I . -13.20 -0.96 -9.87
C7 NAG I . -15.13 -7.26 -8.47
C8 NAG I . -15.77 -8.22 -7.50
N2 NAG I . -15.22 -5.97 -8.15
O3 NAG I . -12.36 -5.42 -8.00
O4 NAG I . -11.80 -2.55 -7.76
O5 NAG I . -14.79 -2.74 -9.86
O6 NAG I . -12.67 -1.42 -11.10
O7 NAG I . -14.58 -7.69 -9.49
C1 BMA I . -10.43 -2.78 -8.15
C2 BMA I . -9.62 -1.53 -7.80
C3 BMA I . -8.12 -1.73 -8.07
C4 BMA I . -7.60 -3.05 -7.50
C5 BMA I . -8.53 -4.24 -7.78
C6 BMA I . -8.12 -5.42 -6.90
O2 BMA I . -9.84 -1.17 -6.45
O3 BMA I . -7.39 -0.66 -7.49
O4 BMA I . -6.33 -3.33 -8.06
O5 BMA I . -9.89 -3.93 -7.50
O6 BMA I . -8.82 -6.59 -7.29
C1 NAG J . -16.05 -0.52 -15.72
C2 NAG J . -15.53 -0.81 -14.31
C3 NAG J . -16.08 0.20 -13.31
C4 NAG J . -15.90 1.64 -13.78
C5 NAG J . -16.35 1.81 -15.23
C6 NAG J . -16.01 3.18 -15.80
C7 NAG J . -15.04 -3.11 -13.61
C8 NAG J . -15.59 -4.47 -13.34
N2 NAG J . -15.92 -2.16 -13.90
O3 NAG J . -15.45 0.03 -12.05
O4 NAG J . -16.66 2.46 -12.92
O5 NAG J . -15.75 0.83 -16.06
O6 NAG J . -16.45 3.22 -17.15
O7 NAG J . -13.81 -2.91 -13.57
C1 NAG J . -15.84 3.42 -12.22
C2 NAG J . -16.73 4.49 -11.61
C3 NAG J . -15.89 5.54 -10.89
C4 NAG J . -14.84 4.93 -9.97
C5 NAG J . -14.10 3.77 -10.64
C6 NAG J . -13.22 3.00 -9.64
C7 NAG J . -18.83 4.81 -12.86
C8 NAG J . -19.18 4.52 -14.29
N2 NAG J . -17.54 5.12 -12.64
O3 NAG J . -16.72 6.41 -10.17
O4 NAG J . -13.91 5.95 -9.61
O5 NAG J . -15.03 2.85 -11.22
O6 NAG J . -12.00 2.66 -10.27
O7 NAG J . -19.69 4.76 -11.99
C1 NAG K . -44.16 -12.28 -6.20
C2 NAG K . -44.72 -11.85 -4.84
C3 NAG K . -44.34 -12.87 -3.75
C4 NAG K . -44.80 -14.28 -4.15
C5 NAG K . -44.26 -14.59 -5.56
C6 NAG K . -44.69 -15.97 -6.07
C7 NAG K . -45.00 -9.42 -4.65
C8 NAG K . -45.75 -8.88 -3.46
N2 NAG K . -44.26 -10.51 -4.47
O3 NAG K . -44.90 -12.50 -2.50
O4 NAG K . -44.31 -15.21 -3.19
O5 NAG K . -44.66 -13.59 -6.49
O6 NAG K . -45.92 -15.89 -6.76
O7 NAG K . -45.09 -8.85 -5.73
C1 NAG K . -45.36 -15.95 -2.53
C2 NAG K . -44.79 -17.23 -1.92
C3 NAG K . -45.89 -18.08 -1.27
C4 NAG K . -46.77 -17.27 -0.31
C5 NAG K . -47.14 -15.92 -0.93
C6 NAG K . -47.82 -15.01 0.09
C7 NAG K . -42.85 -18.52 -2.67
C8 NAG K . -42.80 -19.96 -2.23
N2 NAG K . -44.07 -18.01 -2.91
O3 NAG K . -45.31 -19.16 -0.57
O4 NAG K . -47.95 -17.99 -0.03
O5 NAG K . -46.03 -15.23 -1.50
O6 NAG K . -46.90 -14.66 1.11
O7 NAG K . -41.80 -17.89 -2.79
C1 BMA K . -47.91 -18.72 1.21
C2 BMA K . -49.26 -18.58 1.94
C3 BMA K . -49.37 -19.50 3.16
C4 BMA K . -48.92 -20.92 2.85
C5 BMA K . -47.59 -20.95 2.09
C6 BMA K . -47.25 -22.35 1.60
O2 BMA K . -50.33 -18.87 1.06
O3 BMA K . -50.71 -19.52 3.62
O4 BMA K . -48.82 -21.65 4.07
O5 BMA K . -47.63 -20.09 0.96
O6 BMA K . -46.06 -22.32 0.84
C1 FUL K . -46.90 -16.77 -6.19
C2 FUL K . -47.80 -17.30 -7.30
O2 FUL K . -47.03 -18.02 -8.24
C3 FUL K . -48.90 -18.20 -6.74
O3 FUL K . -49.83 -18.55 -7.76
C4 FUL K . -49.65 -17.51 -5.59
O4 FUL K . -50.47 -16.47 -6.11
C5 FUL K . -48.66 -16.96 -4.56
C6 FUL K . -49.39 -16.16 -3.50
O5 FUL K . -47.68 -16.14 -5.18
C1 NAG L . -0.05 -16.85 -23.73
C2 NAG L . 1.31 -16.85 -24.42
C3 NAG L . 2.05 -18.16 -24.20
C4 NAG L . 2.13 -18.54 -22.71
C5 NAG L . 0.75 -18.40 -22.06
C6 NAG L . 0.83 -18.53 -20.54
C7 NAG L . 1.76 -15.57 -26.45
C8 NAG L . 1.67 -15.55 -27.95
N2 NAG L . 1.18 -16.60 -25.85
O3 NAG L . 3.35 -18.08 -24.72
O4 NAG L . 2.60 -19.88 -22.64
O5 NAG L . 0.14 -17.14 -22.35
O6 NAG L . -0.44 -18.91 -20.03
O7 NAG L . 2.34 -14.67 -25.86
C1 NAG L . 3.83 -20.02 -21.89
C2 NAG L . 3.94 -21.47 -21.40
C3 NAG L . 5.24 -21.69 -20.63
C4 NAG L . 6.45 -21.18 -21.42
C5 NAG L . 6.20 -19.75 -21.90
C6 NAG L . 7.35 -19.26 -22.79
C7 NAG L . 2.01 -22.86 -20.95
C8 NAG L . 1.98 -24.04 -20.01
N2 NAG L . 2.80 -21.84 -20.60
O3 NAG L . 5.41 -23.06 -20.34
O4 NAG L . 7.59 -21.22 -20.59
O5 NAG L . 4.98 -19.66 -22.63
O6 NAG L . 7.33 -17.86 -22.84
O7 NAG L . 1.33 -22.87 -21.97
C1 NAG M . 7.02 8.28 20.88
C2 NAG M . 6.41 6.95 20.40
C3 NAG M . 6.74 6.64 18.94
C4 NAG M . 6.56 7.85 18.02
C5 NAG M . 7.11 9.12 18.65
C6 NAG M . 6.77 10.37 17.84
C7 NAG M . 5.97 5.00 21.83
C8 NAG M . 6.56 3.78 22.48
N2 NAG M . 6.82 5.82 21.24
O3 NAG M . 5.93 5.58 18.51
O4 NAG M . 7.24 7.66 16.79
O5 NAG M . 6.61 9.29 19.97
O6 NAG M . 5.38 10.62 17.83
O7 NAG M . 4.75 5.18 21.87
C1 NAG M . 6.42 7.07 15.77
C2 NAG M . 6.80 7.69 14.43
C3 NAG M . 6.12 7.00 13.25
C4 NAG M . 6.24 5.47 13.33
C5 NAG M . 5.90 4.96 14.74
C6 NAG M . 6.22 3.47 14.89
C7 NAG M . 7.35 10.06 14.08
C8 NAG M . 6.77 11.44 13.98
N2 NAG M . 6.48 9.10 14.45
O3 NAG M . 6.71 7.45 12.06
O4 NAG M . 5.37 4.86 12.38
O5 NAG M . 6.63 5.66 15.74
O6 NAG M . 7.61 3.23 14.75
O7 NAG M . 8.54 9.87 13.84
C1 BMA M . 6.10 4.33 11.26
C2 BMA M . 5.43 3.03 10.81
C3 BMA M . 6.07 2.47 9.54
C4 BMA M . 6.26 3.55 8.46
C5 BMA M . 6.83 4.86 9.01
C6 BMA M . 6.67 5.96 7.96
O2 BMA M . 4.05 3.26 10.63
O3 BMA M . 5.26 1.44 9.02
O4 BMA M . 7.14 3.05 7.46
O5 BMA M . 6.16 5.27 10.20
O6 BMA M . 7.35 7.12 8.35
C1 NAG N . 10.53 2.48 19.70
C2 NAG N . 9.54 2.96 18.63
C3 NAG N . 8.10 2.65 19.05
C4 NAG N . 7.92 1.21 19.51
C5 NAG N . 9.04 0.80 20.49
C6 NAG N . 9.01 -0.68 20.83
C7 NAG N . 10.04 4.88 17.21
C8 NAG N . 10.28 6.36 17.15
N2 NAG N . 9.70 4.39 18.40
O3 NAG N . 7.23 2.92 17.97
O4 NAG N . 6.66 1.10 20.12
O5 NAG N . 10.31 1.11 19.95
O6 NAG N . 10.07 -0.96 21.73
O7 NAG N . 10.15 4.21 16.18
C1 NAG N . 5.81 0.15 19.44
C2 NAG N . 4.60 -0.15 20.33
C3 NAG N . 3.71 -1.19 19.65
C4 NAG N . 3.38 -0.83 18.21
C5 NAG N . 4.64 -0.38 17.45
C6 NAG N . 4.29 0.19 16.07
C7 NAG N . 5.09 0.10 22.72
C8 NAG N . 6.38 0.04 23.47
N2 NAG N . 5.05 -0.66 21.61
O3 NAG N . 2.51 -1.33 20.39
O4 NAG N . 2.83 -1.97 17.58
O5 NAG N . 5.36 0.60 18.17
O6 NAG N . 5.25 -0.25 15.13
O7 NAG N . 4.17 0.79 23.14
C1 NAG O . 1.34 27.65 37.04
C2 NAG O . -0.16 27.95 37.17
C3 NAG O . -0.58 28.99 36.14
C4 NAG O . 0.29 30.25 36.22
C5 NAG O . 1.78 29.84 36.19
C6 NAG O . 2.74 31.02 36.33
C7 NAG O . -1.45 26.10 38.13
C8 NAG O . -2.88 26.34 38.51
N2 NAG O . -0.97 26.74 37.06
O3 NAG O . -1.95 29.32 36.28
O4 NAG O . -0.03 31.13 35.15
O5 NAG O . 2.06 28.87 37.19
O6 NAG O . 3.05 31.26 37.69
O7 NAG O . -0.77 25.30 38.78
C1 NAG O . -0.51 32.42 35.61
C2 NAG O . -0.36 33.45 34.48
C3 NAG O . -0.79 34.85 34.94
C4 NAG O . -2.17 34.85 35.61
C5 NAG O . -2.30 33.67 36.59
C6 NAG O . -3.74 33.52 37.08
C7 NAG O . 1.26 33.45 32.66
C8 NAG O . 1.53 34.79 32.00
N2 NAG O . 1.00 33.47 33.96
O3 NAG O . -0.81 35.72 33.84
O4 NAG O . -2.37 36.06 36.32
O5 NAG O . -1.87 32.43 36.02
O6 NAG O . -4.58 33.13 36.02
O7 NAG O . 1.31 32.41 31.99
C1 BMA O . -3.12 37.04 35.59
C2 BMA O . -4.12 37.74 36.53
C3 BMA O . -4.80 38.95 35.89
C4 BMA O . -3.80 39.86 35.17
C5 BMA O . -2.84 39.06 34.29
C6 BMA O . -1.74 39.94 33.73
O2 BMA O . -3.44 38.16 37.70
O3 BMA O . -5.48 39.70 36.87
O4 BMA O . -4.52 40.81 34.40
O5 BMA O . -2.24 38.00 35.01
O6 BMA O . -0.83 39.15 32.97
C1 FUL O . 2.72 32.62 38.05
C2 FUL O . 3.73 33.11 39.09
O2 FUL O . 5.02 33.08 38.55
C3 FUL O . 3.39 34.52 39.57
O3 FUL O . 4.24 34.89 40.64
C4 FUL O . 1.93 34.63 40.01
O4 FUL O . 1.75 33.96 41.24
C5 FUL O . 1.00 34.06 38.93
C6 FUL O . -0.44 34.03 39.44
O5 FUL O . 1.39 32.74 38.56
C1 NAG P . 28.10 6.79 3.55
C2 NAG P . 28.98 5.95 2.62
C3 NAG P . 29.52 6.82 1.48
C4 NAG P . 28.40 7.56 0.74
C5 NAG P . 27.47 8.26 1.75
C6 NAG P . 26.21 8.81 1.06
C7 NAG P . 30.30 4.05 3.38
C8 NAG P . 31.58 3.58 4.02
N2 NAG P . 30.10 5.37 3.35
O3 NAG P . 30.23 6.00 0.58
O4 NAG P . 29.02 8.51 -0.12
O5 NAG P . 27.06 7.37 2.78
O6 NAG P . 25.66 9.84 1.85
O7 NAG P . 29.51 3.22 2.94
C1 NAG P . 28.69 8.33 -1.51
C2 NAG P . 28.93 9.65 -2.25
C3 NAG P . 28.63 9.52 -3.74
C4 NAG P . 29.34 8.32 -4.35
C5 NAG P . 29.09 7.07 -3.50
C6 NAG P . 29.90 5.88 -4.01
C7 NAG P . 28.72 11.82 -1.16
C8 NAG P . 28.42 13.12 -1.85
N2 NAG P . 28.15 10.73 -1.66
O3 NAG P . 29.03 10.70 -4.42
O4 NAG P . 28.88 8.12 -5.66
O5 NAG P . 29.43 7.29 -2.14
O6 NAG P . 29.33 4.68 -3.54
O7 NAG P . 29.48 11.80 -0.18
C1 NAG Q . -14.35 -45.84 -12.28
C2 NAG Q . -15.40 -45.98 -13.40
C3 NAG Q . -16.73 -46.53 -12.87
C4 NAG Q . -16.55 -47.75 -11.96
C5 NAG Q . -15.40 -47.54 -10.96
C6 NAG Q . -15.08 -48.81 -10.17
C7 NAG Q . -15.53 -44.53 -15.39
C8 NAG Q . -16.03 -43.23 -15.93
N2 NAG Q . -15.64 -44.70 -14.07
O3 NAG Q . -17.54 -46.87 -13.99
O4 NAG Q . -17.72 -47.98 -11.19
O5 NAG Q . -14.22 -47.10 -11.64
O6 NAG Q . -14.57 -49.83 -11.01
O7 NAG Q . -15.06 -45.38 -16.15
C1 NAG Q . -18.62 -48.90 -11.82
C2 NAG Q . -19.25 -49.76 -10.72
C3 NAG Q . -20.38 -50.64 -11.26
C4 NAG Q . -21.36 -49.87 -12.16
C5 NAG Q . -20.61 -48.99 -13.16
C6 NAG Q . -21.56 -48.06 -13.92
C7 NAG Q . -18.08 -50.63 -8.75
C8 NAG Q . -17.10 -51.66 -8.25
N2 NAG Q . -18.24 -50.56 -10.07
O3 NAG Q . -21.10 -51.18 -10.17
O4 NAG Q . -22.20 -50.77 -12.85
O5 NAG Q . -19.62 -48.19 -12.53
O6 NAG Q . -22.17 -47.13 -13.04
O7 NAG Q . -18.68 -49.92 -7.94
C1 BMA Q . -23.54 -50.77 -12.30
C2 BMA Q . -24.54 -50.93 -13.44
C3 BMA Q . -25.98 -51.07 -12.93
C4 BMA Q . -26.10 -52.07 -11.77
C5 BMA Q . -24.98 -51.92 -10.74
C6 BMA Q . -24.97 -53.16 -9.82
O2 BMA Q . -24.18 -52.05 -14.23
O3 BMA Q . -26.82 -51.50 -14.00
O4 BMA Q . -27.34 -51.91 -11.12
O5 BMA Q . -23.70 -51.80 -11.34
O6 BMA Q . -24.11 -52.95 -8.73
C1 NAG R . -19.87 -41.82 -13.01
C2 NAG R . -20.06 -43.34 -13.09
C3 NAG R . -19.60 -43.90 -14.42
C4 NAG R . -20.17 -43.10 -15.61
C5 NAG R . -20.02 -41.60 -15.39
C6 NAG R . -20.73 -40.76 -16.44
C7 NAG R . -19.94 -44.72 -11.07
C8 NAG R . -19.06 -45.22 -9.96
N2 NAG R . -19.33 -43.99 -12.01
O3 NAG R . -19.96 -45.26 -14.54
O4 NAG R . -19.47 -43.52 -16.77
O5 NAG R . -20.53 -41.23 -14.11
O6 NAG R . -20.55 -39.39 -16.16
O7 NAG R . -21.14 -44.99 -11.07
C1 NAG R . -20.37 -44.09 -17.75
C2 NAG R . -19.64 -44.19 -19.08
C3 NAG R . -20.57 -44.76 -20.16
C4 NAG R . -21.29 -46.02 -19.70
C5 NAG R . -21.86 -45.87 -18.28
C6 NAG R . -22.38 -47.19 -17.72
C7 NAG R . -17.91 -42.47 -19.35
C8 NAG R . -17.73 -41.13 -18.69
N2 NAG R . -19.16 -42.88 -19.50
O3 NAG R . -19.82 -45.03 -21.32
O4 NAG R . -22.35 -46.27 -20.61
O5 NAG R . -20.87 -45.36 -17.39
O6 NAG R . -23.58 -46.94 -17.02
O7 NAG R . -16.91 -43.11 -19.70
C1 NAG S . 11.31 -47.74 -9.45
C2 NAG S . 11.97 -48.77 -10.37
C3 NAG S . 12.02 -50.14 -9.68
C4 NAG S . 12.68 -50.05 -8.30
C5 NAG S . 12.02 -48.91 -7.49
C6 NAG S . 12.65 -48.71 -6.11
C7 NAG S . 11.75 -48.23 -12.75
C8 NAG S . 12.55 -49.03 -13.73
N2 NAG S . 11.30 -48.86 -11.66
O3 NAG S . 12.67 -51.09 -10.48
O4 NAG S . 12.58 -51.30 -7.64
O5 NAG S . 12.04 -47.69 -8.23
O6 NAG S . 13.70 -47.76 -6.18
O7 NAG S . 11.53 -47.04 -12.97
C1 NAG S . 13.87 -51.88 -7.32
C2 NAG S . 13.71 -52.92 -6.21
C3 NAG S . 15.06 -53.50 -5.79
C4 NAG S . 15.87 -54.00 -6.99
C5 NAG S . 15.83 -52.97 -8.14
C6 NAG S . 16.46 -53.53 -9.41
C7 NAG S . 12.00 -52.99 -4.46
C8 NAG S . 12.34 -53.80 -3.24
N2 NAG S . 13.01 -52.35 -5.06
O3 NAG S . 14.84 -54.58 -4.90
O4 NAG S . 17.23 -54.19 -6.60
O5 NAG S . 14.52 -52.50 -8.42
O6 NAG S . 15.65 -54.60 -9.91
O7 NAG S . 10.83 -52.93 -4.87
C1 BMA S . 17.54 -55.56 -6.29
C2 BMA S . 18.92 -55.93 -6.87
C3 BMA S . 19.43 -57.30 -6.39
C4 BMA S . 19.25 -57.48 -4.88
C5 BMA S . 17.86 -57.07 -4.42
C6 BMA S . 17.75 -57.06 -2.89
O2 BMA S . 19.87 -54.94 -6.50
O3 BMA S . 20.78 -57.46 -6.74
O4 BMA S . 19.51 -58.84 -4.56
O5 BMA S . 17.52 -55.76 -4.88
O6 BMA S . 16.48 -56.59 -2.50
C1 FUL S . 14.93 -48.33 -5.68
C2 FUL S . 15.73 -47.23 -5.01
O2 FUL S . 15.00 -46.69 -3.92
C3 FUL S . 17.08 -47.74 -4.51
O3 FUL S . 17.87 -46.68 -4.03
C4 FUL S . 17.83 -48.47 -5.62
O4 FUL S . 18.32 -47.54 -6.57
C5 FUL S . 16.93 -49.51 -6.29
C6 FUL S . 17.63 -50.13 -7.50
O5 FUL S . 15.70 -48.94 -6.71
C1 NAG T . -32.97 -42.20 7.37
C2 NAG T . -34.40 -41.86 7.78
C3 NAG T . -34.78 -42.57 9.07
C4 NAG T . -34.53 -44.08 8.99
C5 NAG T . -33.13 -44.37 8.43
C6 NAG T . -32.94 -45.84 8.11
C7 NAG T . -35.44 -39.71 7.28
C8 NAG T . -35.61 -38.27 7.71
N2 NAG T . -34.55 -40.41 7.97
O3 NAG T . -36.14 -42.34 9.35
O4 NAG T . -34.68 -44.62 10.30
O5 NAG T . -32.88 -43.61 7.24
O6 NAG T . -31.55 -46.15 8.10
O7 NAG T . -36.09 -40.15 6.34
C1 NAG T . -35.71 -45.63 10.39
C2 NAG T . -35.43 -46.49 11.62
C3 NAG T . -36.50 -47.57 11.81
C4 NAG T . -37.90 -46.97 11.76
C5 NAG T . -38.06 -46.07 10.52
C6 NAG T . -39.41 -45.36 10.53
C7 NAG T . -33.19 -46.87 12.48
C8 NAG T . -32.74 -48.06 13.28
N2 NAG T . -34.11 -47.10 11.54
O3 NAG T . -36.32 -48.24 13.04
O4 NAG T . -38.86 -48.01 11.73
O5 NAG T . -37.03 -45.10 10.47
O6 NAG T . -39.71 -44.91 9.22
O7 NAG T . -32.70 -45.76 12.69
S SO4 U . 19.16 23.88 -10.63
O1 SO4 U . 20.06 24.30 -11.68
O2 SO4 U . 18.43 22.71 -11.06
O3 SO4 U . 18.20 24.95 -10.38
O4 SO4 U . 19.90 23.59 -9.41
S SO4 V . -38.96 -10.04 -23.81
O1 SO4 V . -39.65 -10.30 -22.55
O2 SO4 V . -39.88 -10.24 -24.91
O3 SO4 V . -37.84 -10.98 -23.94
O4 SO4 V . -38.44 -8.69 -23.85
S SO4 W . 16.88 18.00 39.70
O1 SO4 W . 15.78 18.97 39.77
O2 SO4 W . 17.74 18.21 40.85
O3 SO4 W . 17.64 18.26 38.49
O4 SO4 W . 16.38 16.64 39.70
S SO4 X . 2.96 -31.83 -5.29
O1 SO4 X . 3.94 -32.88 -5.54
O2 SO4 X . 3.68 -30.63 -4.88
O3 SO4 X . 2.08 -32.24 -4.19
O4 SO4 X . 2.17 -31.57 -6.47
#